data_1J2O
#
_entry.id   1J2O
#
loop_
_entity.id
_entity.type
_entity.pdbx_description
1 polymer 'Fusion of Rhombotin-2 and LIM domain-binding protein 1'
2 non-polymer 'ZINC ION'
#
_entity_poly.entity_id   1
_entity_poly.type   'polypeptide(L)'
_entity_poly.pdbx_seq_one_letter_code
;GSLLTCGGCQQNIGDRYFLKAIDQYWHEDCLSCDLCGCRLGEVGRRLYYKLGRKLCRRDYLRLGGSGGHMGSGGDVMVVG
EPTLMGGEFGDEDERLITRLENTQFDAANGIDDE
;
_entity_poly.pdbx_strand_id   A
#
loop_
_chem_comp.id
_chem_comp.type
_chem_comp.name
_chem_comp.formula
ZN non-polymer 'ZINC ION' 'Zn 2'
#
# COMPACT_ATOMS: atom_id res chain seq x y z
N GLY A 1 19.95 4.91 -15.22
CA GLY A 1 18.86 5.47 -16.06
C GLY A 1 17.50 4.89 -15.70
N SER A 2 16.71 4.56 -16.71
CA SER A 2 15.39 3.99 -16.50
C SER A 2 15.46 2.49 -16.24
N LEU A 3 14.97 2.07 -15.07
CA LEU A 3 14.96 0.66 -14.70
C LEU A 3 13.53 0.16 -14.57
N LEU A 4 12.85 0.68 -13.56
CA LEU A 4 11.43 0.38 -13.36
C LEU A 4 10.62 1.64 -13.53
N THR A 5 9.32 1.51 -13.66
CA THR A 5 8.47 2.68 -13.75
C THR A 5 7.39 2.66 -12.68
N CYS A 6 7.30 3.77 -11.97
CA CYS A 6 6.35 3.92 -10.89
C CYS A 6 4.99 4.33 -11.43
N GLY A 7 3.94 3.91 -10.74
CA GLY A 7 2.59 4.16 -11.22
C GLY A 7 2.00 5.43 -10.64
N GLY A 8 2.75 6.10 -9.78
CA GLY A 8 2.28 7.31 -9.15
C GLY A 8 2.65 8.54 -9.96
N CYS A 9 3.93 8.66 -10.30
CA CYS A 9 4.39 9.79 -11.08
C CYS A 9 4.75 9.35 -12.51
N GLN A 10 5.00 8.05 -12.66
CA GLN A 10 5.32 7.46 -13.95
C GLN A 10 6.58 8.05 -14.58
N GLN A 11 7.43 8.64 -13.75
CA GLN A 11 8.64 9.29 -14.24
C GLN A 11 9.86 8.36 -14.14
N ASN A 12 9.58 7.07 -13.92
CA ASN A 12 10.61 6.03 -13.82
C ASN A 12 11.31 6.07 -12.46
N ILE A 13 11.68 4.90 -11.98
CA ILE A 13 12.38 4.78 -10.70
C ILE A 13 13.86 4.53 -10.92
N GLY A 14 14.64 5.58 -10.82
CA GLY A 14 16.09 5.46 -10.91
C GLY A 14 16.73 5.57 -9.54
N ASP A 15 15.90 5.36 -8.54
CA ASP A 15 16.30 5.50 -7.15
C ASP A 15 17.11 4.28 -6.70
N ARG A 16 17.58 4.30 -5.46
CA ARG A 16 18.30 3.16 -4.90
C ARG A 16 17.32 2.21 -4.21
N TYR A 17 16.27 2.77 -3.66
CA TYR A 17 15.22 1.99 -3.02
C TYR A 17 13.93 2.21 -3.79
N PHE A 18 12.99 1.29 -3.69
CA PHE A 18 11.71 1.45 -4.38
C PHE A 18 10.68 0.52 -3.80
N LEU A 19 9.44 0.84 -4.08
CA LEU A 19 8.33 0.12 -3.49
C LEU A 19 7.42 -0.41 -4.59
N LYS A 20 6.89 -1.61 -4.41
CA LYS A 20 6.03 -2.21 -5.43
C LYS A 20 5.20 -3.33 -4.80
N ALA A 21 4.00 -3.61 -5.35
CA ALA A 21 3.18 -4.71 -4.84
C ALA A 21 1.85 -4.85 -5.58
N ILE A 22 1.21 -3.72 -5.85
CA ILE A 22 -0.13 -3.70 -6.44
C ILE A 22 -0.19 -4.55 -7.71
N ASP A 23 0.71 -4.26 -8.63
CA ASP A 23 0.79 -4.95 -9.92
C ASP A 23 1.88 -4.28 -10.76
N GLN A 24 2.30 -3.13 -10.28
CA GLN A 24 3.30 -2.33 -10.93
C GLN A 24 4.36 -1.93 -9.91
N TYR A 25 5.23 -1.00 -10.29
CA TYR A 25 6.26 -0.51 -9.39
C TYR A 25 5.96 0.92 -8.98
N TRP A 26 6.51 1.34 -7.86
CA TRP A 26 6.20 2.65 -7.30
C TRP A 26 7.46 3.36 -6.81
N HIS A 27 7.22 4.41 -6.05
CA HIS A 27 8.28 5.16 -5.40
C HIS A 27 8.01 5.17 -3.89
N GLU A 28 9.02 5.54 -3.12
CA GLU A 28 8.89 5.62 -1.68
C GLU A 28 7.93 6.73 -1.28
N ASP A 29 8.09 7.91 -1.88
CA ASP A 29 7.25 9.06 -1.55
C ASP A 29 6.07 9.18 -2.48
N CYS A 30 5.99 8.27 -3.43
CA CYS A 30 4.90 8.26 -4.39
C CYS A 30 3.74 7.41 -3.88
N LEU A 31 4.08 6.26 -3.32
CA LEU A 31 3.09 5.33 -2.79
C LEU A 31 2.44 5.87 -1.52
N SER A 32 1.54 6.83 -1.68
CA SER A 32 0.80 7.37 -0.56
C SER A 32 -0.62 6.85 -0.58
N CYS A 33 -1.43 7.29 0.37
CA CYS A 33 -2.82 6.88 0.46
C CYS A 33 -3.68 7.76 -0.46
N ASP A 34 -4.92 7.34 -0.69
CA ASP A 34 -5.82 8.05 -1.58
C ASP A 34 -6.70 9.05 -0.86
N LEU A 35 -7.30 8.63 0.25
CA LEU A 35 -8.32 9.43 0.90
C LEU A 35 -7.98 9.81 2.36
N CYS A 36 -7.53 8.86 3.20
CA CYS A 36 -7.14 9.20 4.58
C CYS A 36 -6.03 10.25 4.56
N GLY A 37 -5.10 10.07 3.64
CA GLY A 37 -3.98 10.97 3.53
C GLY A 37 -2.88 10.62 4.51
N CYS A 38 -2.60 9.33 4.65
CA CYS A 38 -1.59 8.87 5.57
C CYS A 38 -0.40 8.32 4.80
N ARG A 39 -0.10 7.04 4.99
CA ARG A 39 0.98 6.37 4.28
C ARG A 39 0.93 4.87 4.53
N LEU A 40 -0.29 4.33 4.47
CA LEU A 40 -0.54 2.90 4.60
C LEU A 40 0.27 2.25 5.73
N GLY A 41 1.20 1.39 5.37
CA GLY A 41 2.02 0.70 6.34
C GLY A 41 3.11 -0.09 5.66
N GLU A 42 4.24 0.56 5.46
CA GLU A 42 5.35 -0.02 4.69
C GLU A 42 6.06 -1.15 5.45
N VAL A 43 5.30 -2.15 5.85
CA VAL A 43 5.85 -3.35 6.44
C VAL A 43 5.43 -4.55 5.62
N GLY A 44 6.29 -4.91 4.66
CA GLY A 44 5.98 -5.92 3.66
C GLY A 44 5.22 -7.11 4.18
N ARG A 45 3.98 -7.24 3.74
CA ARG A 45 3.13 -8.36 4.11
C ARG A 45 2.01 -8.53 3.10
N ARG A 46 0.87 -7.91 3.37
CA ARG A 46 -0.28 -7.96 2.47
C ARG A 46 -0.42 -6.64 1.72
N LEU A 47 -1.54 -6.49 1.03
CA LEU A 47 -1.85 -5.24 0.38
C LEU A 47 -3.35 -5.09 0.19
N TYR A 48 -3.83 -3.85 0.22
CA TYR A 48 -5.24 -3.56 0.06
C TYR A 48 -5.43 -2.48 -0.99
N TYR A 49 -6.14 -2.82 -2.05
CA TYR A 49 -6.44 -1.87 -3.12
C TYR A 49 -7.65 -2.37 -3.92
N LYS A 50 -8.31 -1.45 -4.60
CA LYS A 50 -9.49 -1.78 -5.39
C LYS A 50 -9.15 -1.85 -6.86
N LEU A 51 -10.05 -2.43 -7.64
CA LEU A 51 -9.89 -2.67 -9.08
C LEU A 51 -9.00 -1.65 -9.80
N GLY A 52 -9.26 -0.37 -9.60
CA GLY A 52 -8.45 0.65 -10.24
C GLY A 52 -8.07 1.77 -9.29
N ARG A 53 -8.16 1.50 -8.00
CA ARG A 53 -7.81 2.49 -7.00
C ARG A 53 -6.86 1.91 -5.96
N LYS A 54 -5.78 2.64 -5.68
CA LYS A 54 -4.91 2.29 -4.57
C LYS A 54 -5.45 2.92 -3.31
N LEU A 55 -6.68 2.55 -2.98
CA LEU A 55 -7.38 3.12 -1.86
C LEU A 55 -7.41 2.12 -0.70
N CYS A 56 -7.32 2.64 0.51
CA CYS A 56 -7.24 1.79 1.69
C CYS A 56 -8.55 1.09 1.97
N ARG A 57 -8.48 0.08 2.82
CA ARG A 57 -9.68 -0.60 3.28
C ARG A 57 -10.48 0.34 4.16
N ARG A 58 -9.79 1.18 4.89
CA ARG A 58 -10.45 2.16 5.76
C ARG A 58 -11.05 3.28 4.92
N ASP A 59 -10.40 3.58 3.80
CA ASP A 59 -10.94 4.54 2.85
C ASP A 59 -12.18 3.98 2.20
N TYR A 60 -12.08 2.74 1.79
CA TYR A 60 -13.19 2.02 1.19
C TYR A 60 -14.30 1.81 2.23
N LEU A 61 -13.88 1.68 3.49
CA LEU A 61 -14.79 1.51 4.62
C LEU A 61 -15.48 2.83 4.96
N ARG A 62 -14.92 3.93 4.48
CA ARG A 62 -15.45 5.26 4.80
C ARG A 62 -16.63 5.63 3.92
N LEU A 63 -16.75 4.96 2.78
CA LEU A 63 -17.80 5.26 1.83
C LEU A 63 -18.68 4.04 1.58
N GLY A 64 -18.04 2.89 1.40
CA GLY A 64 -18.77 1.68 1.15
C GLY A 64 -18.40 0.57 2.11
N GLY A 65 -18.21 0.94 3.37
CA GLY A 65 -17.90 -0.05 4.37
C GLY A 65 -18.89 0.01 5.51
N SER A 66 -18.40 0.41 6.67
CA SER A 66 -19.26 0.54 7.85
C SER A 66 -18.86 1.74 8.70
N GLY A 67 -17.96 2.59 8.18
CA GLY A 67 -17.49 3.71 8.96
C GLY A 67 -18.06 5.03 8.49
N GLY A 68 -17.18 5.96 8.14
CA GLY A 68 -17.61 7.29 7.78
C GLY A 68 -17.71 8.18 9.01
N HIS A 69 -16.79 7.97 9.95
CA HIS A 69 -16.78 8.72 11.20
C HIS A 69 -15.42 9.36 11.41
N MET A 70 -15.22 9.94 12.59
CA MET A 70 -13.94 10.54 12.92
C MET A 70 -13.10 9.58 13.75
N GLY A 71 -13.73 9.01 14.78
CA GLY A 71 -13.04 8.06 15.63
C GLY A 71 -12.76 6.76 14.93
N SER A 72 -11.49 6.51 14.62
CA SER A 72 -11.09 5.32 13.89
C SER A 72 -10.41 4.32 14.82
N GLY A 73 -10.38 3.06 14.41
CA GLY A 73 -9.75 2.01 15.18
C GLY A 73 -10.75 1.09 15.84
N GLY A 74 -10.32 0.37 16.85
CA GLY A 74 -11.24 -0.48 17.60
C GLY A 74 -11.81 0.23 18.79
N ASP A 75 -13.03 -0.09 19.17
CA ASP A 75 -13.69 0.60 20.28
C ASP A 75 -13.09 0.19 21.62
N VAL A 76 -12.14 0.98 22.09
CA VAL A 76 -11.49 0.73 23.36
C VAL A 76 -11.31 2.04 24.12
N MET A 77 -11.03 1.95 25.42
CA MET A 77 -10.85 3.13 26.27
C MET A 77 -9.81 4.08 25.67
N VAL A 78 -10.17 5.35 25.58
CA VAL A 78 -9.30 6.36 24.99
C VAL A 78 -8.19 6.73 25.96
N VAL A 79 -7.01 6.16 25.75
CA VAL A 79 -5.85 6.44 26.60
C VAL A 79 -4.80 7.21 25.82
N GLY A 80 -5.07 7.44 24.54
CA GLY A 80 -4.12 8.12 23.69
C GLY A 80 -3.27 7.13 22.93
N GLU A 81 -3.93 6.10 22.39
CA GLU A 81 -3.23 5.01 21.71
C GLU A 81 -3.56 5.01 20.23
N PRO A 82 -2.68 4.43 19.39
CA PRO A 82 -2.91 4.31 17.94
C PRO A 82 -4.02 3.31 17.64
N THR A 83 -4.51 3.32 16.40
CA THR A 83 -5.57 2.43 15.96
C THR A 83 -6.80 2.49 16.88
N LEU A 84 -6.88 1.56 17.84
CA LEU A 84 -8.06 1.39 18.67
C LEU A 84 -8.52 2.70 19.33
N MET A 85 -9.49 3.35 18.70
CA MET A 85 -10.16 4.50 19.28
C MET A 85 -11.66 4.47 18.98
N GLY A 86 -12.00 4.22 17.72
CA GLY A 86 -13.38 4.29 17.29
C GLY A 86 -13.90 3.01 16.64
N GLY A 87 -14.00 3.00 15.30
CA GLY A 87 -14.58 1.84 14.63
C GLY A 87 -13.93 1.52 13.29
N GLU A 88 -13.41 2.53 12.61
CA GLU A 88 -12.76 2.32 11.31
C GLU A 88 -11.30 1.96 11.52
N PHE A 89 -11.05 0.66 11.57
CA PHE A 89 -9.77 0.09 12.04
C PHE A 89 -8.54 0.53 11.23
N GLY A 90 -7.51 -0.32 11.23
CA GLY A 90 -6.25 0.06 10.64
C GLY A 90 -5.88 -0.79 9.45
N ASP A 91 -4.85 -1.62 9.60
CA ASP A 91 -4.34 -2.38 8.48
C ASP A 91 -4.36 -3.88 8.76
N GLU A 92 -3.17 -4.46 8.95
CA GLU A 92 -2.97 -5.90 9.14
C GLU A 92 -3.08 -6.65 7.81
N ASP A 93 -4.07 -6.30 7.03
CA ASP A 93 -4.25 -6.88 5.71
C ASP A 93 -4.21 -5.79 4.65
N GLU A 94 -3.95 -4.56 5.10
CA GLU A 94 -3.98 -3.39 4.22
C GLU A 94 -2.73 -3.27 3.36
N ARG A 95 -2.52 -2.08 2.80
CA ARG A 95 -1.43 -1.82 1.87
C ARG A 95 -0.06 -1.88 2.56
N LEU A 96 0.39 -3.09 2.87
CA LEU A 96 1.69 -3.30 3.48
C LEU A 96 2.72 -3.64 2.40
N ILE A 97 3.15 -2.60 1.69
CA ILE A 97 4.05 -2.76 0.57
C ILE A 97 5.43 -3.21 1.01
N THR A 98 6.12 -3.90 0.13
CA THR A 98 7.44 -4.41 0.39
C THR A 98 8.51 -3.41 -0.03
N ARG A 99 9.15 -2.80 0.94
CA ARG A 99 10.17 -1.80 0.68
C ARG A 99 11.40 -2.49 0.10
N LEU A 100 11.54 -2.47 -1.22
CA LEU A 100 12.62 -3.20 -1.88
C LEU A 100 13.73 -2.27 -2.31
N GLU A 101 14.75 -2.84 -2.92
CA GLU A 101 15.86 -2.07 -3.45
C GLU A 101 15.95 -2.23 -4.95
N ASN A 102 16.50 -1.23 -5.62
CA ASN A 102 16.66 -1.26 -7.06
C ASN A 102 17.82 -2.16 -7.46
N THR A 103 17.77 -2.68 -8.68
CA THR A 103 18.87 -3.50 -9.19
C THR A 103 20.14 -2.67 -9.28
N GLN A 104 19.99 -1.44 -9.76
CA GLN A 104 21.07 -0.48 -9.75
C GLN A 104 20.96 0.39 -8.51
N PHE A 105 21.04 -0.26 -7.35
CA PHE A 105 20.92 0.42 -6.07
C PHE A 105 22.16 1.26 -5.81
N ASP A 106 23.27 0.85 -6.45
CA ASP A 106 24.59 1.52 -6.42
C ASP A 106 24.60 2.84 -5.67
N ALA A 107 23.91 3.83 -6.25
CA ALA A 107 23.82 5.17 -5.68
C ALA A 107 25.14 5.90 -5.83
N ALA A 108 25.51 6.13 -7.08
CA ALA A 108 26.81 6.73 -7.41
C ALA A 108 26.90 8.18 -6.93
N ASN A 109 25.76 8.81 -6.71
CA ASN A 109 25.72 10.22 -6.33
C ASN A 109 24.93 10.41 -5.04
N GLY A 110 25.20 9.56 -4.05
CA GLY A 110 24.49 9.65 -2.79
C GLY A 110 23.07 9.14 -2.90
N ILE A 111 22.09 10.03 -2.78
CA ILE A 111 20.71 9.66 -2.96
C ILE A 111 20.28 9.94 -4.41
N ASP A 112 21.16 9.58 -5.32
CA ASP A 112 20.95 9.75 -6.76
C ASP A 112 21.88 8.82 -7.51
N ASP A 113 21.39 8.17 -8.55
CA ASP A 113 22.20 7.21 -9.29
C ASP A 113 22.36 7.63 -10.74
N GLU A 114 23.19 6.91 -11.47
CA GLU A 114 23.42 7.18 -12.88
C GLU A 114 22.73 6.10 -13.72
ZN ZN B . 7.00 8.01 -8.67
ZN ZN C . -6.20 5.89 2.96
N GLY A 1 20.80 -3.58 -15.37
CA GLY A 1 19.32 -3.63 -15.47
C GLY A 1 18.73 -2.29 -15.84
N SER A 2 17.46 -2.28 -16.21
CA SER A 2 16.78 -1.06 -16.57
C SER A 2 16.11 -0.44 -15.33
N LEU A 3 15.77 0.83 -15.41
CA LEU A 3 15.07 1.48 -14.32
C LEU A 3 13.62 1.03 -14.29
N LEU A 4 12.96 1.28 -13.17
CA LEU A 4 11.59 0.85 -13.00
C LEU A 4 10.64 2.02 -13.12
N THR A 5 9.37 1.73 -13.32
CA THR A 5 8.37 2.78 -13.47
C THR A 5 7.27 2.60 -12.44
N CYS A 6 7.00 3.67 -11.70
CA CYS A 6 5.99 3.65 -10.69
C CYS A 6 4.62 3.88 -11.31
N GLY A 7 3.64 3.11 -10.88
CA GLY A 7 2.31 3.20 -11.44
C GLY A 7 1.50 4.32 -10.82
N GLY A 8 2.14 5.11 -9.98
CA GLY A 8 1.45 6.20 -9.31
C GLY A 8 1.65 7.52 -9.99
N CYS A 9 2.90 7.83 -10.34
CA CYS A 9 3.21 9.08 -11.01
C CYS A 9 3.80 8.85 -12.39
N GLN A 10 4.34 7.64 -12.58
CA GLN A 10 4.90 7.21 -13.86
C GLN A 10 6.08 8.08 -14.31
N GLN A 11 6.76 8.69 -13.35
CA GLN A 11 7.90 9.54 -13.67
C GLN A 11 9.21 8.76 -13.64
N ASN A 12 9.10 7.42 -13.62
CA ASN A 12 10.26 6.53 -13.57
C ASN A 12 10.94 6.58 -12.21
N ILE A 13 11.15 5.42 -11.62
CA ILE A 13 11.80 5.31 -10.33
C ILE A 13 13.32 5.39 -10.48
N GLY A 14 13.86 6.55 -10.15
CA GLY A 14 15.29 6.75 -10.23
C GLY A 14 15.92 6.84 -8.86
N ASP A 15 15.13 6.47 -7.86
CA ASP A 15 15.58 6.50 -6.46
C ASP A 15 16.57 5.37 -6.20
N ARG A 16 16.93 5.21 -4.94
CA ARG A 16 17.81 4.10 -4.57
C ARG A 16 16.97 2.92 -4.08
N TYR A 17 15.78 3.22 -3.60
CA TYR A 17 14.88 2.22 -3.06
C TYR A 17 13.45 2.55 -3.45
N PHE A 18 12.59 1.54 -3.53
CA PHE A 18 11.21 1.76 -3.92
C PHE A 18 10.30 0.66 -3.40
N LEU A 19 9.01 0.83 -3.67
CA LEU A 19 8.01 -0.15 -3.28
C LEU A 19 7.38 -0.74 -4.53
N LYS A 20 6.99 -2.00 -4.49
CA LYS A 20 6.34 -2.63 -5.63
C LYS A 20 5.63 -3.90 -5.16
N ALA A 21 4.47 -4.23 -5.78
CA ALA A 21 3.73 -5.44 -5.43
C ALA A 21 2.36 -5.47 -6.10
N ILE A 22 1.64 -4.35 -5.99
CA ILE A 22 0.24 -4.25 -6.40
C ILE A 22 0.00 -4.91 -7.76
N ASP A 23 0.87 -4.62 -8.70
CA ASP A 23 0.80 -5.16 -10.05
C ASP A 23 1.94 -4.60 -10.86
N GLN A 24 2.42 -3.47 -10.39
CA GLN A 24 3.53 -2.79 -11.02
C GLN A 24 4.50 -2.31 -9.96
N TYR A 25 5.45 -1.48 -10.37
CA TYR A 25 6.39 -0.88 -9.44
C TYR A 25 5.85 0.46 -8.98
N TRP A 26 6.34 0.93 -7.86
CA TRP A 26 5.84 2.16 -7.26
C TRP A 26 6.99 2.98 -6.71
N HIS A 27 6.62 4.04 -6.03
CA HIS A 27 7.58 4.85 -5.29
C HIS A 27 7.31 4.69 -3.81
N GLU A 28 8.30 4.96 -2.99
CA GLU A 28 8.16 4.87 -1.56
C GLU A 28 7.05 5.78 -1.05
N ASP A 29 7.08 7.04 -1.47
CA ASP A 29 6.11 8.03 -1.01
C ASP A 29 5.00 8.24 -2.02
N CYS A 30 4.98 7.41 -3.05
CA CYS A 30 3.90 7.46 -4.05
C CYS A 30 2.77 6.53 -3.63
N LEU A 31 3.14 5.41 -3.04
CA LEU A 31 2.18 4.43 -2.55
C LEU A 31 1.49 4.94 -1.28
N SER A 32 0.65 5.95 -1.44
CA SER A 32 -0.10 6.52 -0.34
C SER A 32 -1.59 6.42 -0.62
N CYS A 33 -2.39 6.48 0.45
CA CYS A 33 -3.83 6.36 0.36
C CYS A 33 -4.44 7.37 -0.60
N ASP A 34 -5.69 7.12 -0.97
CA ASP A 34 -6.42 8.02 -1.85
C ASP A 34 -7.09 9.13 -1.06
N LEU A 35 -7.94 8.75 -0.12
CA LEU A 35 -8.63 9.72 0.71
C LEU A 35 -7.75 10.17 1.87
N CYS A 36 -7.35 9.21 2.71
CA CYS A 36 -6.50 9.50 3.87
C CYS A 36 -5.23 10.23 3.44
N GLY A 37 -4.49 9.62 2.54
CA GLY A 37 -3.31 10.26 1.99
C GLY A 37 -2.08 10.05 2.85
N CYS A 38 -2.15 9.10 3.77
CA CYS A 38 -1.00 8.82 4.63
C CYS A 38 0.03 7.99 3.87
N ARG A 39 -0.11 6.68 3.96
CA ARG A 39 0.75 5.76 3.23
C ARG A 39 0.11 4.37 3.27
N LEU A 40 0.25 3.63 2.19
CA LEU A 40 -0.41 2.34 2.08
C LEU A 40 0.20 1.32 3.01
N GLY A 41 -0.63 0.79 3.90
CA GLY A 41 -0.16 -0.17 4.87
C GLY A 41 -0.21 0.40 6.27
N GLU A 42 0.49 1.51 6.47
CA GLU A 42 0.55 2.19 7.76
C GLU A 42 0.86 1.21 8.89
N VAL A 43 -0.12 0.90 9.71
CA VAL A 43 0.02 -0.13 10.71
C VAL A 43 -0.62 -1.42 10.21
N GLY A 44 0.15 -2.19 9.47
CA GLY A 44 -0.36 -3.40 8.86
C GLY A 44 0.47 -3.82 7.68
N ARG A 45 0.27 -5.04 7.21
CA ARG A 45 0.99 -5.55 6.06
C ARG A 45 0.02 -6.06 5.00
N ARG A 46 -1.26 -5.79 5.22
CA ARG A 46 -2.29 -6.18 4.26
C ARG A 46 -2.42 -5.13 3.16
N LEU A 47 -1.69 -5.32 2.08
CA LEU A 47 -1.69 -4.36 0.99
C LEU A 47 -2.81 -4.65 0.01
N TYR A 48 -3.98 -4.13 0.33
CA TYR A 48 -5.13 -4.18 -0.56
C TYR A 48 -5.20 -2.90 -1.38
N TYR A 49 -5.94 -2.92 -2.47
CA TYR A 49 -6.05 -1.75 -3.33
C TYR A 49 -7.35 -1.80 -4.14
N LYS A 50 -7.72 -0.69 -4.73
CA LYS A 50 -8.95 -0.60 -5.51
C LYS A 50 -8.67 -0.82 -6.99
N LEU A 51 -9.72 -1.15 -7.74
CA LEU A 51 -9.66 -1.45 -9.17
C LEU A 51 -8.57 -0.67 -9.91
N GLY A 52 -8.54 0.64 -9.70
CA GLY A 52 -7.52 1.47 -10.32
C GLY A 52 -6.97 2.50 -9.37
N ARG A 53 -7.05 2.21 -8.07
CA ARG A 53 -6.58 3.12 -7.05
C ARG A 53 -5.76 2.38 -6.01
N LYS A 54 -4.78 3.06 -5.44
CA LYS A 54 -4.01 2.49 -4.34
C LYS A 54 -4.38 3.17 -3.05
N LEU A 55 -5.10 2.45 -2.20
CA LEU A 55 -5.62 3.01 -0.96
C LEU A 55 -5.87 1.90 0.06
N CYS A 56 -6.18 2.26 1.30
CA CYS A 56 -6.49 1.26 2.31
C CYS A 56 -7.90 0.75 2.16
N ARG A 57 -8.29 -0.08 3.10
CA ARG A 57 -9.63 -0.66 3.10
C ARG A 57 -10.60 0.22 3.85
N ARG A 58 -10.09 1.25 4.51
CA ARG A 58 -10.94 2.13 5.29
C ARG A 58 -11.45 3.27 4.43
N ASP A 59 -10.51 3.95 3.77
CA ASP A 59 -10.88 5.05 2.89
C ASP A 59 -11.42 4.52 1.57
N TYR A 60 -11.30 3.21 1.39
CA TYR A 60 -11.95 2.53 0.27
C TYR A 60 -13.44 2.39 0.55
N LEU A 61 -13.78 2.04 1.79
CA LEU A 61 -15.16 1.82 2.17
C LEU A 61 -15.90 3.14 2.30
N ARG A 62 -15.30 4.06 3.03
CA ARG A 62 -15.80 5.41 3.19
C ARG A 62 -14.70 6.29 3.73
N LEU A 63 -14.57 6.31 5.06
CA LEU A 63 -13.41 6.90 5.70
C LEU A 63 -12.79 5.87 6.63
N GLY A 64 -13.65 5.14 7.31
CA GLY A 64 -13.20 4.04 8.14
C GLY A 64 -13.80 2.72 7.72
N GLY A 65 -15.11 2.63 7.78
CA GLY A 65 -15.78 1.42 7.35
C GLY A 65 -17.08 1.73 6.65
N SER A 66 -18.18 1.44 7.33
CA SER A 66 -19.49 1.70 6.78
C SER A 66 -19.99 3.07 7.22
N GLY A 67 -19.40 3.58 8.31
CA GLY A 67 -19.73 4.88 8.90
C GLY A 67 -21.15 5.37 8.64
N GLY A 68 -22.12 4.48 8.77
CA GLY A 68 -23.50 4.85 8.54
C GLY A 68 -24.33 4.72 9.79
N HIS A 69 -24.32 3.54 10.38
CA HIS A 69 -25.05 3.28 11.61
C HIS A 69 -24.12 2.73 12.68
N MET A 70 -24.02 1.42 12.76
CA MET A 70 -23.14 0.78 13.75
C MET A 70 -21.92 0.18 13.07
N GLY A 71 -22.11 -0.32 11.87
CA GLY A 71 -21.05 -1.03 11.20
C GLY A 71 -21.19 -2.53 11.38
N SER A 72 -21.36 -3.25 10.28
CA SER A 72 -21.67 -4.67 10.34
C SER A 72 -20.40 -5.52 10.25
N GLY A 73 -19.25 -4.89 10.24
CA GLY A 73 -18.01 -5.62 10.28
C GLY A 73 -17.38 -5.58 11.66
N GLY A 74 -17.25 -4.38 12.19
CA GLY A 74 -16.70 -4.21 13.52
C GLY A 74 -15.26 -3.71 13.48
N ASP A 75 -14.75 -3.29 14.63
CA ASP A 75 -13.39 -2.78 14.71
C ASP A 75 -12.40 -3.93 14.55
N VAL A 76 -11.57 -3.82 13.52
CA VAL A 76 -10.64 -4.90 13.19
C VAL A 76 -9.26 -4.62 13.77
N MET A 77 -8.79 -5.53 14.61
CA MET A 77 -7.50 -5.39 15.26
C MET A 77 -6.38 -5.87 14.34
N VAL A 78 -5.17 -5.42 14.61
CA VAL A 78 -4.01 -5.86 13.82
C VAL A 78 -3.52 -7.22 14.33
N VAL A 79 -4.35 -8.23 14.13
CA VAL A 79 -4.10 -9.56 14.65
C VAL A 79 -4.39 -10.61 13.56
N GLY A 80 -4.60 -10.13 12.34
CA GLY A 80 -4.96 -11.02 11.26
C GLY A 80 -6.41 -10.83 10.86
N GLU A 81 -6.66 -9.76 10.12
CA GLU A 81 -8.02 -9.36 9.75
C GLU A 81 -8.73 -10.46 8.97
N PRO A 82 -9.90 -10.89 9.47
CA PRO A 82 -10.68 -11.95 8.84
C PRO A 82 -11.62 -11.42 7.76
N THR A 83 -12.43 -12.31 7.20
CA THR A 83 -13.41 -11.92 6.20
C THR A 83 -14.74 -11.60 6.87
N LEU A 84 -15.17 -10.35 6.72
CA LEU A 84 -16.43 -9.91 7.30
C LEU A 84 -17.37 -9.45 6.19
N MET A 85 -18.56 -10.03 6.14
CA MET A 85 -19.52 -9.69 5.09
C MET A 85 -20.50 -8.63 5.55
N GLY A 86 -20.09 -7.87 6.55
CA GLY A 86 -20.92 -6.79 7.03
C GLY A 86 -20.49 -5.46 6.46
N GLY A 87 -20.28 -4.47 7.33
CA GLY A 87 -19.86 -3.16 6.87
C GLY A 87 -18.36 -3.08 6.69
N GLU A 88 -17.64 -3.04 7.80
CA GLU A 88 -16.18 -2.96 7.76
C GLU A 88 -15.58 -4.35 7.58
N PHE A 89 -15.25 -4.70 6.34
CA PHE A 89 -14.67 -6.00 6.05
C PHE A 89 -13.19 -6.02 6.42
N GLY A 90 -12.60 -7.20 6.46
CA GLY A 90 -11.21 -7.32 6.81
C GLY A 90 -10.31 -7.40 5.60
N ASP A 91 -9.78 -8.58 5.34
CA ASP A 91 -8.85 -8.76 4.24
C ASP A 91 -9.58 -9.05 2.91
N GLU A 92 -9.92 -10.31 2.68
CA GLU A 92 -10.64 -10.77 1.48
C GLU A 92 -9.79 -10.65 0.22
N ASP A 93 -9.13 -9.51 0.05
CA ASP A 93 -8.33 -9.24 -1.13
C ASP A 93 -7.00 -8.60 -0.72
N GLU A 94 -6.49 -9.05 0.42
CA GLU A 94 -5.22 -8.53 0.92
C GLU A 94 -4.05 -9.14 0.17
N ARG A 95 -2.91 -8.48 0.27
CA ARG A 95 -1.71 -8.92 -0.42
C ARG A 95 -0.48 -8.34 0.29
N LEU A 96 0.70 -8.53 -0.27
CA LEU A 96 1.93 -8.03 0.37
C LEU A 96 2.50 -6.85 -0.38
N ILE A 97 3.70 -6.44 0.03
CA ILE A 97 4.45 -5.38 -0.62
C ILE A 97 5.93 -5.64 -0.46
N THR A 98 6.69 -5.39 -1.49
CA THR A 98 8.11 -5.61 -1.43
C THR A 98 8.85 -4.28 -1.63
N ARG A 99 9.73 -3.98 -0.71
CA ARG A 99 10.53 -2.77 -0.80
C ARG A 99 11.87 -3.13 -1.40
N LEU A 100 12.01 -2.85 -2.68
CA LEU A 100 13.18 -3.28 -3.43
C LEU A 100 14.15 -2.14 -3.64
N GLU A 101 15.29 -2.47 -4.23
CA GLU A 101 16.28 -1.48 -4.60
C GLU A 101 16.21 -1.22 -6.08
N ASN A 102 16.37 0.03 -6.47
CA ASN A 102 16.49 0.37 -7.88
C ASN A 102 17.93 0.13 -8.33
N THR A 103 18.86 0.36 -7.41
CA THR A 103 20.25 0.09 -7.66
C THR A 103 20.76 -1.01 -6.73
N GLN A 104 21.52 -0.62 -5.73
CA GLN A 104 22.01 -1.54 -4.70
C GLN A 104 22.60 -0.73 -3.55
N PHE A 105 21.79 -0.45 -2.56
CA PHE A 105 22.16 0.45 -1.48
C PHE A 105 21.90 -0.18 -0.12
N ASP A 106 20.65 -0.55 0.09
CA ASP A 106 20.21 -1.06 1.39
C ASP A 106 20.96 -2.33 1.76
N ALA A 107 20.69 -3.40 1.05
CA ALA A 107 21.35 -4.67 1.33
C ALA A 107 21.73 -5.40 0.04
N ALA A 108 21.30 -4.90 -1.11
CA ALA A 108 21.61 -5.55 -2.39
C ALA A 108 23.10 -5.46 -2.71
N ASN A 109 23.82 -4.64 -1.95
CA ASN A 109 25.26 -4.51 -2.10
C ASN A 109 25.96 -4.98 -0.83
N GLY A 110 25.36 -5.95 -0.15
CA GLY A 110 25.93 -6.45 1.08
C GLY A 110 25.31 -7.76 1.51
N ILE A 111 24.04 -7.71 1.90
CA ILE A 111 23.32 -8.91 2.32
C ILE A 111 22.46 -9.43 1.16
N ASP A 112 21.17 -9.15 1.22
CA ASP A 112 20.25 -9.53 0.17
C ASP A 112 19.07 -8.58 0.17
N ASP A 113 18.72 -8.07 -1.00
CA ASP A 113 17.64 -7.09 -1.13
C ASP A 113 16.33 -7.63 -0.56
N GLU A 114 15.80 -6.93 0.44
CA GLU A 114 14.62 -7.37 1.16
C GLU A 114 14.05 -6.21 1.98
ZN ZN B . 5.90 7.71 -8.38
ZN ZN C . -6.74 5.05 3.50
N GLY A 1 20.06 3.40 -17.66
CA GLY A 1 18.80 3.02 -18.34
C GLY A 1 17.67 2.85 -17.35
N SER A 2 16.45 3.11 -17.80
CA SER A 2 15.28 2.99 -16.94
C SER A 2 14.85 1.53 -16.83
N LEU A 3 14.75 1.02 -15.61
CA LEU A 3 14.32 -0.35 -15.40
C LEU A 3 12.87 -0.38 -14.95
N LEU A 4 12.61 0.14 -13.77
CA LEU A 4 11.26 0.21 -13.24
C LEU A 4 10.70 1.62 -13.36
N THR A 5 9.38 1.72 -13.34
CA THR A 5 8.71 3.01 -13.41
C THR A 5 7.59 3.09 -12.38
N CYS A 6 7.52 4.20 -11.68
CA CYS A 6 6.54 4.39 -10.62
C CYS A 6 5.23 4.87 -11.21
N GLY A 7 4.14 4.31 -10.72
CA GLY A 7 2.82 4.60 -11.26
C GLY A 7 2.37 6.02 -10.98
N GLY A 8 3.06 6.70 -10.07
CA GLY A 8 2.70 8.06 -9.76
C GLY A 8 3.58 9.05 -10.51
N CYS A 9 4.82 8.68 -10.75
CA CYS A 9 5.77 9.57 -11.39
C CYS A 9 5.85 9.36 -12.90
N GLN A 10 6.08 8.10 -13.28
CA GLN A 10 6.37 7.74 -14.67
C GLN A 10 7.73 8.29 -15.10
N GLN A 11 8.51 8.73 -14.11
CA GLN A 11 9.83 9.30 -14.36
C GLN A 11 10.93 8.27 -14.11
N ASN A 12 10.50 7.01 -13.94
CA ASN A 12 11.41 5.89 -13.69
C ASN A 12 11.99 5.95 -12.27
N ILE A 13 11.98 4.81 -11.62
CA ILE A 13 12.52 4.70 -10.26
C ILE A 13 14.02 4.47 -10.30
N GLY A 14 14.77 5.54 -10.11
CA GLY A 14 16.21 5.45 -10.17
C GLY A 14 16.85 5.46 -8.79
N ASP A 15 16.02 5.36 -7.76
CA ASP A 15 16.48 5.37 -6.38
C ASP A 15 17.11 4.04 -6.00
N ARG A 16 17.53 3.93 -4.75
CA ARG A 16 18.15 2.72 -4.26
C ARG A 16 17.13 1.74 -3.71
N TYR A 17 16.00 2.25 -3.23
CA TYR A 17 14.99 1.41 -2.63
C TYR A 17 13.60 1.90 -3.05
N PHE A 18 12.65 0.99 -3.19
CA PHE A 18 11.30 1.35 -3.64
C PHE A 18 10.25 0.36 -3.17
N LEU A 19 9.01 0.58 -3.62
CA LEU A 19 7.90 -0.27 -3.25
C LEU A 19 7.10 -0.66 -4.49
N LYS A 20 6.57 -1.86 -4.52
CA LYS A 20 5.74 -2.32 -5.63
C LYS A 20 4.90 -3.51 -5.20
N ALA A 21 3.69 -3.68 -5.77
CA ALA A 21 2.84 -4.82 -5.42
C ALA A 21 1.51 -4.77 -6.16
N ILE A 22 0.81 -3.63 -6.04
CA ILE A 22 -0.54 -3.45 -6.56
C ILE A 22 -0.73 -4.08 -7.94
N ASP A 23 0.14 -3.70 -8.87
CA ASP A 23 0.09 -4.16 -10.26
C ASP A 23 1.19 -3.50 -11.04
N GLN A 24 1.77 -2.48 -10.43
CA GLN A 24 2.86 -1.75 -11.01
C GLN A 24 3.87 -1.38 -9.94
N TYR A 25 4.93 -0.72 -10.33
CA TYR A 25 5.96 -0.31 -9.39
C TYR A 25 5.70 1.10 -8.88
N TRP A 26 6.19 1.39 -7.69
CA TRP A 26 5.96 2.68 -7.07
C TRP A 26 7.28 3.23 -6.54
N HIS A 27 7.18 4.24 -5.70
CA HIS A 27 8.33 4.78 -5.01
C HIS A 27 8.21 4.49 -3.53
N GLU A 28 9.28 4.75 -2.78
CA GLU A 28 9.28 4.50 -1.34
C GLU A 28 8.27 5.40 -0.62
N ASP A 29 8.19 6.65 -1.04
CA ASP A 29 7.31 7.61 -0.40
C ASP A 29 6.22 8.10 -1.35
N CYS A 30 6.00 7.38 -2.44
CA CYS A 30 5.02 7.80 -3.43
C CYS A 30 3.63 7.25 -3.15
N LEU A 31 3.55 5.96 -2.85
CA LEU A 31 2.26 5.34 -2.56
C LEU A 31 1.68 5.90 -1.27
N SER A 32 0.61 6.67 -1.41
CA SER A 32 -0.03 7.31 -0.27
C SER A 32 -1.54 7.17 -0.35
N CYS A 33 -2.23 7.77 0.62
CA CYS A 33 -3.68 7.76 0.68
C CYS A 33 -4.30 8.31 -0.60
N ASP A 34 -4.93 7.45 -1.37
CA ASP A 34 -5.62 7.87 -2.58
C ASP A 34 -6.94 8.50 -2.23
N LEU A 35 -7.59 7.95 -1.23
CA LEU A 35 -8.90 8.41 -0.80
C LEU A 35 -8.78 9.65 0.10
N CYS A 36 -8.12 9.48 1.24
CA CYS A 36 -8.01 10.52 2.24
C CYS A 36 -7.00 11.59 1.83
N GLY A 37 -5.76 11.19 1.67
CA GLY A 37 -4.73 12.11 1.23
C GLY A 37 -3.55 12.22 2.19
N CYS A 38 -3.46 11.32 3.15
CA CYS A 38 -2.36 11.32 4.09
C CYS A 38 -1.45 10.10 3.89
N ARG A 39 -1.64 9.07 4.70
CA ARG A 39 -0.85 7.85 4.58
C ARG A 39 -1.70 6.63 4.92
N LEU A 40 -1.42 5.51 4.25
CA LEU A 40 -2.19 4.30 4.43
C LEU A 40 -1.71 3.52 5.66
N GLY A 41 -1.77 4.17 6.82
CA GLY A 41 -1.33 3.54 8.05
C GLY A 41 0.18 3.47 8.12
N GLU A 42 0.82 4.55 7.69
CA GLU A 42 2.28 4.69 7.67
C GLU A 42 2.93 3.58 6.83
N VAL A 43 3.28 2.48 7.46
CA VAL A 43 3.88 1.35 6.76
C VAL A 43 2.80 0.55 6.03
N GLY A 44 3.03 0.29 4.75
CA GLY A 44 2.06 -0.41 3.94
C GLY A 44 2.04 -1.90 4.21
N ARG A 45 1.20 -2.30 5.14
CA ARG A 45 1.06 -3.71 5.49
C ARG A 45 -0.32 -4.21 5.12
N ARG A 46 -1.30 -3.32 5.19
CA ARG A 46 -2.67 -3.64 4.81
C ARG A 46 -3.12 -2.69 3.71
N LEU A 47 -2.72 -3.00 2.48
CA LEU A 47 -3.01 -2.14 1.35
C LEU A 47 -3.62 -2.96 0.21
N TYR A 48 -4.91 -2.78 0.02
CA TYR A 48 -5.60 -3.43 -1.07
C TYR A 48 -6.31 -2.38 -1.91
N TYR A 49 -6.05 -2.40 -3.19
CA TYR A 49 -6.65 -1.44 -4.09
C TYR A 49 -7.96 -2.00 -4.65
N LYS A 50 -8.93 -1.12 -4.85
CA LYS A 50 -10.24 -1.53 -5.33
C LYS A 50 -10.20 -1.77 -6.83
N LEU A 51 -11.28 -2.35 -7.34
CA LEU A 51 -11.41 -2.75 -8.75
C LEU A 51 -10.72 -1.77 -9.71
N GLY A 52 -10.95 -0.48 -9.53
CA GLY A 52 -10.32 0.51 -10.38
C GLY A 52 -9.83 1.71 -9.61
N ARG A 53 -9.58 1.52 -8.32
CA ARG A 53 -9.10 2.60 -7.47
C ARG A 53 -7.99 2.12 -6.56
N LYS A 54 -6.79 2.63 -6.75
CA LYS A 54 -5.65 2.28 -5.90
C LYS A 54 -5.69 3.07 -4.58
N LEU A 55 -6.82 2.94 -3.88
CA LEU A 55 -7.02 3.65 -2.62
C LEU A 55 -6.63 2.78 -1.44
N CYS A 56 -6.70 3.36 -0.26
CA CYS A 56 -6.37 2.68 0.98
C CYS A 56 -7.36 1.57 1.30
N ARG A 57 -6.92 0.61 2.08
CA ARG A 57 -7.76 -0.52 2.43
C ARG A 57 -8.43 -0.28 3.78
N ARG A 58 -7.68 0.20 4.75
CA ARG A 58 -8.22 0.42 6.07
C ARG A 58 -9.08 1.67 6.09
N ASP A 59 -8.82 2.57 5.15
CA ASP A 59 -9.61 3.79 5.03
C ASP A 59 -10.83 3.54 4.16
N TYR A 60 -10.70 2.59 3.23
CA TYR A 60 -11.85 2.11 2.47
C TYR A 60 -12.86 1.50 3.41
N LEU A 61 -12.34 0.89 4.47
CA LEU A 61 -13.14 0.18 5.45
C LEU A 61 -14.14 1.09 6.15
N ARG A 62 -13.86 2.40 6.13
CA ARG A 62 -14.76 3.37 6.73
C ARG A 62 -16.09 3.41 5.97
N LEU A 63 -16.07 3.03 4.70
CA LEU A 63 -17.28 3.05 3.88
C LEU A 63 -17.67 1.64 3.42
N GLY A 64 -16.67 0.84 3.08
CA GLY A 64 -16.96 -0.47 2.51
C GLY A 64 -16.79 -1.60 3.51
N GLY A 65 -16.23 -1.30 4.66
CA GLY A 65 -16.04 -2.30 5.69
C GLY A 65 -16.87 -2.01 6.91
N SER A 66 -18.13 -1.58 6.67
CA SER A 66 -19.06 -1.14 7.71
C SER A 66 -18.38 -0.55 8.94
N GLY A 67 -17.36 0.31 8.68
CA GLY A 67 -16.54 0.97 9.70
C GLY A 67 -16.45 0.26 11.05
N GLY A 68 -16.29 -1.06 11.02
CA GLY A 68 -16.12 -1.83 12.24
C GLY A 68 -17.28 -1.67 13.20
N HIS A 69 -18.49 -1.57 12.66
CA HIS A 69 -19.70 -1.39 13.47
C HIS A 69 -19.87 -2.57 14.42
N MET A 70 -20.06 -3.75 13.84
CA MET A 70 -20.19 -4.97 14.62
C MET A 70 -18.85 -5.68 14.70
N GLY A 71 -17.94 -5.28 13.83
CA GLY A 71 -16.66 -5.95 13.72
C GLY A 71 -16.60 -6.78 12.46
N SER A 72 -17.75 -7.27 12.06
CA SER A 72 -17.89 -8.02 10.83
C SER A 72 -18.25 -7.11 9.67
N GLY A 73 -18.37 -7.67 8.48
CA GLY A 73 -18.73 -6.88 7.32
C GLY A 73 -18.77 -7.74 6.08
N GLY A 74 -18.80 -7.12 4.92
CA GLY A 74 -18.84 -7.89 3.70
C GLY A 74 -19.69 -7.23 2.63
N ASP A 75 -19.54 -7.69 1.40
CA ASP A 75 -20.33 -7.20 0.30
C ASP A 75 -21.54 -8.09 0.08
N VAL A 76 -22.73 -7.49 0.05
CA VAL A 76 -23.95 -8.26 -0.10
C VAL A 76 -24.10 -8.79 -1.52
N MET A 77 -23.73 -10.06 -1.68
CA MET A 77 -23.75 -10.70 -2.99
C MET A 77 -25.16 -11.19 -3.33
N VAL A 78 -25.44 -11.29 -4.63
CA VAL A 78 -26.76 -11.67 -5.11
C VAL A 78 -27.14 -13.09 -4.74
N VAL A 79 -26.15 -13.88 -4.34
CA VAL A 79 -26.39 -15.26 -3.94
C VAL A 79 -26.94 -15.34 -2.52
N GLY A 80 -27.40 -14.21 -2.00
CA GLY A 80 -27.94 -14.16 -0.66
C GLY A 80 -26.85 -14.21 0.38
N GLU A 81 -25.75 -13.52 0.11
CA GLU A 81 -24.62 -13.49 1.03
C GLU A 81 -24.45 -12.08 1.58
N PRO A 82 -24.96 -11.83 2.80
CA PRO A 82 -24.91 -10.51 3.42
C PRO A 82 -23.62 -10.30 4.22
N THR A 83 -23.74 -9.58 5.33
CA THR A 83 -22.60 -9.31 6.20
C THR A 83 -21.99 -10.61 6.74
N LEU A 84 -20.75 -10.88 6.37
CA LEU A 84 -20.05 -12.07 6.83
C LEU A 84 -19.54 -11.87 8.24
N MET A 85 -19.86 -12.80 9.12
CA MET A 85 -19.51 -12.67 10.53
C MET A 85 -18.06 -13.09 10.78
N GLY A 86 -17.33 -13.36 9.72
CA GLY A 86 -15.94 -13.72 9.85
C GLY A 86 -15.01 -12.53 9.72
N GLY A 87 -15.59 -11.36 9.52
CA GLY A 87 -14.80 -10.15 9.39
C GLY A 87 -14.34 -9.88 7.97
N GLU A 88 -14.67 -10.79 7.06
CA GLU A 88 -14.29 -10.65 5.67
C GLU A 88 -15.21 -9.67 4.96
N PHE A 89 -14.69 -8.48 4.70
CA PHE A 89 -15.49 -7.42 4.10
C PHE A 89 -15.56 -7.58 2.58
N GLY A 90 -15.97 -6.54 1.88
CA GLY A 90 -16.16 -6.61 0.44
C GLY A 90 -14.87 -6.39 -0.34
N ASP A 91 -13.77 -6.88 0.20
CA ASP A 91 -12.49 -6.75 -0.45
C ASP A 91 -12.20 -7.97 -1.30
N GLU A 92 -11.21 -8.74 -0.88
CA GLU A 92 -10.83 -9.99 -1.53
C GLU A 92 -9.86 -10.73 -0.61
N ASP A 93 -8.68 -10.16 -0.45
CA ASP A 93 -7.68 -10.70 0.46
C ASP A 93 -6.95 -9.58 1.20
N GLU A 94 -6.75 -8.46 0.49
CA GLU A 94 -6.03 -7.29 1.02
C GLU A 94 -4.53 -7.56 1.08
N ARG A 95 -3.82 -6.95 0.15
CA ARG A 95 -2.39 -7.14 0.02
C ARG A 95 -1.61 -6.10 0.82
N LEU A 96 -0.47 -5.69 0.30
CA LEU A 96 0.33 -4.63 0.88
C LEU A 96 1.19 -4.00 -0.20
N ILE A 97 2.44 -3.70 0.15
CA ILE A 97 3.42 -3.28 -0.82
C ILE A 97 4.73 -3.94 -0.50
N THR A 98 5.40 -4.44 -1.51
CA THR A 98 6.60 -5.19 -1.31
C THR A 98 7.79 -4.23 -1.30
N ARG A 99 8.55 -4.26 -0.21
CA ARG A 99 9.69 -3.38 -0.04
C ARG A 99 10.89 -3.96 -0.78
N LEU A 100 11.21 -3.38 -1.92
CA LEU A 100 12.29 -3.87 -2.76
C LEU A 100 13.28 -2.77 -3.07
N GLU A 101 14.23 -3.07 -3.93
CA GLU A 101 15.29 -2.14 -4.29
C GLU A 101 15.46 -2.10 -5.80
N ASN A 102 15.81 -0.93 -6.33
CA ASN A 102 16.04 -0.79 -7.75
C ASN A 102 17.47 -1.18 -8.10
N THR A 103 18.42 -0.66 -7.33
CA THR A 103 19.82 -0.93 -7.57
C THR A 103 20.25 -2.25 -6.93
N GLN A 104 20.82 -2.19 -5.73
CA GLN A 104 21.24 -3.37 -5.00
C GLN A 104 21.58 -2.98 -3.57
N PHE A 105 20.57 -2.97 -2.71
CA PHE A 105 20.74 -2.52 -1.34
C PHE A 105 20.13 -3.51 -0.35
N ASP A 106 20.77 -4.65 -0.22
CA ASP A 106 20.34 -5.67 0.73
C ASP A 106 21.49 -6.03 1.64
N ALA A 107 22.58 -6.45 1.00
CA ALA A 107 23.76 -6.94 1.68
C ALA A 107 23.45 -8.23 2.43
N ALA A 108 22.52 -9.00 1.88
CA ALA A 108 22.10 -10.29 2.44
C ALA A 108 21.51 -10.13 3.84
N ASN A 109 21.02 -8.95 4.13
CA ASN A 109 20.47 -8.66 5.45
C ASN A 109 18.96 -8.43 5.38
N GLY A 110 18.44 -8.40 4.16
CA GLY A 110 17.01 -8.21 3.99
C GLY A 110 16.35 -9.44 3.39
N ILE A 111 16.55 -9.63 2.10
CA ILE A 111 16.00 -10.78 1.40
C ILE A 111 17.11 -11.54 0.68
N ASP A 112 17.76 -10.84 -0.23
CA ASP A 112 18.91 -11.40 -0.95
C ASP A 112 19.64 -10.28 -1.68
N ASP A 113 20.96 -10.32 -1.66
CA ASP A 113 21.77 -9.28 -2.28
C ASP A 113 21.68 -9.37 -3.80
N GLU A 114 21.19 -8.30 -4.41
CA GLU A 114 21.03 -8.25 -5.86
C GLU A 114 22.28 -7.65 -6.49
ZN ZN B . 7.14 8.14 -7.74
ZN ZN C . -6.46 6.81 3.23
N GLY A 1 21.50 -2.77 -18.30
CA GLY A 1 20.40 -2.87 -17.30
C GLY A 1 19.68 -1.56 -17.12
N SER A 2 18.40 -1.62 -16.79
CA SER A 2 17.60 -0.43 -16.60
C SER A 2 17.04 -0.35 -15.18
N LEU A 3 16.74 0.84 -14.74
CA LEU A 3 16.14 1.04 -13.42
C LEU A 3 14.63 0.84 -13.52
N LEU A 4 13.93 1.14 -12.43
CA LEU A 4 12.49 0.97 -12.40
C LEU A 4 11.79 2.30 -12.67
N THR A 5 10.49 2.23 -12.96
CA THR A 5 9.70 3.43 -13.18
C THR A 5 8.37 3.34 -12.43
N CYS A 6 8.06 4.39 -11.68
CA CYS A 6 6.84 4.43 -10.89
C CYS A 6 5.65 4.71 -11.81
N GLY A 7 4.49 4.17 -11.45
CA GLY A 7 3.31 4.29 -12.28
C GLY A 7 2.71 5.67 -12.28
N GLY A 8 3.07 6.46 -11.28
CA GLY A 8 2.56 7.82 -11.18
C GLY A 8 3.45 8.82 -11.88
N CYS A 9 4.75 8.67 -11.71
CA CYS A 9 5.70 9.59 -12.30
C CYS A 9 6.19 9.12 -13.65
N GLN A 10 6.73 7.90 -13.68
CA GLN A 10 7.45 7.36 -14.83
C GLN A 10 8.74 8.15 -15.05
N GLN A 11 9.11 8.92 -14.03
CA GLN A 11 10.34 9.72 -14.06
C GLN A 11 11.54 8.91 -13.63
N ASN A 12 11.35 7.59 -13.55
CA ASN A 12 12.38 6.65 -13.13
C ASN A 12 12.62 6.71 -11.62
N ILE A 13 12.61 5.56 -10.98
CA ILE A 13 12.84 5.47 -9.55
C ILE A 13 14.34 5.39 -9.27
N GLY A 14 14.88 6.46 -8.69
CA GLY A 14 16.30 6.50 -8.40
C GLY A 14 16.57 6.52 -6.91
N ASP A 15 15.54 6.20 -6.14
CA ASP A 15 15.63 6.20 -4.67
C ASP A 15 16.48 5.03 -4.19
N ARG A 16 16.56 4.86 -2.88
CA ARG A 16 17.31 3.75 -2.29
C ARG A 16 16.37 2.58 -1.99
N TYR A 17 15.14 2.90 -1.66
CA TYR A 17 14.12 1.90 -1.39
C TYR A 17 12.85 2.30 -2.14
N PHE A 18 11.94 1.37 -2.39
CA PHE A 18 10.73 1.71 -3.12
C PHE A 18 9.63 0.70 -2.86
N LEU A 19 8.48 0.97 -3.46
CA LEU A 19 7.31 0.14 -3.32
C LEU A 19 6.91 -0.40 -4.68
N LYS A 20 6.56 -1.68 -4.73
CA LYS A 20 6.08 -2.29 -5.96
C LYS A 20 5.36 -3.58 -5.63
N ALA A 21 4.32 -3.91 -6.40
CA ALA A 21 3.63 -5.19 -6.26
C ALA A 21 2.35 -5.23 -7.07
N ILE A 22 1.58 -4.14 -6.99
CA ILE A 22 0.25 -4.06 -7.61
C ILE A 22 0.23 -4.68 -9.01
N ASP A 23 1.15 -4.22 -9.83
CA ASP A 23 1.28 -4.71 -11.20
C ASP A 23 2.50 -4.08 -11.84
N GLN A 24 2.97 -3.02 -11.24
CA GLN A 24 4.12 -2.27 -11.72
C GLN A 24 4.94 -1.76 -10.54
N TYR A 25 5.92 -0.95 -10.84
CA TYR A 25 6.77 -0.37 -9.81
C TYR A 25 6.27 1.00 -9.40
N TRP A 26 6.55 1.39 -8.17
CA TRP A 26 6.08 2.66 -7.64
C TRP A 26 7.19 3.40 -6.91
N HIS A 27 6.79 4.40 -6.17
CA HIS A 27 7.71 5.19 -5.36
C HIS A 27 7.39 5.02 -3.89
N GLU A 28 8.38 5.26 -3.04
CA GLU A 28 8.19 5.23 -1.60
C GLU A 28 7.18 6.29 -1.17
N ASP A 29 7.18 7.41 -1.89
CA ASP A 29 6.32 8.54 -1.55
C ASP A 29 5.13 8.62 -2.51
N CYS A 30 5.04 7.66 -3.41
CA CYS A 30 3.97 7.65 -4.38
C CYS A 30 2.89 6.62 -4.02
N LEU A 31 3.31 5.40 -3.74
CA LEU A 31 2.37 4.38 -3.29
C LEU A 31 1.89 4.69 -1.88
N SER A 32 0.72 5.31 -1.79
CA SER A 32 0.19 5.71 -0.50
C SER A 32 -1.32 5.52 -0.46
N CYS A 33 -1.93 6.01 0.60
CA CYS A 33 -3.37 6.02 0.69
C CYS A 33 -3.91 7.08 -0.26
N ASP A 34 -4.51 6.62 -1.35
CA ASP A 34 -4.81 7.49 -2.48
C ASP A 34 -6.03 8.37 -2.21
N LEU A 35 -6.93 7.86 -1.39
CA LEU A 35 -8.19 8.55 -1.12
C LEU A 35 -7.96 9.85 -0.36
N CYS A 36 -7.09 9.80 0.64
CA CYS A 36 -6.83 10.95 1.49
C CYS A 36 -5.43 11.52 1.25
N GLY A 37 -4.44 10.64 1.27
CA GLY A 37 -3.10 11.07 0.97
C GLY A 37 -2.10 10.76 2.07
N CYS A 38 -2.30 9.66 2.77
CA CYS A 38 -1.37 9.24 3.82
C CYS A 38 -0.29 8.33 3.22
N ARG A 39 -0.31 7.04 3.58
CA ARG A 39 0.64 6.07 3.05
C ARG A 39 0.34 4.69 3.62
N LEU A 40 0.98 3.67 3.06
CA LEU A 40 0.84 2.31 3.55
C LEU A 40 2.23 1.66 3.57
N GLY A 41 2.45 0.76 4.52
CA GLY A 41 3.77 0.18 4.67
C GLY A 41 3.76 -1.29 5.02
N GLU A 42 2.56 -1.86 5.16
CA GLU A 42 2.43 -3.27 5.52
C GLU A 42 2.50 -4.14 4.26
N VAL A 43 2.56 -5.45 4.45
CA VAL A 43 2.73 -6.38 3.33
C VAL A 43 1.74 -7.56 3.44
N GLY A 44 1.15 -7.97 2.31
CA GLY A 44 0.34 -9.16 2.33
C GLY A 44 -0.16 -9.63 0.96
N ARG A 45 0.27 -8.99 -0.12
CA ARG A 45 -0.08 -9.42 -1.49
C ARG A 45 0.47 -8.44 -2.51
N ARG A 46 -0.28 -7.38 -2.82
CA ARG A 46 0.21 -6.36 -3.74
C ARG A 46 -0.58 -5.03 -3.69
N LEU A 47 -1.59 -4.98 -2.83
CA LEU A 47 -2.35 -3.75 -2.48
C LEU A 47 -3.76 -4.15 -2.11
N TYR A 48 -4.36 -3.50 -1.13
CA TYR A 48 -5.78 -3.72 -0.90
C TYR A 48 -6.60 -2.54 -1.43
N TYR A 49 -7.00 -2.64 -2.68
CA TYR A 49 -7.75 -1.57 -3.33
C TYR A 49 -9.18 -1.99 -3.60
N LYS A 50 -10.01 -1.03 -4.00
CA LYS A 50 -11.40 -1.31 -4.33
C LYS A 50 -11.49 -1.96 -5.71
N LEU A 51 -12.63 -2.62 -5.96
CA LEU A 51 -12.86 -3.43 -7.17
C LEU A 51 -12.12 -2.92 -8.42
N GLY A 52 -12.17 -1.62 -8.66
CA GLY A 52 -11.55 -1.07 -9.85
C GLY A 52 -10.82 0.24 -9.62
N ARG A 53 -10.49 0.53 -8.37
CA ARG A 53 -9.73 1.74 -8.07
C ARG A 53 -8.87 1.56 -6.82
N LYS A 54 -7.61 1.97 -6.94
CA LYS A 54 -6.67 1.86 -5.84
C LYS A 54 -6.94 2.93 -4.78
N LEU A 55 -7.12 2.50 -3.55
CA LEU A 55 -7.38 3.40 -2.44
C LEU A 55 -7.00 2.72 -1.13
N CYS A 56 -7.08 3.45 -0.02
CA CYS A 56 -6.74 2.93 1.28
C CYS A 56 -7.76 1.88 1.73
N ARG A 57 -7.42 1.10 2.74
CA ARG A 57 -8.35 0.13 3.27
C ARG A 57 -8.90 0.57 4.61
N ARG A 58 -8.04 1.12 5.46
CA ARG A 58 -8.48 1.57 6.77
C ARG A 58 -9.33 2.82 6.63
N ASP A 59 -8.99 3.63 5.64
CA ASP A 59 -9.78 4.83 5.34
C ASP A 59 -11.04 4.46 4.58
N TYR A 60 -10.93 3.45 3.73
CA TYR A 60 -12.09 2.90 3.02
C TYR A 60 -13.08 2.35 4.03
N LEU A 61 -12.56 1.70 5.06
CA LEU A 61 -13.37 1.10 6.10
C LEU A 61 -14.11 2.16 6.90
N ARG A 62 -13.58 3.37 6.92
CA ARG A 62 -14.18 4.47 7.66
C ARG A 62 -15.53 4.87 7.07
N LEU A 63 -15.71 4.59 5.79
CA LEU A 63 -16.94 4.98 5.10
C LEU A 63 -17.70 3.76 4.59
N GLY A 64 -16.99 2.73 4.17
CA GLY A 64 -17.62 1.58 3.58
C GLY A 64 -17.34 0.28 4.29
N GLY A 65 -16.88 0.37 5.53
CA GLY A 65 -16.63 -0.83 6.29
C GLY A 65 -17.22 -0.75 7.68
N SER A 66 -16.35 -0.70 8.68
CA SER A 66 -16.79 -0.63 10.07
C SER A 66 -15.91 0.35 10.85
N GLY A 67 -15.25 1.24 10.14
CA GLY A 67 -14.37 2.22 10.76
C GLY A 67 -15.12 3.42 11.29
N GLY A 68 -16.16 3.84 10.56
CA GLY A 68 -16.97 4.95 11.01
C GLY A 68 -17.96 4.53 12.07
N HIS A 69 -18.30 3.26 12.06
CA HIS A 69 -19.18 2.69 13.06
C HIS A 69 -18.42 2.44 14.35
N MET A 70 -17.47 1.52 14.30
CA MET A 70 -16.67 1.17 15.46
C MET A 70 -15.26 1.73 15.33
N GLY A 71 -14.53 1.24 14.34
CA GLY A 71 -13.18 1.70 14.12
C GLY A 71 -12.16 0.74 14.69
N SER A 72 -11.26 1.26 15.52
CA SER A 72 -10.26 0.43 16.18
C SER A 72 -10.88 -0.28 17.38
N GLY A 73 -11.75 -1.24 17.10
CA GLY A 73 -12.50 -1.90 18.14
C GLY A 73 -13.91 -1.36 18.24
N GLY A 74 -14.03 -0.13 18.71
CA GLY A 74 -15.31 0.54 18.75
C GLY A 74 -16.09 0.26 20.01
N ASP A 75 -17.12 -0.56 19.88
CA ASP A 75 -17.97 -0.89 21.01
C ASP A 75 -17.82 -2.37 21.37
N VAL A 76 -17.70 -2.63 22.66
CA VAL A 76 -17.59 -4.00 23.15
C VAL A 76 -18.91 -4.72 22.99
N MET A 77 -18.96 -5.65 22.05
CA MET A 77 -20.18 -6.37 21.74
C MET A 77 -20.62 -7.24 22.93
N VAL A 78 -21.91 -7.52 22.99
CA VAL A 78 -22.50 -8.30 24.07
C VAL A 78 -21.93 -9.72 24.14
N VAL A 79 -21.13 -10.07 23.13
CA VAL A 79 -20.47 -11.36 23.09
C VAL A 79 -19.30 -11.38 24.09
N GLY A 80 -18.91 -10.20 24.56
CA GLY A 80 -17.83 -10.11 25.53
C GLY A 80 -16.61 -9.47 24.94
N GLU A 81 -16.64 -9.20 23.64
CA GLU A 81 -15.53 -8.57 22.95
C GLU A 81 -16.02 -7.88 21.69
N PRO A 82 -15.34 -6.79 21.29
CA PRO A 82 -15.68 -6.05 20.06
C PRO A 82 -15.18 -6.80 18.82
N THR A 83 -14.65 -6.06 17.86
CA THR A 83 -14.04 -6.66 16.69
C THR A 83 -12.65 -7.18 17.07
N LEU A 84 -11.63 -6.42 16.72
CA LEU A 84 -10.28 -6.70 17.18
C LEU A 84 -9.76 -5.52 17.99
N MET A 85 -8.60 -5.68 18.61
CA MET A 85 -7.97 -4.57 19.32
C MET A 85 -7.60 -3.49 18.30
N GLY A 86 -7.00 -3.94 17.22
CA GLY A 86 -6.85 -3.10 16.05
C GLY A 86 -7.94 -3.41 15.05
N GLY A 87 -9.17 -3.05 15.41
CA GLY A 87 -10.34 -3.47 14.65
C GLY A 87 -10.49 -2.78 13.31
N GLU A 88 -9.45 -2.11 12.86
CA GLU A 88 -9.47 -1.48 11.56
C GLU A 88 -8.91 -2.44 10.51
N PHE A 89 -9.73 -3.44 10.18
CA PHE A 89 -9.31 -4.52 9.29
C PHE A 89 -9.00 -4.01 7.89
N GLY A 90 -8.64 -4.92 7.00
CA GLY A 90 -8.43 -4.58 5.62
C GLY A 90 -9.49 -5.19 4.73
N ASP A 91 -9.22 -6.37 4.22
CA ASP A 91 -10.17 -7.09 3.39
C ASP A 91 -10.48 -8.44 4.00
N GLU A 92 -9.58 -9.39 3.77
CA GLU A 92 -9.71 -10.72 4.35
C GLU A 92 -8.49 -11.04 5.21
N ASP A 93 -7.30 -10.80 4.66
CA ASP A 93 -6.06 -11.00 5.40
C ASP A 93 -5.05 -9.89 5.09
N GLU A 94 -5.55 -8.85 4.42
CA GLU A 94 -4.77 -7.68 4.02
C GLU A 94 -3.98 -7.94 2.75
N ARG A 95 -4.47 -7.38 1.66
CA ARG A 95 -3.90 -7.56 0.33
C ARG A 95 -2.64 -6.72 0.13
N LEU A 96 -2.29 -5.96 1.17
CA LEU A 96 -1.21 -4.95 1.15
C LEU A 96 -0.03 -5.23 0.20
N ILE A 97 0.63 -4.16 -0.22
CA ILE A 97 1.81 -4.21 -1.10
C ILE A 97 3.02 -4.84 -0.39
N THR A 98 4.20 -4.45 -0.84
CA THR A 98 5.46 -4.88 -0.24
C THR A 98 6.52 -3.81 -0.48
N ARG A 99 7.50 -3.73 0.41
CA ARG A 99 8.56 -2.76 0.28
C ARG A 99 9.83 -3.45 -0.21
N LEU A 100 10.37 -2.97 -1.31
CA LEU A 100 11.55 -3.58 -1.90
C LEU A 100 12.70 -2.60 -1.91
N GLU A 101 13.86 -3.08 -2.30
CA GLU A 101 15.05 -2.26 -2.39
C GLU A 101 15.30 -1.84 -3.83
N ASN A 102 15.66 -0.58 -4.00
CA ASN A 102 16.06 -0.08 -5.30
C ASN A 102 17.57 -0.20 -5.44
N THR A 103 18.27 0.25 -4.41
CA THR A 103 19.71 0.06 -4.33
C THR A 103 20.05 -0.98 -3.26
N GLN A 104 20.35 -0.53 -2.04
CA GLN A 104 20.64 -1.46 -0.93
C GLN A 104 20.57 -0.75 0.42
N PHE A 105 19.41 -0.18 0.72
CA PHE A 105 19.22 0.51 1.99
C PHE A 105 18.02 -0.05 2.74
N ASP A 106 18.25 -1.16 3.43
CA ASP A 106 17.20 -1.85 4.16
C ASP A 106 16.91 -1.17 5.49
N ALA A 107 17.96 -0.92 6.25
CA ALA A 107 17.82 -0.33 7.58
C ALA A 107 17.78 1.19 7.51
N ALA A 108 17.47 1.72 6.34
CA ALA A 108 17.29 3.15 6.15
C ALA A 108 15.86 3.55 6.49
N ASN A 109 15.09 2.57 6.96
CA ASN A 109 13.70 2.79 7.31
C ASN A 109 13.54 3.30 8.75
N GLY A 110 14.48 4.15 9.17
CA GLY A 110 14.41 4.71 10.50
C GLY A 110 15.16 3.87 11.53
N ILE A 111 16.05 3.01 11.03
CA ILE A 111 16.87 2.19 11.90
C ILE A 111 18.30 2.72 11.91
N ASP A 112 19.20 2.01 11.25
CA ASP A 112 20.58 2.46 11.11
C ASP A 112 21.33 1.54 10.16
N ASP A 113 21.57 2.02 8.95
CA ASP A 113 22.30 1.24 7.97
C ASP A 113 23.70 1.84 7.77
N GLU A 114 24.56 1.11 7.07
CA GLU A 114 25.93 1.55 6.82
C GLU A 114 25.95 2.84 6.02
ZN ZN B . 6.44 8.43 -8.39
ZN ZN C . -6.74 7.31 2.85
N GLY A 1 15.16 6.57 -17.52
CA GLY A 1 15.13 5.73 -16.30
C GLY A 1 16.16 4.61 -16.35
N SER A 2 17.18 4.71 -15.51
CA SER A 2 18.24 3.71 -15.48
C SER A 2 17.76 2.43 -14.84
N LEU A 3 16.94 2.57 -13.81
CA LEU A 3 16.34 1.43 -13.14
C LEU A 3 14.85 1.38 -13.45
N LEU A 4 14.06 1.00 -12.46
CA LEU A 4 12.64 0.90 -12.61
C LEU A 4 11.99 2.27 -12.78
N THR A 5 10.77 2.28 -13.25
CA THR A 5 9.98 3.50 -13.32
C THR A 5 8.70 3.31 -12.53
N CYS A 6 8.38 4.29 -11.70
CA CYS A 6 7.25 4.17 -10.81
C CYS A 6 5.98 4.67 -11.50
N GLY A 7 4.91 3.89 -11.36
CA GLY A 7 3.66 4.22 -12.03
C GLY A 7 2.93 5.36 -11.34
N GLY A 8 3.47 5.79 -10.22
CA GLY A 8 2.86 6.88 -9.48
C GLY A 8 3.29 8.23 -10.00
N CYS A 9 4.59 8.47 -10.06
CA CYS A 9 5.10 9.76 -10.51
C CYS A 9 5.75 9.65 -11.88
N GLN A 10 6.24 8.46 -12.21
CA GLN A 10 6.90 8.20 -13.48
C GLN A 10 8.21 8.96 -13.60
N GLN A 11 8.78 9.37 -12.46
CA GLN A 11 10.04 10.10 -12.46
C GLN A 11 11.23 9.14 -12.32
N ASN A 12 10.95 7.84 -12.46
CA ASN A 12 11.97 6.79 -12.37
C ASN A 12 12.40 6.57 -10.92
N ILE A 13 12.61 5.32 -10.56
CA ILE A 13 12.98 4.95 -9.21
C ILE A 13 14.49 4.78 -9.08
N GLY A 14 15.12 5.70 -8.38
CA GLY A 14 16.56 5.66 -8.20
C GLY A 14 16.95 5.51 -6.75
N ASP A 15 15.99 5.06 -5.95
CA ASP A 15 16.19 4.91 -4.51
C ASP A 15 17.00 3.66 -4.18
N ARG A 16 17.10 3.36 -2.90
CA ARG A 16 17.73 2.13 -2.45
C ARG A 16 16.65 1.11 -2.12
N TYR A 17 15.46 1.62 -1.79
CA TYR A 17 14.36 0.78 -1.37
C TYR A 17 13.07 1.33 -1.97
N PHE A 18 12.16 0.44 -2.37
CA PHE A 18 10.94 0.86 -3.02
C PHE A 18 9.86 -0.22 -2.95
N LEU A 19 8.76 0.00 -3.67
CA LEU A 19 7.65 -0.93 -3.69
C LEU A 19 7.33 -1.32 -5.13
N LYS A 20 7.00 -2.58 -5.35
CA LYS A 20 6.51 -3.01 -6.66
C LYS A 20 5.78 -4.35 -6.53
N ALA A 21 4.61 -4.47 -7.19
CA ALA A 21 3.83 -5.72 -7.15
C ALA A 21 2.49 -5.58 -7.86
N ILE A 22 1.79 -4.48 -7.59
CA ILE A 22 0.41 -4.30 -8.04
C ILE A 22 0.21 -4.64 -9.51
N ASP A 23 1.11 -4.14 -10.35
CA ASP A 23 1.03 -4.34 -11.81
C ASP A 23 2.14 -3.54 -12.48
N GLN A 24 2.79 -2.69 -11.68
CA GLN A 24 3.96 -1.94 -12.13
C GLN A 24 4.88 -1.68 -10.94
N TYR A 25 5.97 -0.97 -11.18
CA TYR A 25 6.87 -0.58 -10.11
C TYR A 25 6.42 0.74 -9.49
N TRP A 26 6.79 0.96 -8.24
CA TRP A 26 6.33 2.14 -7.52
C TRP A 26 7.44 2.79 -6.71
N HIS A 27 7.01 3.62 -5.78
CA HIS A 27 7.91 4.26 -4.83
C HIS A 27 7.43 3.97 -3.42
N GLU A 28 8.30 4.17 -2.45
CA GLU A 28 7.97 3.98 -1.06
C GLU A 28 6.98 5.05 -0.59
N ASP A 29 7.21 6.27 -1.03
CA ASP A 29 6.44 7.41 -0.53
C ASP A 29 5.39 7.87 -1.54
N CYS A 30 5.45 7.31 -2.74
CA CYS A 30 4.46 7.60 -3.76
C CYS A 30 3.13 6.92 -3.42
N LEU A 31 3.22 5.68 -3.00
CA LEU A 31 2.04 4.93 -2.57
C LEU A 31 1.63 5.34 -1.16
N SER A 32 0.49 6.02 -1.03
CA SER A 32 0.00 6.44 0.27
C SER A 32 -1.54 6.49 0.31
N CYS A 33 -2.10 7.70 0.43
CA CYS A 33 -3.55 7.88 0.52
C CYS A 33 -4.15 8.20 -0.83
N ASP A 34 -4.97 7.28 -1.38
CA ASP A 34 -5.57 7.51 -2.69
C ASP A 34 -6.97 8.08 -2.56
N LEU A 35 -7.74 7.56 -1.60
CA LEU A 35 -9.10 8.03 -1.37
C LEU A 35 -9.08 9.50 -0.96
N CYS A 36 -8.22 9.81 0.00
CA CYS A 36 -8.06 11.16 0.50
C CYS A 36 -7.27 12.01 -0.49
N GLY A 37 -6.48 11.35 -1.33
CA GLY A 37 -5.74 12.05 -2.37
C GLY A 37 -4.70 12.99 -1.81
N CYS A 38 -4.07 12.62 -0.71
CA CYS A 38 -3.04 13.45 -0.10
C CYS A 38 -1.86 13.61 -1.05
N ARG A 39 -1.09 12.55 -1.23
CA ARG A 39 -0.01 12.54 -2.21
C ARG A 39 -0.45 11.79 -3.46
N LEU A 40 -1.25 10.74 -3.26
CA LEU A 40 -1.79 9.97 -4.36
C LEU A 40 -2.92 10.72 -5.06
N GLY A 41 -4.06 10.05 -5.22
CA GLY A 41 -5.17 10.64 -5.92
C GLY A 41 -5.15 10.25 -7.38
N GLU A 42 -4.99 8.94 -7.62
CA GLU A 42 -4.86 8.39 -8.96
C GLU A 42 -3.76 9.10 -9.74
N VAL A 43 -2.53 8.86 -9.35
CA VAL A 43 -1.40 9.55 -9.96
C VAL A 43 -0.90 8.86 -11.22
N GLY A 44 -1.62 7.83 -11.68
CA GLY A 44 -1.32 7.32 -13.00
C GLY A 44 -1.73 5.88 -13.26
N ARG A 45 -2.43 5.22 -12.32
CA ARG A 45 -2.93 3.86 -12.56
C ARG A 45 -3.51 3.19 -11.31
N ARG A 46 -2.63 2.69 -10.46
CA ARG A 46 -3.07 1.76 -9.41
C ARG A 46 -2.65 2.18 -8.00
N LEU A 47 -2.84 1.25 -7.06
CA LEU A 47 -2.63 1.45 -5.63
C LEU A 47 -3.05 0.16 -4.94
N TYR A 48 -3.07 0.13 -3.61
CA TYR A 48 -3.73 -0.95 -2.93
C TYR A 48 -5.22 -0.65 -3.02
N TYR A 49 -5.84 -1.18 -4.04
CA TYR A 49 -7.14 -0.69 -4.42
C TYR A 49 -8.15 -1.82 -4.56
N LYS A 50 -9.40 -1.49 -4.28
CA LYS A 50 -10.49 -2.45 -4.34
C LYS A 50 -10.90 -2.71 -5.78
N LEU A 51 -11.76 -3.72 -5.97
CA LEU A 51 -12.24 -4.16 -7.28
C LEU A 51 -12.30 -3.03 -8.28
N GLY A 52 -13.13 -2.03 -7.99
CA GLY A 52 -13.23 -0.88 -8.85
C GLY A 52 -13.12 0.43 -8.07
N ARG A 53 -12.56 0.35 -6.88
CA ARG A 53 -12.45 1.54 -6.02
C ARG A 53 -11.04 1.66 -5.46
N LYS A 54 -10.34 2.68 -5.90
CA LYS A 54 -8.99 2.93 -5.43
C LYS A 54 -9.01 3.79 -4.17
N LEU A 55 -8.64 3.19 -3.04
CA LEU A 55 -8.64 3.91 -1.78
C LEU A 55 -7.69 3.27 -0.78
N CYS A 56 -7.37 4.02 0.26
CA CYS A 56 -6.36 3.66 1.23
C CYS A 56 -6.81 2.49 2.13
N ARG A 57 -5.84 1.75 2.65
CA ARG A 57 -6.12 0.53 3.44
C ARG A 57 -6.91 0.83 4.71
N ARG A 58 -6.33 1.62 5.60
CA ARG A 58 -6.97 1.90 6.89
C ARG A 58 -8.26 2.68 6.69
N ASP A 59 -8.21 3.55 5.70
CA ASP A 59 -9.27 4.47 5.41
C ASP A 59 -10.44 3.71 4.77
N TYR A 60 -10.11 2.66 4.03
CA TYR A 60 -11.12 1.76 3.48
C TYR A 60 -11.81 1.00 4.60
N LEU A 61 -11.02 0.57 5.59
CA LEU A 61 -11.53 -0.21 6.69
C LEU A 61 -12.36 0.65 7.63
N ARG A 62 -12.24 1.96 7.50
CA ARG A 62 -13.00 2.89 8.32
C ARG A 62 -14.46 2.92 7.88
N LEU A 63 -14.72 2.53 6.65
CA LEU A 63 -16.08 2.58 6.12
C LEU A 63 -16.58 1.20 5.68
N GLY A 64 -15.76 0.51 4.90
CA GLY A 64 -16.19 -0.77 4.34
C GLY A 64 -15.17 -1.87 4.49
N GLY A 65 -14.44 -1.83 5.59
CA GLY A 65 -13.50 -2.91 5.85
C GLY A 65 -14.18 -4.14 6.35
N SER A 66 -14.45 -4.17 7.65
CA SER A 66 -15.22 -5.24 8.24
C SER A 66 -16.65 -4.74 8.49
N GLY A 67 -17.09 -4.75 9.74
CA GLY A 67 -18.40 -4.22 10.07
C GLY A 67 -18.32 -3.00 10.96
N GLY A 68 -17.10 -2.63 11.33
CA GLY A 68 -16.90 -1.52 12.23
C GLY A 68 -17.26 -1.88 13.65
N HIS A 69 -18.24 -1.17 14.21
CA HIS A 69 -18.74 -1.44 15.55
C HIS A 69 -17.64 -1.33 16.61
N MET A 70 -17.10 -2.46 17.01
CA MET A 70 -16.05 -2.50 18.02
C MET A 70 -14.69 -2.25 17.39
N GLY A 71 -14.61 -2.50 16.08
CA GLY A 71 -13.35 -2.31 15.38
C GLY A 71 -12.51 -3.56 15.40
N SER A 72 -12.60 -4.34 14.33
CA SER A 72 -11.84 -5.59 14.22
C SER A 72 -11.08 -5.64 12.90
N GLY A 73 -9.79 -5.88 12.99
CA GLY A 73 -8.95 -5.93 11.81
C GLY A 73 -7.50 -6.17 12.18
N GLY A 74 -6.65 -6.27 11.18
CA GLY A 74 -5.25 -6.56 11.45
C GLY A 74 -4.86 -7.93 10.94
N ASP A 75 -3.56 -8.22 10.98
CA ASP A 75 -3.06 -9.49 10.49
C ASP A 75 -1.86 -9.96 11.31
N VAL A 76 -1.91 -11.21 11.74
CA VAL A 76 -0.80 -11.80 12.48
C VAL A 76 0.20 -12.40 11.51
N MET A 77 1.39 -11.80 11.46
CA MET A 77 2.43 -12.22 10.52
C MET A 77 2.78 -13.70 10.65
N VAL A 78 3.25 -14.28 9.55
CA VAL A 78 3.65 -15.70 9.50
C VAL A 78 2.44 -16.63 9.46
N VAL A 79 1.59 -16.49 10.45
CA VAL A 79 0.41 -17.34 10.57
C VAL A 79 -0.66 -16.92 9.58
N GLY A 80 -0.76 -15.63 9.34
CA GLY A 80 -1.77 -15.13 8.43
C GLY A 80 -3.15 -15.12 9.06
N GLU A 81 -3.22 -14.58 10.27
CA GLU A 81 -4.48 -14.54 11.00
C GLU A 81 -5.04 -13.12 11.01
N PRO A 82 -6.11 -12.89 10.23
CA PRO A 82 -6.68 -11.56 10.06
C PRO A 82 -7.74 -11.24 11.12
N THR A 83 -8.41 -10.10 10.93
CA THR A 83 -9.54 -9.68 11.76
C THR A 83 -9.27 -9.86 13.26
N LEU A 84 -8.29 -9.13 13.77
CA LEU A 84 -7.99 -9.16 15.20
C LEU A 84 -8.90 -8.20 15.95
N MET A 85 -9.23 -8.56 17.19
CA MET A 85 -10.16 -7.78 18.00
C MET A 85 -9.55 -6.45 18.44
N GLY A 86 -8.23 -6.33 18.34
CA GLY A 86 -7.56 -5.10 18.73
C GLY A 86 -7.95 -3.92 17.87
N GLY A 87 -8.34 -4.21 16.63
CA GLY A 87 -8.78 -3.15 15.74
C GLY A 87 -7.62 -2.42 15.09
N GLU A 88 -6.42 -2.96 15.25
CA GLU A 88 -5.24 -2.37 14.64
C GLU A 88 -4.98 -3.02 13.29
N PHE A 89 -5.63 -2.49 12.25
CA PHE A 89 -5.47 -3.03 10.91
C PHE A 89 -4.10 -2.67 10.35
N GLY A 90 -3.54 -3.61 9.61
CA GLY A 90 -2.25 -3.41 8.99
C GLY A 90 -1.78 -4.66 8.28
N ASP A 91 -1.76 -4.64 6.96
CA ASP A 91 -1.37 -5.83 6.21
C ASP A 91 0.15 -5.99 6.20
N GLU A 92 0.81 -5.44 5.20
CA GLU A 92 2.25 -5.50 5.08
C GLU A 92 2.83 -4.09 4.95
N ASP A 93 2.29 -3.35 4.00
CA ASP A 93 2.68 -1.96 3.80
C ASP A 93 1.45 -1.13 3.46
N GLU A 94 0.31 -1.63 3.91
CA GLU A 94 -1.00 -1.11 3.51
C GLU A 94 -1.15 -1.24 2.01
N ARG A 95 -0.69 -2.38 1.53
CA ARG A 95 -0.59 -2.63 0.12
C ARG A 95 -0.46 -4.12 -0.14
N LEU A 96 -0.70 -4.51 -1.38
CA LEU A 96 -0.50 -5.89 -1.79
C LEU A 96 0.95 -6.08 -2.25
N ILE A 97 1.79 -5.15 -1.81
CA ILE A 97 3.17 -5.10 -2.22
C ILE A 97 4.12 -5.42 -1.05
N THR A 98 5.37 -5.68 -1.39
CA THR A 98 6.41 -5.86 -0.42
C THR A 98 7.46 -4.76 -0.59
N ARG A 99 8.15 -4.42 0.48
CA ARG A 99 9.18 -3.42 0.41
C ARG A 99 10.46 -4.04 -0.12
N LEU A 100 10.84 -3.68 -1.33
CA LEU A 100 12.00 -4.28 -1.97
C LEU A 100 13.14 -3.28 -2.05
N GLU A 101 14.27 -3.76 -2.55
CA GLU A 101 15.44 -2.92 -2.79
C GLU A 101 15.51 -2.50 -4.25
N ASN A 102 15.67 -1.21 -4.48
CA ASN A 102 15.70 -0.68 -5.83
C ASN A 102 17.05 -0.96 -6.49
N THR A 103 18.01 -0.06 -6.29
CA THR A 103 19.35 -0.27 -6.82
C THR A 103 20.11 -1.25 -5.94
N GLN A 104 20.64 -0.74 -4.84
CA GLN A 104 21.30 -1.60 -3.86
C GLN A 104 21.28 -0.93 -2.49
N PHE A 105 22.03 0.15 -2.38
CA PHE A 105 22.16 0.90 -1.15
C PHE A 105 23.03 2.10 -1.43
N ASP A 106 22.55 3.27 -1.07
CA ASP A 106 23.30 4.50 -1.30
C ASP A 106 24.64 4.43 -0.60
N ALA A 107 24.62 3.92 0.62
CA ALA A 107 25.84 3.65 1.37
C ALA A 107 26.26 2.20 1.16
N ALA A 108 26.48 1.83 -0.09
CA ALA A 108 26.86 0.46 -0.44
C ALA A 108 28.29 0.16 0.00
N ASN A 109 29.04 1.19 0.31
CA ASN A 109 30.43 1.04 0.75
C ASN A 109 30.48 0.29 2.09
N GLY A 110 29.49 0.53 2.94
CA GLY A 110 29.40 -0.16 4.20
C GLY A 110 28.40 -1.28 4.17
N ILE A 111 27.74 -1.54 5.29
CA ILE A 111 26.72 -2.58 5.35
C ILE A 111 25.34 -1.95 5.51
N ASP A 112 25.29 -0.90 6.30
CA ASP A 112 24.05 -0.14 6.48
C ASP A 112 24.13 1.17 5.74
N ASP A 113 22.99 1.81 5.50
CA ASP A 113 22.96 3.08 4.79
C ASP A 113 23.20 4.23 5.76
N GLU A 114 24.44 4.71 5.77
CA GLU A 114 24.82 5.84 6.60
C GLU A 114 25.44 6.92 5.72
ZN ZN B . 7.12 7.67 -7.73
ZN ZN C . -6.63 8.04 2.95
N GLY A 1 18.83 -3.99 -17.44
CA GLY A 1 17.77 -3.70 -18.43
C GLY A 1 17.22 -2.30 -18.25
N SER A 2 16.05 -2.06 -18.81
CA SER A 2 15.40 -0.76 -18.69
C SER A 2 14.99 -0.50 -17.25
N LEU A 3 14.87 0.79 -16.91
CA LEU A 3 14.48 1.18 -15.56
C LEU A 3 12.98 0.99 -15.36
N LEU A 4 12.49 1.36 -14.19
CA LEU A 4 11.06 1.23 -13.89
C LEU A 4 10.41 2.59 -13.85
N THR A 5 9.10 2.61 -14.02
CA THR A 5 8.35 3.85 -13.92
C THR A 5 7.24 3.73 -12.89
N CYS A 6 7.22 4.67 -11.95
CA CYS A 6 6.26 4.65 -10.87
C CYS A 6 4.91 5.16 -11.33
N GLY A 7 3.86 4.49 -10.90
CA GLY A 7 2.52 4.85 -11.32
C GLY A 7 1.98 6.06 -10.58
N GLY A 8 2.71 6.49 -9.57
CA GLY A 8 2.29 7.62 -8.78
C GLY A 8 2.67 8.95 -9.42
N CYS A 9 3.95 9.13 -9.71
CA CYS A 9 4.42 10.37 -10.27
C CYS A 9 4.88 10.20 -11.72
N GLN A 10 5.29 8.97 -12.05
CA GLN A 10 5.74 8.62 -13.40
C GLN A 10 7.04 9.33 -13.78
N GLN A 11 7.82 9.73 -12.79
CA GLN A 11 9.09 10.41 -13.04
C GLN A 11 10.23 9.42 -13.25
N ASN A 12 9.87 8.13 -13.34
CA ASN A 12 10.85 7.04 -13.50
C ASN A 12 11.59 6.77 -12.18
N ILE A 13 11.70 5.50 -11.84
CA ILE A 13 12.37 5.10 -10.60
C ILE A 13 13.84 4.82 -10.85
N GLY A 14 14.69 5.78 -10.46
CA GLY A 14 16.12 5.62 -10.63
C GLY A 14 16.84 5.60 -9.30
N ASP A 15 16.09 5.36 -8.25
CA ASP A 15 16.63 5.33 -6.89
C ASP A 15 17.35 4.03 -6.63
N ARG A 16 17.79 3.83 -5.38
CA ARG A 16 18.44 2.59 -4.99
C ARG A 16 17.42 1.63 -4.37
N TYR A 17 16.36 2.18 -3.81
CA TYR A 17 15.31 1.38 -3.21
C TYR A 17 13.95 1.87 -3.69
N PHE A 18 12.99 0.97 -3.85
CA PHE A 18 11.67 1.35 -4.31
C PHE A 18 10.59 0.36 -3.85
N LEU A 19 9.35 0.71 -4.16
CA LEU A 19 8.21 -0.10 -3.77
C LEU A 19 7.36 -0.46 -4.99
N LYS A 20 6.87 -1.67 -5.03
CA LYS A 20 5.98 -2.11 -6.11
C LYS A 20 5.23 -3.37 -5.67
N ALA A 21 3.97 -3.51 -6.10
CA ALA A 21 3.16 -4.68 -5.73
C ALA A 21 1.73 -4.56 -6.24
N ILE A 22 1.14 -3.38 -6.05
CA ILE A 22 -0.27 -3.14 -6.37
C ILE A 22 -0.64 -3.70 -7.74
N ASP A 23 0.18 -3.39 -8.74
CA ASP A 23 0.00 -3.88 -10.10
C ASP A 23 1.00 -3.20 -11.01
N GLN A 24 1.58 -2.13 -10.49
CA GLN A 24 2.62 -1.40 -11.18
C GLN A 24 3.71 -1.06 -10.18
N TYR A 25 4.77 -0.44 -10.66
CA TYR A 25 5.87 -0.05 -9.80
C TYR A 25 5.61 1.34 -9.24
N TRP A 26 6.19 1.61 -8.09
CA TRP A 26 5.96 2.87 -7.40
C TRP A 26 7.28 3.43 -6.88
N HIS A 27 7.15 4.41 -6.00
CA HIS A 27 8.28 4.96 -5.29
C HIS A 27 8.11 4.71 -3.80
N GLU A 28 9.16 4.96 -3.03
CA GLU A 28 9.13 4.74 -1.60
C GLU A 28 8.17 5.71 -0.91
N ASP A 29 8.14 6.95 -1.38
CA ASP A 29 7.31 7.98 -0.78
C ASP A 29 6.05 8.21 -1.59
N CYS A 30 6.06 7.73 -2.81
CA CYS A 30 4.94 7.91 -3.71
C CYS A 30 3.77 7.03 -3.31
N LEU A 31 4.07 5.75 -3.08
CA LEU A 31 3.06 4.76 -2.71
C LEU A 31 2.28 5.19 -1.48
N SER A 32 1.06 5.67 -1.70
CA SER A 32 0.17 6.07 -0.63
C SER A 32 -1.28 5.82 -1.04
N CYS A 33 -2.17 5.76 -0.06
CA CYS A 33 -3.58 5.56 -0.34
C CYS A 33 -4.13 6.72 -1.16
N ASP A 34 -5.09 6.42 -2.01
CA ASP A 34 -5.69 7.40 -2.90
C ASP A 34 -6.33 8.53 -2.12
N LEU A 35 -6.85 8.20 -0.95
CA LEU A 35 -7.58 9.15 -0.14
C LEU A 35 -6.74 9.61 1.07
N CYS A 36 -6.09 8.67 1.74
CA CYS A 36 -5.22 9.02 2.87
C CYS A 36 -4.13 9.98 2.42
N GLY A 37 -3.42 9.58 1.38
CA GLY A 37 -2.37 10.42 0.81
C GLY A 37 -1.18 10.60 1.74
N CYS A 38 -1.01 9.67 2.67
CA CYS A 38 0.11 9.76 3.61
C CYS A 38 1.37 9.11 3.03
N ARG A 39 1.63 7.86 3.40
CA ARG A 39 2.80 7.16 2.93
C ARG A 39 2.77 5.70 3.37
N LEU A 40 2.58 4.80 2.41
CA LEU A 40 2.62 3.38 2.68
C LEU A 40 4.07 2.91 2.73
N GLY A 41 4.98 3.79 2.33
CA GLY A 41 6.40 3.51 2.44
C GLY A 41 6.92 3.78 3.83
N GLU A 42 6.07 4.35 4.66
CA GLU A 42 6.39 4.58 6.06
C GLU A 42 5.79 3.47 6.90
N VAL A 43 4.48 3.43 6.96
CA VAL A 43 3.77 2.33 7.58
C VAL A 43 3.21 1.41 6.51
N GLY A 44 3.92 0.32 6.28
CA GLY A 44 3.57 -0.56 5.18
C GLY A 44 4.19 -1.94 5.33
N ARG A 45 3.64 -2.72 6.24
CA ARG A 45 4.05 -4.11 6.38
C ARG A 45 3.21 -4.96 5.45
N ARG A 46 2.01 -4.45 5.16
CA ARG A 46 1.10 -5.07 4.22
C ARG A 46 0.52 -3.97 3.34
N LEU A 47 -0.45 -4.32 2.50
CA LEU A 47 -1.08 -3.33 1.63
C LEU A 47 -2.41 -3.83 1.11
N TYR A 48 -3.43 -3.03 1.31
CA TYR A 48 -4.72 -3.34 0.75
C TYR A 48 -5.20 -2.21 -0.16
N TYR A 49 -5.71 -2.60 -1.31
CA TYR A 49 -6.30 -1.67 -2.25
C TYR A 49 -7.50 -2.36 -2.90
N LYS A 50 -8.42 -1.57 -3.41
CA LYS A 50 -9.57 -2.13 -4.09
C LYS A 50 -9.18 -2.50 -5.52
N LEU A 51 -9.86 -3.49 -6.06
CA LEU A 51 -9.56 -4.06 -7.38
C LEU A 51 -9.18 -3.01 -8.43
N GLY A 52 -9.79 -1.82 -8.38
CA GLY A 52 -9.49 -0.80 -9.36
C GLY A 52 -9.14 0.54 -8.74
N ARG A 53 -8.92 0.56 -7.43
CA ARG A 53 -8.55 1.81 -6.75
C ARG A 53 -7.60 1.53 -5.60
N LYS A 54 -6.47 2.22 -5.60
CA LYS A 54 -5.48 2.07 -4.53
C LYS A 54 -5.86 2.91 -3.31
N LEU A 55 -6.97 2.55 -2.69
CA LEU A 55 -7.41 3.20 -1.47
C LEU A 55 -7.62 2.15 -0.39
N CYS A 56 -7.43 2.52 0.86
CA CYS A 56 -7.44 1.56 1.95
C CYS A 56 -8.82 0.96 2.17
N ARG A 57 -8.86 0.00 3.08
CA ARG A 57 -10.11 -0.65 3.45
C ARG A 57 -10.95 0.26 4.32
N ARG A 58 -10.29 1.13 5.08
CA ARG A 58 -10.99 2.03 5.98
C ARG A 58 -11.65 3.16 5.21
N ASP A 59 -10.92 3.72 4.25
CA ASP A 59 -11.46 4.78 3.42
C ASP A 59 -12.57 4.24 2.54
N TYR A 60 -12.30 3.10 1.93
CA TYR A 60 -13.29 2.41 1.11
C TYR A 60 -14.53 2.10 1.95
N LEU A 61 -14.30 1.70 3.19
CA LEU A 61 -15.37 1.35 4.12
C LEU A 61 -16.30 2.54 4.37
N ARG A 62 -15.75 3.74 4.30
CA ARG A 62 -16.51 4.92 4.62
C ARG A 62 -17.33 5.41 3.42
N LEU A 63 -16.93 5.02 2.22
CA LEU A 63 -17.68 5.41 1.03
C LEU A 63 -18.52 4.26 0.49
N GLY A 64 -17.87 3.17 0.11
CA GLY A 64 -18.59 2.03 -0.43
C GLY A 64 -18.91 1.00 0.62
N GLY A 65 -17.95 0.80 1.54
CA GLY A 65 -18.06 -0.14 2.65
C GLY A 65 -19.00 -1.32 2.46
N SER A 66 -18.95 -1.93 1.27
CA SER A 66 -19.77 -3.11 0.98
C SER A 66 -19.38 -4.27 1.89
N GLY A 67 -18.08 -4.44 2.06
CA GLY A 67 -17.58 -5.48 2.95
C GLY A 67 -17.47 -5.00 4.38
N GLY A 68 -17.99 -3.81 4.64
CA GLY A 68 -18.04 -3.29 5.98
C GLY A 68 -19.36 -3.60 6.64
N HIS A 69 -20.43 -3.09 6.02
CA HIS A 69 -21.80 -3.36 6.45
C HIS A 69 -22.04 -2.99 7.91
N MET A 70 -21.72 -3.89 8.83
CA MET A 70 -21.83 -3.62 10.25
C MET A 70 -20.80 -2.58 10.67
N GLY A 71 -19.53 -2.87 10.38
CA GLY A 71 -18.48 -1.92 10.65
C GLY A 71 -17.86 -2.11 12.02
N SER A 72 -18.55 -1.67 13.05
CA SER A 72 -18.06 -1.75 14.41
C SER A 72 -18.18 -3.18 14.95
N GLY A 73 -17.34 -4.06 14.44
CA GLY A 73 -17.39 -5.45 14.81
C GLY A 73 -18.64 -6.13 14.28
N GLY A 74 -19.58 -6.40 15.18
CA GLY A 74 -20.86 -6.93 14.77
C GLY A 74 -21.95 -5.87 14.87
N ASP A 75 -21.65 -4.80 15.60
CA ASP A 75 -22.58 -3.70 15.75
C ASP A 75 -22.61 -2.85 14.50
N VAL A 76 -23.79 -2.75 13.90
CA VAL A 76 -23.97 -1.97 12.68
C VAL A 76 -24.00 -0.48 13.01
N MET A 77 -23.10 0.27 12.37
CA MET A 77 -22.98 1.70 12.62
C MET A 77 -24.23 2.45 12.20
N VAL A 78 -24.40 3.65 12.74
CA VAL A 78 -25.54 4.49 12.43
C VAL A 78 -25.24 5.39 11.23
N VAL A 79 -25.38 6.70 11.41
CA VAL A 79 -25.15 7.64 10.32
C VAL A 79 -23.91 8.50 10.59
N GLY A 80 -23.48 8.51 11.84
CA GLY A 80 -22.28 9.24 12.21
C GLY A 80 -21.16 8.28 12.54
N GLU A 81 -20.68 7.57 11.54
CA GLU A 81 -19.71 6.51 11.73
C GLU A 81 -18.32 6.89 11.22
N PRO A 82 -17.40 7.20 12.15
CA PRO A 82 -16.03 7.56 11.83
C PRO A 82 -15.07 6.36 11.99
N THR A 83 -13.81 6.65 12.28
CA THR A 83 -12.84 5.61 12.59
C THR A 83 -13.05 5.13 14.03
N LEU A 84 -13.96 4.17 14.19
CA LEU A 84 -14.37 3.71 15.51
C LEU A 84 -13.19 3.14 16.30
N MET A 85 -13.33 3.15 17.63
CA MET A 85 -12.33 2.57 18.52
C MET A 85 -12.21 1.07 18.24
N GLY A 86 -13.36 0.45 18.03
CA GLY A 86 -13.38 -0.94 17.60
C GLY A 86 -13.46 -1.05 16.10
N GLY A 87 -14.33 -1.92 15.60
CA GLY A 87 -14.52 -2.06 14.17
C GLY A 87 -13.23 -2.28 13.43
N GLU A 88 -12.49 -3.31 13.81
CA GLU A 88 -11.22 -3.59 13.18
C GLU A 88 -11.42 -4.31 11.86
N PHE A 89 -11.66 -3.53 10.82
CA PHE A 89 -11.92 -4.09 9.49
C PHE A 89 -10.67 -4.78 8.96
N GLY A 90 -10.87 -5.66 8.00
CA GLY A 90 -9.76 -6.38 7.42
C GLY A 90 -9.53 -5.97 5.98
N ASP A 91 -9.67 -6.92 5.07
CA ASP A 91 -9.44 -6.69 3.67
C ASP A 91 -10.29 -7.63 2.83
N GLU A 92 -9.63 -8.50 2.10
CA GLU A 92 -10.30 -9.53 1.31
C GLU A 92 -9.26 -10.55 0.86
N ASP A 93 -8.21 -10.06 0.22
CA ASP A 93 -7.07 -10.87 -0.17
C ASP A 93 -5.79 -10.09 0.02
N GLU A 94 -5.82 -8.81 -0.37
CA GLU A 94 -4.69 -7.88 -0.22
C GLU A 94 -3.53 -8.25 -1.15
N ARG A 95 -2.63 -7.30 -1.38
CA ARG A 95 -1.52 -7.52 -2.28
C ARG A 95 -0.17 -7.35 -1.57
N LEU A 96 -0.21 -6.71 -0.39
CA LEU A 96 1.01 -6.41 0.38
C LEU A 96 1.95 -5.51 -0.41
N ILE A 97 3.15 -5.32 0.10
CA ILE A 97 4.17 -4.56 -0.60
C ILE A 97 5.56 -4.98 -0.14
N THR A 98 6.45 -5.13 -1.08
CA THR A 98 7.81 -5.47 -0.77
C THR A 98 8.73 -4.37 -1.29
N ARG A 99 9.59 -3.89 -0.42
CA ARG A 99 10.52 -2.85 -0.79
C ARG A 99 11.68 -3.49 -1.54
N LEU A 100 11.67 -3.34 -2.85
CA LEU A 100 12.66 -4.01 -3.68
C LEU A 100 13.90 -3.17 -3.82
N GLU A 101 14.93 -3.82 -4.27
CA GLU A 101 16.21 -3.18 -4.52
C GLU A 101 16.35 -2.89 -6.00
N ASN A 102 16.65 -1.65 -6.32
CA ASN A 102 16.73 -1.22 -7.72
C ASN A 102 18.13 -1.43 -8.27
N THR A 103 18.32 -1.09 -9.54
CA THR A 103 19.60 -1.26 -10.22
C THR A 103 20.76 -0.63 -9.43
N GLN A 104 20.57 0.63 -9.04
CA GLN A 104 21.60 1.37 -8.32
C GLN A 104 22.12 0.61 -7.11
N PHE A 105 21.23 -0.05 -6.38
CA PHE A 105 21.62 -0.83 -5.21
C PHE A 105 20.87 -2.15 -5.18
N ASP A 106 21.43 -3.15 -5.82
CA ASP A 106 20.84 -4.48 -5.83
C ASP A 106 21.56 -5.37 -4.81
N ALA A 107 22.26 -6.38 -5.31
CA ALA A 107 23.01 -7.31 -4.49
C ALA A 107 22.11 -8.08 -3.52
N ALA A 108 20.87 -8.29 -3.93
CA ALA A 108 19.92 -9.04 -3.11
C ALA A 108 19.68 -10.42 -3.69
N ASN A 109 18.80 -10.50 -4.67
CA ASN A 109 18.53 -11.75 -5.37
C ASN A 109 19.57 -11.96 -6.46
N GLY A 110 19.99 -10.85 -7.06
CA GLY A 110 21.04 -10.90 -8.06
C GLY A 110 22.35 -10.41 -7.51
N ILE A 111 23.41 -10.60 -8.27
CA ILE A 111 24.72 -10.12 -7.86
C ILE A 111 24.96 -8.73 -8.43
N ASP A 112 24.05 -7.82 -8.09
CA ASP A 112 24.06 -6.43 -8.59
C ASP A 112 23.60 -6.37 -10.04
N ASP A 113 24.31 -7.08 -10.89
CA ASP A 113 23.97 -7.17 -12.29
C ASP A 113 22.93 -8.27 -12.53
N GLU A 114 21.67 -7.89 -12.47
CA GLU A 114 20.58 -8.82 -12.70
C GLU A 114 19.62 -8.24 -13.72
ZN ZN B . 7.00 8.30 -8.02
ZN ZN C . -6.90 5.51 3.01
N GLY A 1 18.05 -1.56 -20.10
CA GLY A 1 17.57 -0.35 -20.81
C GLY A 1 16.81 0.59 -19.90
N SER A 2 15.52 0.36 -19.77
CA SER A 2 14.68 1.17 -18.91
C SER A 2 14.62 0.59 -17.50
N LEU A 3 14.72 1.46 -16.50
CA LEU A 3 14.75 1.03 -15.10
C LEU A 3 13.36 0.56 -14.64
N LEU A 4 12.70 1.39 -13.85
CA LEU A 4 11.38 1.05 -13.33
C LEU A 4 10.43 2.23 -13.48
N THR A 5 9.13 1.94 -13.42
CA THR A 5 8.12 2.98 -13.52
C THR A 5 7.03 2.75 -12.47
N CYS A 6 6.62 3.83 -11.81
CA CYS A 6 5.62 3.73 -10.77
C CYS A 6 4.22 3.90 -11.36
N GLY A 7 3.25 3.27 -10.74
CA GLY A 7 1.88 3.32 -11.24
C GLY A 7 1.29 4.70 -11.18
N GLY A 8 1.92 5.58 -10.41
CA GLY A 8 1.48 6.95 -10.34
C GLY A 8 2.44 7.90 -11.03
N CYS A 9 3.65 7.41 -11.33
CA CYS A 9 4.64 8.19 -12.02
C CYS A 9 5.43 7.31 -12.97
N GLN A 10 4.94 7.25 -14.19
CA GLN A 10 5.62 6.56 -15.27
C GLN A 10 6.80 7.40 -15.77
N GLN A 11 7.21 8.36 -14.94
CA GLN A 11 8.36 9.21 -15.23
C GLN A 11 9.65 8.47 -14.91
N ASN A 12 9.51 7.21 -14.53
CA ASN A 12 10.62 6.33 -14.17
C ASN A 12 11.11 6.59 -12.76
N ILE A 13 11.28 5.51 -12.01
CA ILE A 13 11.79 5.59 -10.64
C ILE A 13 13.30 5.69 -10.66
N GLY A 14 13.81 6.84 -10.23
CA GLY A 14 15.25 7.07 -10.27
C GLY A 14 15.84 7.16 -8.88
N ASP A 15 15.06 6.81 -7.88
CA ASP A 15 15.52 6.85 -6.50
C ASP A 15 16.25 5.56 -6.14
N ARG A 16 16.79 5.51 -4.94
CA ARG A 16 17.60 4.37 -4.54
C ARG A 16 16.72 3.22 -4.02
N TYR A 17 15.58 3.55 -3.44
CA TYR A 17 14.69 2.54 -2.90
C TYR A 17 13.27 2.79 -3.39
N PHE A 18 12.46 1.73 -3.46
CA PHE A 18 11.08 1.87 -3.90
C PHE A 18 10.24 0.70 -3.43
N LEU A 19 8.94 0.81 -3.65
CA LEU A 19 7.99 -0.23 -3.29
C LEU A 19 7.30 -0.74 -4.55
N LYS A 20 7.15 -2.04 -4.67
CA LYS A 20 6.53 -2.62 -5.84
C LYS A 20 6.12 -4.06 -5.54
N ALA A 21 5.09 -4.59 -6.26
CA ALA A 21 4.75 -6.03 -6.23
C ALA A 21 3.36 -6.31 -6.77
N ILE A 22 2.47 -5.33 -6.70
CA ILE A 22 1.08 -5.51 -7.12
C ILE A 22 0.99 -6.13 -8.52
N ASP A 23 1.92 -5.71 -9.38
CA ASP A 23 2.08 -6.22 -10.74
C ASP A 23 3.04 -5.31 -11.48
N GLN A 24 3.20 -4.14 -10.90
CA GLN A 24 4.00 -3.09 -11.46
C GLN A 24 4.98 -2.58 -10.42
N TYR A 25 5.59 -1.44 -10.67
CA TYR A 25 6.46 -0.81 -9.69
C TYR A 25 5.83 0.47 -9.18
N TRP A 26 6.30 0.94 -8.04
CA TRP A 26 5.78 2.16 -7.44
C TRP A 26 6.92 2.98 -6.87
N HIS A 27 6.54 4.04 -6.20
CA HIS A 27 7.46 4.80 -5.37
C HIS A 27 7.13 4.46 -3.93
N GLU A 28 8.11 4.53 -3.04
CA GLU A 28 7.91 4.17 -1.65
C GLU A 28 6.77 4.97 -1.02
N ASP A 29 6.82 6.28 -1.17
CA ASP A 29 5.79 7.15 -0.60
C ASP A 29 4.67 7.42 -1.60
N CYS A 30 4.62 6.64 -2.67
CA CYS A 30 3.58 6.79 -3.67
C CYS A 30 2.41 5.88 -3.39
N LEU A 31 2.70 4.70 -2.89
CA LEU A 31 1.66 3.76 -2.49
C LEU A 31 1.04 4.21 -1.16
N SER A 32 0.40 5.36 -1.20
CA SER A 32 -0.19 5.96 -0.02
C SER A 32 -1.72 5.92 -0.09
N CYS A 33 -2.36 6.26 1.02
CA CYS A 33 -3.81 6.26 1.11
C CYS A 33 -4.43 7.34 0.24
N ASP A 34 -5.71 7.19 -0.06
CA ASP A 34 -6.43 8.16 -0.87
C ASP A 34 -7.10 9.21 0.00
N LEU A 35 -7.85 8.76 1.00
CA LEU A 35 -8.56 9.68 1.88
C LEU A 35 -7.70 10.04 3.10
N CYS A 36 -7.14 9.02 3.76
CA CYS A 36 -6.30 9.25 4.93
C CYS A 36 -5.10 10.12 4.58
N GLY A 37 -4.48 9.83 3.45
CA GLY A 37 -3.40 10.65 2.95
C GLY A 37 -2.07 10.38 3.64
N CYS A 38 -1.96 9.23 4.28
CA CYS A 38 -0.71 8.86 4.93
C CYS A 38 0.11 7.98 3.99
N ARG A 39 0.18 6.69 4.28
CA ARG A 39 0.89 5.74 3.43
C ARG A 39 0.33 4.33 3.61
N LEU A 40 -0.99 4.24 3.77
CA LEU A 40 -1.68 2.97 3.95
C LEU A 40 -1.14 2.21 5.16
N GLY A 41 -0.36 1.18 4.91
CA GLY A 41 0.21 0.39 5.99
C GLY A 41 1.61 0.84 6.36
N GLU A 42 2.08 1.89 5.68
CA GLU A 42 3.41 2.47 5.88
C GLU A 42 4.51 1.55 5.35
N VAL A 43 4.61 0.36 5.93
CA VAL A 43 5.56 -0.64 5.47
C VAL A 43 4.87 -1.62 4.53
N GLY A 44 5.65 -2.53 3.94
CA GLY A 44 5.09 -3.52 3.03
C GLY A 44 4.51 -4.70 3.78
N ARG A 45 3.64 -4.41 4.73
CA ARG A 45 2.99 -5.45 5.51
C ARG A 45 1.67 -5.84 4.86
N ARG A 46 0.71 -4.94 4.90
CA ARG A 46 -0.56 -5.15 4.22
C ARG A 46 -0.95 -3.88 3.48
N LEU A 47 -1.34 -4.02 2.22
CA LEU A 47 -1.67 -2.88 1.39
C LEU A 47 -2.87 -3.18 0.52
N TYR A 48 -3.89 -2.35 0.64
CA TYR A 48 -5.07 -2.46 -0.19
C TYR A 48 -5.00 -1.44 -1.31
N TYR A 49 -5.68 -1.71 -2.42
CA TYR A 49 -5.76 -0.75 -3.49
C TYR A 49 -6.95 -1.09 -4.39
N LYS A 50 -7.66 -0.06 -4.81
CA LYS A 50 -8.83 -0.22 -5.66
C LYS A 50 -8.39 -0.38 -7.11
N LEU A 51 -9.33 -0.73 -7.98
CA LEU A 51 -9.07 -1.00 -9.41
C LEU A 51 -7.91 -0.16 -9.98
N GLY A 52 -7.93 1.15 -9.71
CA GLY A 52 -6.86 2.00 -10.19
C GLY A 52 -6.48 3.11 -9.22
N ARG A 53 -6.79 2.90 -7.94
CA ARG A 53 -6.47 3.90 -6.92
C ARG A 53 -6.00 3.25 -5.63
N LYS A 54 -4.84 3.67 -5.15
CA LYS A 54 -4.28 3.12 -3.91
C LYS A 54 -4.96 3.73 -2.69
N LEU A 55 -5.62 2.90 -1.90
CA LEU A 55 -6.29 3.34 -0.69
C LEU A 55 -6.54 2.13 0.21
N CYS A 56 -6.69 2.35 1.51
CA CYS A 56 -6.86 1.24 2.44
C CYS A 56 -8.29 0.74 2.44
N ARG A 57 -8.54 -0.21 3.32
CA ARG A 57 -9.87 -0.76 3.51
C ARG A 57 -10.65 0.10 4.50
N ARG A 58 -9.95 1.01 5.17
CA ARG A 58 -10.56 1.84 6.19
C ARG A 58 -11.06 3.16 5.62
N ASP A 59 -10.28 3.75 4.73
CA ASP A 59 -10.68 5.01 4.11
C ASP A 59 -11.53 4.75 2.88
N TYR A 60 -11.45 3.52 2.37
CA TYR A 60 -12.39 3.05 1.37
C TYR A 60 -13.74 2.81 2.04
N LEU A 61 -13.68 2.43 3.32
CA LEU A 61 -14.86 2.13 4.10
C LEU A 61 -15.72 3.37 4.32
N ARG A 62 -15.16 4.54 4.07
CA ARG A 62 -15.90 5.78 4.18
C ARG A 62 -16.96 5.88 3.07
N LEU A 63 -16.71 5.17 1.99
CA LEU A 63 -17.61 5.22 0.83
C LEU A 63 -18.23 3.84 0.54
N GLY A 64 -17.39 2.81 0.54
CA GLY A 64 -17.87 1.48 0.21
C GLY A 64 -18.15 0.62 1.43
N GLY A 65 -18.01 1.20 2.60
CA GLY A 65 -18.24 0.48 3.83
C GLY A 65 -19.07 1.30 4.79
N SER A 66 -20.09 1.94 4.25
CA SER A 66 -20.91 2.90 4.98
C SER A 66 -21.76 2.27 6.10
N GLY A 67 -21.16 1.35 6.85
CA GLY A 67 -21.85 0.75 7.97
C GLY A 67 -22.18 1.77 9.05
N GLY A 68 -21.29 2.75 9.22
CA GLY A 68 -21.57 3.86 10.10
C GLY A 68 -20.69 3.88 11.33
N HIS A 69 -20.23 2.72 11.78
CA HIS A 69 -19.42 2.64 12.99
C HIS A 69 -18.09 1.97 12.73
N MET A 70 -17.19 2.15 13.68
CA MET A 70 -15.87 1.54 13.61
C MET A 70 -15.93 0.07 14.03
N GLY A 71 -16.97 -0.27 14.79
CA GLY A 71 -17.12 -1.63 15.26
C GLY A 71 -17.49 -2.58 14.14
N SER A 72 -18.29 -2.11 13.20
CA SER A 72 -18.68 -2.91 12.05
C SER A 72 -18.76 -2.05 10.80
N GLY A 73 -17.75 -2.15 9.94
CA GLY A 73 -17.74 -1.37 8.72
C GLY A 73 -18.74 -1.88 7.71
N GLY A 74 -19.01 -3.18 7.76
CA GLY A 74 -20.01 -3.77 6.89
C GLY A 74 -19.50 -3.96 5.48
N ASP A 75 -18.19 -4.07 5.34
CA ASP A 75 -17.58 -4.31 4.03
C ASP A 75 -17.71 -5.78 3.66
N VAL A 76 -18.74 -6.08 2.88
CA VAL A 76 -19.04 -7.45 2.53
C VAL A 76 -19.18 -7.63 1.03
N MET A 77 -18.22 -8.32 0.44
CA MET A 77 -18.22 -8.57 -0.98
C MET A 77 -19.14 -9.75 -1.30
N VAL A 78 -20.32 -9.42 -1.83
CA VAL A 78 -21.36 -10.41 -2.12
C VAL A 78 -21.67 -11.25 -0.88
N VAL A 79 -21.26 -12.51 -0.88
CA VAL A 79 -21.46 -13.39 0.26
C VAL A 79 -20.15 -14.06 0.63
N GLY A 80 -19.05 -13.34 0.44
CA GLY A 80 -17.74 -13.90 0.71
C GLY A 80 -17.38 -13.90 2.18
N GLU A 81 -18.27 -13.36 3.01
CA GLU A 81 -18.06 -13.30 4.47
C GLU A 81 -16.80 -12.54 4.83
N PRO A 82 -16.92 -11.25 5.16
CA PRO A 82 -15.79 -10.39 5.49
C PRO A 82 -15.04 -10.83 6.74
N THR A 83 -13.83 -10.33 6.88
CA THR A 83 -13.02 -10.58 8.06
C THR A 83 -13.45 -9.66 9.20
N LEU A 84 -14.61 -9.94 9.75
CA LEU A 84 -15.19 -9.08 10.77
C LEU A 84 -14.37 -9.14 12.06
N MET A 85 -13.53 -8.14 12.25
CA MET A 85 -12.66 -8.08 13.41
C MET A 85 -12.74 -6.70 14.06
N GLY A 86 -13.92 -6.10 14.02
CA GLY A 86 -14.10 -4.79 14.59
C GLY A 86 -13.61 -3.69 13.69
N GLY A 87 -14.20 -3.61 12.49
CA GLY A 87 -13.84 -2.57 11.54
C GLY A 87 -12.61 -2.93 10.72
N GLU A 88 -11.61 -3.48 11.37
CA GLU A 88 -10.37 -3.79 10.70
C GLU A 88 -10.40 -5.15 10.03
N PHE A 89 -10.99 -5.21 8.84
CA PHE A 89 -11.02 -6.43 8.05
C PHE A 89 -9.72 -6.58 7.25
N GLY A 90 -9.67 -7.61 6.43
CA GLY A 90 -8.53 -7.87 5.60
C GLY A 90 -8.79 -9.06 4.70
N ASP A 91 -9.09 -8.80 3.43
CA ASP A 91 -9.55 -9.84 2.53
C ASP A 91 -8.46 -10.85 2.22
N GLU A 92 -7.72 -10.62 1.15
CA GLU A 92 -6.69 -11.55 0.71
C GLU A 92 -5.68 -10.85 -0.17
N ASP A 93 -6.17 -9.90 -0.94
CA ASP A 93 -5.33 -9.19 -1.90
C ASP A 93 -4.65 -7.99 -1.27
N GLU A 94 -4.65 -7.92 0.07
CA GLU A 94 -3.96 -6.86 0.79
C GLU A 94 -2.46 -7.13 0.88
N ARG A 95 -1.94 -7.76 -0.14
CA ARG A 95 -0.55 -8.15 -0.22
C ARG A 95 0.17 -7.30 -1.26
N LEU A 96 1.03 -7.96 -2.04
CA LEU A 96 1.67 -7.35 -3.20
C LEU A 96 2.45 -6.09 -2.86
N ILE A 97 3.37 -6.20 -1.92
CA ILE A 97 4.32 -5.11 -1.70
C ILE A 97 5.64 -5.62 -1.15
N THR A 98 6.71 -5.14 -1.78
CA THR A 98 8.05 -5.43 -1.34
C THR A 98 8.92 -4.18 -1.47
N ARG A 99 9.77 -3.94 -0.48
CA ARG A 99 10.66 -2.80 -0.51
C ARG A 99 11.94 -3.19 -1.23
N LEU A 100 12.17 -2.58 -2.38
CA LEU A 100 13.30 -2.96 -3.21
C LEU A 100 14.25 -1.79 -3.40
N GLU A 101 15.35 -2.09 -4.05
CA GLU A 101 16.33 -1.09 -4.43
C GLU A 101 16.40 -1.00 -5.95
N ASN A 102 16.64 0.20 -6.46
CA ASN A 102 16.69 0.41 -7.92
C ASN A 102 17.70 -0.53 -8.56
N THR A 103 18.94 -0.44 -8.12
CA THR A 103 19.97 -1.33 -8.58
C THR A 103 20.60 -2.02 -7.37
N GLN A 104 21.91 -1.97 -7.25
CA GLN A 104 22.60 -2.50 -6.10
C GLN A 104 23.22 -1.36 -5.30
N PHE A 105 22.35 -0.50 -4.78
CA PHE A 105 22.78 0.66 -4.02
C PHE A 105 23.01 0.28 -2.58
N ASP A 106 24.07 -0.46 -2.36
CA ASP A 106 24.40 -0.99 -1.05
C ASP A 106 25.31 -0.04 -0.29
N ALA A 107 26.60 -0.14 -0.60
CA ALA A 107 27.62 0.67 0.04
C ALA A 107 27.62 0.48 1.56
N ALA A 108 27.33 -0.74 1.98
CA ALA A 108 27.27 -1.05 3.41
C ALA A 108 28.68 -1.23 3.97
N ASN A 109 29.00 -0.48 5.02
CA ASN A 109 30.33 -0.55 5.63
C ASN A 109 30.55 -1.90 6.30
N GLY A 110 29.47 -2.65 6.54
CA GLY A 110 29.58 -3.99 7.08
C GLY A 110 30.53 -4.84 6.27
N ILE A 111 30.44 -4.69 4.96
CA ILE A 111 31.42 -5.25 4.05
C ILE A 111 32.25 -4.12 3.47
N ASP A 112 31.78 -3.62 2.34
CA ASP A 112 32.32 -2.41 1.72
C ASP A 112 31.45 -2.02 0.53
N ASP A 113 31.74 -0.88 -0.07
CA ASP A 113 30.98 -0.39 -1.21
C ASP A 113 31.45 -1.07 -2.48
N GLU A 114 30.58 -1.85 -3.09
CA GLU A 114 30.91 -2.59 -4.31
C GLU A 114 30.02 -2.13 -5.44
ZN ZN B . 5.36 7.54 -8.04
ZN ZN C . -6.57 4.91 4.23
N GLY A 1 23.20 -1.86 -16.32
CA GLY A 1 21.80 -2.30 -16.25
C GLY A 1 20.85 -1.14 -16.03
N SER A 2 19.56 -1.40 -16.16
CA SER A 2 18.55 -0.36 -15.99
C SER A 2 18.07 -0.31 -14.54
N LEU A 3 17.36 0.75 -14.20
CA LEU A 3 16.79 0.88 -12.87
C LEU A 3 15.32 0.52 -12.91
N LEU A 4 14.63 0.71 -11.79
CA LEU A 4 13.20 0.44 -11.73
C LEU A 4 12.42 1.68 -12.18
N THR A 5 11.18 1.47 -12.56
CA THR A 5 10.33 2.56 -12.98
C THR A 5 9.02 2.55 -12.19
N CYS A 6 8.61 3.72 -11.73
CA CYS A 6 7.42 3.86 -10.93
C CYS A 6 6.20 4.01 -11.83
N GLY A 7 5.11 3.35 -11.45
CA GLY A 7 3.91 3.35 -12.26
C GLY A 7 3.18 4.68 -12.20
N GLY A 8 3.57 5.53 -11.28
CA GLY A 8 2.93 6.82 -11.13
C GLY A 8 3.75 7.93 -11.77
N CYS A 9 5.07 7.76 -11.76
CA CYS A 9 5.97 8.76 -12.32
C CYS A 9 6.49 8.34 -13.69
N GLN A 10 6.99 7.11 -13.77
CA GLN A 10 7.59 6.56 -14.98
C GLN A 10 8.87 7.31 -15.35
N GLN A 11 9.39 8.07 -14.39
CA GLN A 11 10.61 8.85 -14.60
C GLN A 11 11.81 8.15 -13.97
N ASN A 12 11.68 6.83 -13.78
CA ASN A 12 12.74 5.99 -13.20
C ASN A 12 12.93 6.27 -11.70
N ILE A 13 12.92 5.20 -10.92
CA ILE A 13 13.11 5.31 -9.48
C ILE A 13 14.60 5.27 -9.13
N GLY A 14 15.16 6.44 -8.84
CA GLY A 14 16.55 6.53 -8.50
C GLY A 14 16.75 6.78 -7.03
N ASP A 15 15.69 6.64 -6.26
CA ASP A 15 15.71 6.88 -4.83
C ASP A 15 16.51 5.79 -4.12
N ARG A 16 16.62 5.90 -2.80
CA ARG A 16 17.36 4.93 -2.03
C ARG A 16 16.45 3.81 -1.54
N TYR A 17 15.19 4.13 -1.31
CA TYR A 17 14.20 3.13 -0.94
C TYR A 17 13.08 3.19 -1.96
N PHE A 18 12.30 2.12 -2.08
CA PHE A 18 11.19 2.13 -3.02
C PHE A 18 10.19 1.07 -2.65
N LEU A 19 9.00 1.25 -3.15
CA LEU A 19 7.90 0.39 -2.84
C LEU A 19 7.28 -0.16 -4.11
N LYS A 20 6.87 -1.41 -4.11
CA LYS A 20 6.33 -2.05 -5.30
C LYS A 20 5.53 -3.30 -4.92
N ALA A 21 4.46 -3.58 -5.66
CA ALA A 21 3.62 -4.76 -5.37
C ALA A 21 2.43 -4.87 -6.32
N ILE A 22 1.78 -3.73 -6.56
CA ILE A 22 0.54 -3.70 -7.34
C ILE A 22 0.67 -4.48 -8.66
N ASP A 23 1.84 -4.37 -9.29
CA ASP A 23 2.15 -5.07 -10.54
C ASP A 23 3.41 -4.49 -11.14
N GLN A 24 3.74 -3.30 -10.66
CA GLN A 24 4.90 -2.58 -11.13
C GLN A 24 5.65 -2.02 -9.94
N TYR A 25 6.65 -1.21 -10.21
CA TYR A 25 7.40 -0.56 -9.15
C TYR A 25 6.90 0.85 -8.93
N TRP A 26 7.11 1.36 -7.74
CA TRP A 26 6.57 2.65 -7.36
C TRP A 26 7.57 3.43 -6.52
N HIS A 27 7.08 4.49 -5.91
CA HIS A 27 7.85 5.27 -4.96
C HIS A 27 7.24 5.11 -3.57
N GLU A 28 7.86 5.75 -2.58
CA GLU A 28 7.35 5.71 -1.21
C GLU A 28 5.99 6.40 -1.11
N ASP A 29 5.92 7.64 -1.60
CA ASP A 29 4.68 8.41 -1.55
C ASP A 29 3.84 8.18 -2.80
N CYS A 30 4.27 7.23 -3.59
CA CYS A 30 3.57 6.88 -4.80
C CYS A 30 2.71 5.65 -4.58
N LEU A 31 3.32 4.59 -4.08
CA LEU A 31 2.56 3.41 -3.66
C LEU A 31 2.05 3.59 -2.24
N SER A 32 1.06 4.46 -2.09
CA SER A 32 0.39 4.60 -0.82
C SER A 32 -1.11 4.50 -0.98
N CYS A 33 -1.83 5.59 -0.77
CA CYS A 33 -3.28 5.58 -0.87
C CYS A 33 -3.80 6.59 -1.88
N ASP A 34 -5.09 6.45 -2.20
CA ASP A 34 -5.81 7.43 -2.98
C ASP A 34 -6.54 8.39 -2.05
N LEU A 35 -7.45 7.84 -1.26
CA LEU A 35 -8.29 8.62 -0.36
C LEU A 35 -7.45 9.34 0.70
N CYS A 36 -6.40 8.69 1.17
CA CYS A 36 -5.50 9.31 2.15
C CYS A 36 -4.78 10.52 1.56
N GLY A 37 -4.82 10.65 0.23
CA GLY A 37 -4.31 11.84 -0.41
C GLY A 37 -2.90 11.69 -0.94
N CYS A 38 -2.40 10.46 -0.96
CA CYS A 38 -1.03 10.20 -1.41
C CYS A 38 -0.96 10.13 -2.93
N ARG A 39 -1.42 9.03 -3.49
CA ARG A 39 -1.44 8.84 -4.94
C ARG A 39 -2.45 7.76 -5.34
N LEU A 40 -1.95 6.54 -5.60
CA LEU A 40 -2.76 5.38 -5.97
C LEU A 40 -4.00 5.75 -6.80
N GLY A 41 -3.83 5.88 -8.11
CA GLY A 41 -4.96 6.17 -8.97
C GLY A 41 -5.01 5.24 -10.17
N GLU A 42 -4.49 5.75 -11.29
CA GLU A 42 -4.37 5.04 -12.58
C GLU A 42 -4.99 3.62 -12.60
N VAL A 43 -4.15 2.59 -12.44
CA VAL A 43 -4.63 1.21 -12.55
C VAL A 43 -3.78 0.25 -11.70
N GLY A 44 -4.16 -1.03 -11.67
CA GLY A 44 -3.42 -2.02 -10.91
C GLY A 44 -3.87 -3.43 -11.21
N ARG A 45 -3.36 -4.40 -10.44
CA ARG A 45 -3.76 -5.79 -10.61
C ARG A 45 -3.68 -6.55 -9.29
N ARG A 46 -2.47 -6.73 -8.77
CA ARG A 46 -2.27 -7.46 -7.52
C ARG A 46 -2.12 -6.49 -6.35
N LEU A 47 -3.25 -6.06 -5.80
CA LEU A 47 -3.29 -5.16 -4.66
C LEU A 47 -4.74 -4.82 -4.35
N TYR A 48 -5.06 -4.70 -3.08
CA TYR A 48 -6.42 -4.40 -2.71
C TYR A 48 -6.71 -2.92 -2.84
N TYR A 49 -7.28 -2.55 -3.96
CA TYR A 49 -7.81 -1.22 -4.16
C TYR A 49 -9.29 -1.35 -4.52
N LYS A 50 -10.04 -0.29 -4.36
CA LYS A 50 -11.48 -0.35 -4.57
C LYS A 50 -11.83 -0.26 -6.05
N LEU A 51 -13.08 -0.60 -6.37
CA LEU A 51 -13.61 -0.65 -7.74
C LEU A 51 -12.89 0.29 -8.69
N GLY A 52 -12.95 1.57 -8.40
CA GLY A 52 -12.26 2.55 -9.21
C GLY A 52 -11.56 3.59 -8.36
N ARG A 53 -11.12 3.17 -7.18
CA ARG A 53 -10.40 4.06 -6.27
C ARG A 53 -9.44 3.26 -5.43
N LYS A 54 -8.16 3.48 -5.64
CA LYS A 54 -7.13 2.74 -4.93
C LYS A 54 -6.94 3.28 -3.52
N LEU A 55 -7.94 3.06 -2.67
CA LEU A 55 -7.89 3.49 -1.28
C LEU A 55 -7.49 2.31 -0.39
N CYS A 56 -7.26 2.55 0.89
CA CYS A 56 -6.78 1.48 1.76
C CYS A 56 -7.92 0.75 2.42
N ARG A 57 -7.57 -0.35 3.05
CA ARG A 57 -8.53 -1.14 3.82
C ARG A 57 -8.78 -0.47 5.17
N ARG A 58 -8.08 0.63 5.41
CA ARG A 58 -8.17 1.31 6.70
C ARG A 58 -9.09 2.52 6.63
N ASP A 59 -8.89 3.39 5.64
CA ASP A 59 -9.76 4.57 5.51
C ASP A 59 -11.12 4.15 4.97
N TYR A 60 -11.16 3.01 4.28
CA TYR A 60 -12.41 2.42 3.83
C TYR A 60 -13.18 1.91 5.05
N LEU A 61 -12.43 1.43 6.03
CA LEU A 61 -13.00 0.93 7.27
C LEU A 61 -13.68 2.03 8.06
N ARG A 62 -13.33 3.29 7.74
CA ARG A 62 -13.93 4.44 8.40
C ARG A 62 -15.41 4.56 8.02
N LEU A 63 -15.75 4.07 6.84
CA LEU A 63 -17.11 4.19 6.32
C LEU A 63 -17.74 2.82 6.12
N GLY A 64 -17.14 2.01 5.26
CA GLY A 64 -17.69 0.70 4.95
C GLY A 64 -17.16 -0.39 5.85
N GLY A 65 -16.68 -0.01 7.02
CA GLY A 65 -16.19 -0.99 7.96
C GLY A 65 -17.17 -1.21 9.09
N SER A 66 -16.81 -0.72 10.27
CA SER A 66 -17.65 -0.84 11.44
C SER A 66 -18.26 0.51 11.82
N GLY A 67 -17.71 1.14 12.85
CA GLY A 67 -18.20 2.43 13.28
C GLY A 67 -17.34 3.57 12.78
N GLY A 68 -16.12 3.24 12.38
CA GLY A 68 -15.21 4.25 11.86
C GLY A 68 -13.90 4.28 12.60
N HIS A 69 -13.88 3.65 13.77
CA HIS A 69 -12.68 3.58 14.61
C HIS A 69 -11.54 2.86 13.90
N MET A 70 -10.43 2.71 14.61
CA MET A 70 -9.28 2.01 14.07
C MET A 70 -9.38 0.52 14.36
N GLY A 71 -9.12 0.15 15.60
CA GLY A 71 -9.24 -1.24 16.02
C GLY A 71 -8.16 -2.13 15.41
N SER A 72 -8.13 -2.18 14.07
CA SER A 72 -7.15 -2.96 13.32
C SER A 72 -7.24 -4.45 13.62
N GLY A 73 -7.96 -5.18 12.77
CA GLY A 73 -8.02 -6.63 12.90
C GLY A 73 -9.36 -7.22 12.50
N GLY A 74 -10.21 -7.40 13.48
CA GLY A 74 -11.51 -8.00 13.24
C GLY A 74 -12.21 -8.30 14.54
N ASP A 75 -12.84 -9.47 14.62
CA ASP A 75 -13.44 -9.91 15.86
C ASP A 75 -12.37 -10.55 16.74
N VAL A 76 -12.45 -10.31 18.04
CA VAL A 76 -11.47 -10.85 18.97
C VAL A 76 -11.76 -12.32 19.26
N MET A 77 -11.09 -13.19 18.51
CA MET A 77 -11.25 -14.63 18.69
C MET A 77 -10.18 -15.15 19.62
N VAL A 78 -10.27 -16.43 19.98
CA VAL A 78 -9.23 -17.06 20.80
C VAL A 78 -7.95 -17.22 20.00
N VAL A 79 -8.09 -17.18 18.69
CA VAL A 79 -6.95 -17.22 17.78
C VAL A 79 -6.82 -15.90 17.05
N GLY A 80 -7.34 -14.84 17.67
CA GLY A 80 -7.31 -13.53 17.05
C GLY A 80 -5.90 -12.98 16.94
N GLU A 81 -5.18 -12.98 18.06
CA GLU A 81 -3.78 -12.53 18.10
C GLU A 81 -3.67 -11.05 17.69
N PRO A 82 -2.46 -10.45 17.79
CA PRO A 82 -2.24 -9.03 17.49
C PRO A 82 -3.00 -8.53 16.27
N THR A 83 -2.81 -9.22 15.16
CA THR A 83 -3.40 -8.87 13.88
C THR A 83 -4.88 -8.53 13.96
N LEU A 84 -5.65 -9.37 14.65
CA LEU A 84 -7.10 -9.18 14.73
C LEU A 84 -7.53 -8.56 16.05
N MET A 85 -7.84 -7.27 16.03
CA MET A 85 -8.28 -6.56 17.23
C MET A 85 -9.61 -5.84 17.01
N GLY A 86 -9.75 -5.12 15.89
CA GLY A 86 -10.97 -4.33 15.67
C GLY A 86 -11.37 -4.19 14.21
N GLY A 87 -10.72 -3.27 13.50
CA GLY A 87 -11.08 -2.97 12.12
C GLY A 87 -11.02 -4.18 11.23
N GLU A 88 -12.18 -4.67 10.83
CA GLU A 88 -12.30 -5.95 10.14
C GLU A 88 -11.79 -5.88 8.70
N PHE A 89 -10.65 -6.53 8.47
CA PHE A 89 -10.16 -6.76 7.13
C PHE A 89 -10.36 -8.23 6.77
N GLY A 90 -10.37 -8.54 5.48
CA GLY A 90 -10.57 -9.91 5.06
C GLY A 90 -10.58 -10.08 3.57
N ASP A 91 -9.51 -9.68 2.91
CA ASP A 91 -9.41 -9.78 1.46
C ASP A 91 -8.29 -10.74 1.06
N GLU A 92 -7.09 -10.20 0.93
CA GLU A 92 -5.91 -10.98 0.62
C GLU A 92 -4.75 -10.49 1.48
N ASP A 93 -4.20 -9.35 1.11
CA ASP A 93 -3.16 -8.71 1.90
C ASP A 93 -3.37 -7.21 1.92
N GLU A 94 -4.64 -6.82 1.75
CA GLU A 94 -5.07 -5.41 1.65
C GLU A 94 -4.05 -4.56 0.89
N ARG A 95 -3.34 -3.70 1.61
CA ARG A 95 -2.25 -2.97 1.00
C ARG A 95 -0.96 -3.74 1.14
N LEU A 96 -0.77 -4.70 0.26
CA LEU A 96 0.43 -5.51 0.27
C LEU A 96 1.59 -4.70 -0.28
N ILE A 97 2.56 -4.38 0.55
CA ILE A 97 3.70 -3.59 0.12
C ILE A 97 4.97 -4.00 0.82
N THR A 98 5.97 -4.32 0.05
CA THR A 98 7.28 -4.60 0.56
C THR A 98 8.15 -3.37 0.42
N ARG A 99 8.44 -2.74 1.55
CA ARG A 99 9.28 -1.55 1.56
C ARG A 99 10.71 -1.97 1.24
N LEU A 100 11.06 -1.93 -0.03
CA LEU A 100 12.32 -2.49 -0.46
C LEU A 100 13.39 -1.42 -0.62
N GLU A 101 14.60 -1.88 -0.79
CA GLU A 101 15.74 -1.01 -0.95
C GLU A 101 16.21 -1.03 -2.38
N ASN A 102 16.57 0.13 -2.91
CA ASN A 102 17.04 0.23 -4.28
C ASN A 102 18.47 -0.30 -4.40
N THR A 103 18.80 -0.85 -5.55
CA THR A 103 20.15 -1.35 -5.79
C THR A 103 21.15 -0.21 -5.69
N GLN A 104 20.87 0.87 -6.41
CA GLN A 104 21.64 2.09 -6.31
C GLN A 104 21.16 2.91 -5.12
N PHE A 105 21.15 2.28 -3.95
CA PHE A 105 20.67 2.89 -2.72
C PHE A 105 21.47 4.15 -2.41
N ASP A 106 22.77 3.96 -2.16
CA ASP A 106 23.73 5.04 -1.92
C ASP A 106 23.24 6.05 -0.90
N ALA A 107 22.45 6.97 -1.40
CA ALA A 107 21.84 8.05 -0.62
C ALA A 107 22.90 9.01 -0.08
N ALA A 108 24.01 9.13 -0.82
CA ALA A 108 25.06 10.07 -0.46
C ALA A 108 25.31 11.02 -1.62
N ASN A 109 25.44 10.45 -2.81
CA ASN A 109 25.54 11.23 -4.03
C ASN A 109 24.19 11.27 -4.71
N GLY A 110 23.47 10.16 -4.62
CA GLY A 110 22.16 10.05 -5.21
C GLY A 110 21.92 8.70 -5.81
N ILE A 111 21.70 8.67 -7.12
CA ILE A 111 21.54 7.41 -7.84
C ILE A 111 22.90 6.81 -8.19
N ASP A 112 23.96 7.50 -7.77
CA ASP A 112 25.31 7.05 -7.98
C ASP A 112 25.81 6.25 -6.80
N ASP A 113 25.37 5.00 -6.72
CA ASP A 113 25.75 4.10 -5.64
C ASP A 113 27.26 3.99 -5.53
N GLU A 114 27.76 3.98 -4.31
CA GLU A 114 29.18 3.86 -4.07
C GLU A 114 29.45 2.56 -3.33
ZN ZN B . 6.68 7.78 -8.32
ZN ZN C . -6.06 5.33 2.76
N GLY A 1 16.01 3.78 -23.49
CA GLY A 1 14.93 3.12 -22.73
C GLY A 1 14.80 3.71 -21.34
N SER A 2 13.72 3.38 -20.65
CA SER A 2 13.46 3.89 -19.32
C SER A 2 13.58 2.76 -18.28
N LEU A 3 13.80 3.13 -17.02
CA LEU A 3 13.93 2.16 -15.95
C LEU A 3 12.56 1.66 -15.49
N LEU A 4 12.16 2.06 -14.30
CA LEU A 4 10.84 1.71 -13.79
C LEU A 4 9.96 2.94 -13.70
N THR A 5 8.66 2.72 -13.64
CA THR A 5 7.73 3.81 -13.47
C THR A 5 6.71 3.48 -12.41
N CYS A 6 6.53 4.40 -11.47
CA CYS A 6 5.65 4.18 -10.34
C CYS A 6 4.21 4.54 -10.70
N GLY A 7 3.27 3.79 -10.14
CA GLY A 7 1.87 4.02 -10.47
C GLY A 7 1.26 5.15 -9.64
N GLY A 8 2.06 5.70 -8.74
CA GLY A 8 1.58 6.78 -7.90
C GLY A 8 1.79 8.13 -8.53
N CYS A 9 2.98 8.37 -9.05
CA CYS A 9 3.29 9.66 -9.66
C CYS A 9 3.69 9.50 -11.13
N GLN A 10 4.29 8.36 -11.45
CA GLN A 10 4.74 8.05 -12.81
C GLN A 10 5.87 8.96 -13.26
N GLN A 11 6.62 9.50 -12.32
CA GLN A 11 7.77 10.35 -12.65
C GLN A 11 9.01 9.52 -12.98
N ASN A 12 8.82 8.20 -13.01
CA ASN A 12 9.91 7.24 -13.23
C ASN A 12 10.74 7.07 -11.95
N ILE A 13 11.06 5.83 -11.63
CA ILE A 13 11.82 5.53 -10.43
C ILE A 13 13.31 5.49 -10.73
N GLY A 14 14.02 6.51 -10.26
CA GLY A 14 15.44 6.60 -10.50
C GLY A 14 16.24 6.43 -9.23
N ASP A 15 15.54 6.16 -8.13
CA ASP A 15 16.19 5.94 -6.84
C ASP A 15 16.89 4.59 -6.84
N ARG A 16 17.56 4.25 -5.75
CA ARG A 16 18.26 2.98 -5.67
C ARG A 16 17.35 1.90 -5.08
N TYR A 17 16.41 2.31 -4.24
CA TYR A 17 15.48 1.39 -3.63
C TYR A 17 14.05 1.81 -3.91
N PHE A 18 13.18 0.84 -4.16
CA PHE A 18 11.79 1.14 -4.46
C PHE A 18 10.87 0.01 -4.03
N LEU A 19 9.57 0.23 -4.19
CA LEU A 19 8.58 -0.75 -3.81
C LEU A 19 7.78 -1.18 -5.04
N LYS A 20 7.47 -2.47 -5.16
CA LYS A 20 6.67 -2.96 -6.26
C LYS A 20 6.10 -4.34 -5.89
N ALA A 21 4.89 -4.66 -6.38
CA ALA A 21 4.26 -5.96 -6.11
C ALA A 21 2.81 -5.99 -6.59
N ILE A 22 2.10 -4.89 -6.37
CA ILE A 22 0.66 -4.82 -6.63
C ILE A 22 0.31 -5.26 -8.05
N ASP A 23 0.98 -4.67 -9.03
CA ASP A 23 0.73 -4.94 -10.44
C ASP A 23 1.75 -4.20 -11.28
N GLN A 24 2.35 -3.21 -10.67
CA GLN A 24 3.35 -2.40 -11.32
C GLN A 24 4.39 -1.96 -10.30
N TYR A 25 5.34 -1.17 -10.73
CA TYR A 25 6.36 -0.66 -9.85
C TYR A 25 5.87 0.62 -9.18
N TRP A 26 6.37 0.90 -7.98
CA TRP A 26 5.94 2.05 -7.23
C TRP A 26 7.15 2.81 -6.70
N HIS A 27 6.87 3.73 -5.80
CA HIS A 27 7.92 4.45 -5.10
C HIS A 27 7.81 4.14 -3.61
N GLU A 28 8.89 4.35 -2.87
CA GLU A 28 8.92 4.04 -1.46
C GLU A 28 7.91 4.89 -0.67
N ASP A 29 7.75 6.14 -1.06
CA ASP A 29 6.90 7.07 -0.33
C ASP A 29 5.69 7.53 -1.16
N CYS A 30 5.52 6.95 -2.33
CA CYS A 30 4.43 7.34 -3.21
C CYS A 30 3.16 6.58 -2.88
N LEU A 31 3.31 5.31 -2.55
CA LEU A 31 2.18 4.43 -2.29
C LEU A 31 1.31 4.97 -1.16
N SER A 32 0.26 5.68 -1.53
CA SER A 32 -0.68 6.27 -0.59
C SER A 32 -2.03 6.38 -1.28
N CYS A 33 -3.12 6.41 -0.51
CA CYS A 33 -4.45 6.44 -1.10
C CYS A 33 -4.72 7.76 -1.80
N ASP A 34 -5.79 7.79 -2.57
CA ASP A 34 -6.23 9.01 -3.24
C ASP A 34 -6.92 9.94 -2.26
N LEU A 35 -7.81 9.36 -1.46
CA LEU A 35 -8.61 10.14 -0.51
C LEU A 35 -7.75 10.67 0.63
N CYS A 36 -7.17 9.78 1.41
CA CYS A 36 -6.32 10.19 2.53
C CYS A 36 -4.89 10.41 2.08
N GLY A 37 -4.26 9.34 1.62
CA GLY A 37 -2.89 9.43 1.13
C GLY A 37 -1.90 9.66 2.24
N CYS A 38 -1.85 8.73 3.19
CA CYS A 38 -0.91 8.81 4.28
C CYS A 38 0.44 8.22 3.86
N ARG A 39 0.55 6.89 3.94
CA ARG A 39 1.76 6.19 3.54
C ARG A 39 1.58 4.69 3.71
N LEU A 40 1.59 3.96 2.60
CA LEU A 40 1.54 2.51 2.62
C LEU A 40 2.84 1.96 2.03
N GLY A 41 3.92 2.04 2.78
CA GLY A 41 5.22 1.68 2.25
C GLY A 41 5.95 0.67 3.11
N GLU A 42 5.25 -0.37 3.55
CA GLU A 42 5.86 -1.43 4.32
C GLU A 42 6.25 -2.59 3.40
N VAL A 43 6.39 -3.79 3.96
CA VAL A 43 6.71 -4.96 3.14
C VAL A 43 5.72 -6.09 3.39
N GLY A 44 4.68 -5.81 4.16
CA GLY A 44 3.67 -6.82 4.41
C GLY A 44 2.88 -6.56 5.69
N ARG A 45 1.92 -5.65 5.63
CA ARG A 45 1.10 -5.35 6.79
C ARG A 45 -0.23 -4.73 6.35
N ARG A 46 -0.29 -3.41 6.32
CA ARG A 46 -1.52 -2.73 5.93
C ARG A 46 -1.40 -2.20 4.51
N LEU A 47 -1.37 -3.11 3.54
CA LEU A 47 -1.36 -2.71 2.14
C LEU A 47 -2.60 -3.25 1.44
N TYR A 48 -3.43 -2.33 0.95
CA TYR A 48 -4.63 -2.68 0.24
C TYR A 48 -4.78 -1.76 -0.96
N TYR A 49 -5.59 -2.14 -1.92
CA TYR A 49 -5.84 -1.29 -3.09
C TYR A 49 -7.12 -1.71 -3.80
N LYS A 50 -7.84 -0.73 -4.31
CA LYS A 50 -9.12 -0.98 -4.97
C LYS A 50 -8.91 -1.44 -6.41
N LEU A 51 -10.00 -1.88 -7.03
CA LEU A 51 -10.01 -2.42 -8.39
C LEU A 51 -9.01 -1.73 -9.33
N GLY A 52 -8.96 -0.41 -9.33
CA GLY A 52 -8.05 0.29 -10.23
C GLY A 52 -7.45 1.54 -9.62
N ARG A 53 -7.44 1.64 -8.30
CA ARG A 53 -6.85 2.80 -7.63
C ARG A 53 -6.29 2.43 -6.27
N LYS A 54 -5.25 3.15 -5.85
CA LYS A 54 -4.65 2.93 -4.55
C LYS A 54 -5.47 3.62 -3.47
N LEU A 55 -5.84 2.86 -2.44
CA LEU A 55 -6.60 3.39 -1.32
C LEU A 55 -6.45 2.45 -0.12
N CYS A 56 -6.70 2.94 1.09
CA CYS A 56 -6.56 2.08 2.26
C CYS A 56 -7.85 1.34 2.54
N ARG A 57 -7.82 0.51 3.57
CA ARG A 57 -9.00 -0.23 3.98
C ARG A 57 -9.87 0.62 4.88
N ARG A 58 -9.38 1.80 5.25
CA ARG A 58 -10.16 2.71 6.06
C ARG A 58 -10.99 3.63 5.17
N ASP A 59 -10.32 4.26 4.21
CA ASP A 59 -11.02 5.16 3.29
C ASP A 59 -11.82 4.38 2.26
N TYR A 60 -11.52 3.08 2.14
CA TYR A 60 -12.36 2.19 1.36
C TYR A 60 -13.66 1.90 2.14
N LEU A 61 -13.52 1.74 3.44
CA LEU A 61 -14.64 1.49 4.32
C LEU A 61 -15.47 2.76 4.52
N ARG A 62 -14.84 3.89 4.24
CA ARG A 62 -15.48 5.19 4.38
C ARG A 62 -16.62 5.37 3.39
N LEU A 63 -16.49 4.74 2.23
CA LEU A 63 -17.50 4.87 1.18
C LEU A 63 -18.08 3.50 0.79
N GLY A 64 -17.20 2.55 0.56
CA GLY A 64 -17.65 1.21 0.16
C GLY A 64 -17.80 0.29 1.35
N GLY A 65 -17.94 0.86 2.54
CA GLY A 65 -18.14 0.06 3.72
C GLY A 65 -19.41 0.45 4.43
N SER A 66 -19.32 1.41 5.34
CA SER A 66 -20.49 1.91 6.03
C SER A 66 -21.10 3.08 5.26
N GLY A 67 -21.20 4.23 5.90
CA GLY A 67 -21.73 5.40 5.22
C GLY A 67 -20.78 6.56 5.25
N GLY A 68 -20.34 6.94 6.44
CA GLY A 68 -19.43 8.06 6.57
C GLY A 68 -18.49 7.90 7.75
N HIS A 69 -18.70 6.87 8.54
CA HIS A 69 -17.89 6.63 9.73
C HIS A 69 -16.56 5.99 9.37
N MET A 70 -16.07 5.13 10.25
CA MET A 70 -14.78 4.50 10.07
C MET A 70 -14.89 3.23 9.23
N GLY A 71 -15.56 2.23 9.81
CA GLY A 71 -15.64 0.93 9.17
C GLY A 71 -14.89 -0.12 9.97
N SER A 72 -13.75 0.29 10.50
CA SER A 72 -12.97 -0.58 11.37
C SER A 72 -13.68 -0.75 12.71
N GLY A 73 -14.29 -1.91 12.89
CA GLY A 73 -15.10 -2.13 14.06
C GLY A 73 -14.30 -2.66 15.24
N GLY A 74 -14.44 -2.01 16.37
CA GLY A 74 -13.68 -2.41 17.55
C GLY A 74 -12.47 -1.54 17.74
N ASP A 75 -11.46 -1.74 16.91
CA ASP A 75 -10.30 -0.88 16.92
C ASP A 75 -9.72 -0.78 15.51
N VAL A 76 -8.93 0.26 15.27
CA VAL A 76 -8.26 0.40 13.99
C VAL A 76 -6.98 -0.40 14.00
N MET A 77 -6.56 -0.89 12.84
CA MET A 77 -5.38 -1.72 12.76
C MET A 77 -4.13 -0.91 13.07
N VAL A 78 -3.67 -1.01 14.31
CA VAL A 78 -2.50 -0.28 14.75
C VAL A 78 -1.45 -1.23 15.30
N VAL A 79 -1.89 -2.44 15.62
CA VAL A 79 -1.01 -3.49 16.11
C VAL A 79 -0.75 -4.51 15.02
N GLY A 80 -1.11 -4.15 13.79
CA GLY A 80 -0.93 -5.04 12.66
C GLY A 80 -2.09 -6.01 12.52
N GLU A 81 -2.34 -6.78 13.56
CA GLU A 81 -3.41 -7.77 13.53
C GLU A 81 -4.32 -7.63 14.76
N PRO A 82 -5.35 -6.79 14.65
CA PRO A 82 -6.32 -6.58 15.71
C PRO A 82 -7.57 -7.44 15.52
N THR A 83 -8.65 -7.08 16.19
CA THR A 83 -9.92 -7.76 16.00
C THR A 83 -10.86 -6.90 15.17
N LEU A 84 -11.59 -7.53 14.27
CA LEU A 84 -12.46 -6.82 13.36
C LEU A 84 -13.93 -7.08 13.69
N MET A 85 -14.56 -6.11 14.34
CA MET A 85 -15.96 -6.25 14.75
C MET A 85 -16.88 -5.53 13.77
N GLY A 86 -16.30 -5.06 12.68
CA GLY A 86 -17.07 -4.38 11.66
C GLY A 86 -16.63 -4.79 10.28
N GLY A 87 -15.77 -3.99 9.69
CA GLY A 87 -15.16 -4.37 8.42
C GLY A 87 -14.14 -5.46 8.60
N GLU A 88 -14.35 -6.58 7.93
CA GLU A 88 -13.44 -7.71 8.07
C GLU A 88 -12.26 -7.54 7.12
N PHE A 89 -11.26 -6.80 7.59
CA PHE A 89 -10.12 -6.45 6.75
C PHE A 89 -9.25 -7.68 6.48
N GLY A 90 -8.56 -7.63 5.36
CA GLY A 90 -7.61 -8.67 5.03
C GLY A 90 -6.26 -8.06 4.71
N ASP A 91 -5.46 -7.87 5.73
CA ASP A 91 -4.16 -7.22 5.60
C ASP A 91 -3.27 -7.97 4.62
N GLU A 92 -2.95 -9.20 4.97
CA GLU A 92 -2.13 -10.06 4.13
C GLU A 92 -2.98 -10.66 3.02
N ASP A 93 -4.28 -10.73 3.26
CA ASP A 93 -5.22 -11.29 2.30
C ASP A 93 -5.33 -10.40 1.06
N GLU A 94 -5.09 -9.10 1.26
CA GLU A 94 -5.14 -8.15 0.17
C GLU A 94 -3.87 -8.22 -0.68
N ARG A 95 -2.99 -7.26 -0.49
CA ARG A 95 -1.78 -7.17 -1.29
C ARG A 95 -0.57 -6.89 -0.42
N LEU A 96 0.60 -7.17 -0.95
CA LEU A 96 1.85 -6.84 -0.26
C LEU A 96 2.68 -5.92 -1.14
N ILE A 97 3.88 -5.60 -0.69
CA ILE A 97 4.80 -4.80 -1.47
C ILE A 97 6.22 -5.22 -1.18
N THR A 98 7.00 -5.34 -2.22
CA THR A 98 8.36 -5.80 -2.09
C THR A 98 9.32 -4.66 -2.42
N ARG A 99 10.27 -4.42 -1.51
CA ARG A 99 11.25 -3.38 -1.71
C ARG A 99 12.44 -3.92 -2.48
N LEU A 100 12.51 -3.53 -3.74
CA LEU A 100 13.51 -4.07 -4.64
C LEU A 100 14.65 -3.11 -4.87
N GLU A 101 15.64 -3.60 -5.59
CA GLU A 101 16.81 -2.83 -5.96
C GLU A 101 16.71 -2.41 -7.42
N ASN A 102 16.88 -1.11 -7.66
CA ASN A 102 16.74 -0.58 -9.01
C ASN A 102 17.92 -1.01 -9.89
N THR A 103 19.07 -0.39 -9.69
CA THR A 103 20.23 -0.66 -10.51
C THR A 103 21.31 -1.43 -9.73
N GLN A 104 22.51 -0.88 -9.63
CA GLN A 104 23.61 -1.53 -8.94
C GLN A 104 24.38 -0.49 -8.14
N PHE A 105 23.90 -0.23 -6.94
CA PHE A 105 24.47 0.81 -6.08
C PHE A 105 25.99 0.61 -5.90
N ASP A 106 26.36 -0.23 -4.96
CA ASP A 106 27.78 -0.52 -4.73
C ASP A 106 28.10 -1.94 -5.17
N ALA A 107 27.61 -2.90 -4.41
CA ALA A 107 27.76 -4.31 -4.76
C ALA A 107 26.46 -4.86 -5.31
N ALA A 108 25.35 -4.38 -4.75
CA ALA A 108 23.99 -4.77 -5.18
C ALA A 108 23.71 -6.25 -4.91
N ASN A 109 24.37 -7.11 -5.64
CA ASN A 109 24.21 -8.55 -5.47
C ASN A 109 25.27 -9.09 -4.51
N GLY A 110 26.07 -8.19 -3.97
CA GLY A 110 27.11 -8.58 -3.04
C GLY A 110 26.70 -8.33 -1.61
N ILE A 111 27.46 -8.89 -0.68
CA ILE A 111 27.18 -8.70 0.74
C ILE A 111 27.86 -7.44 1.25
N ASP A 112 28.96 -7.08 0.62
CA ASP A 112 29.69 -5.88 0.99
C ASP A 112 29.17 -4.67 0.23
N ASP A 113 27.87 -4.42 0.38
CA ASP A 113 27.23 -3.29 -0.26
C ASP A 113 27.31 -2.07 0.63
N GLU A 114 28.00 -1.04 0.17
CA GLU A 114 28.22 0.16 0.96
C GLU A 114 27.48 1.35 0.36
ZN ZN B . 6.19 7.91 -7.58
ZN ZN C . -6.95 5.99 2.81
N GLY A 1 17.43 7.42 -13.93
CA GLY A 1 16.60 6.38 -13.28
C GLY A 1 16.66 5.07 -14.00
N SER A 2 16.12 4.01 -13.38
CA SER A 2 16.09 2.70 -14.01
C SER A 2 14.88 2.56 -14.92
N LEU A 3 14.77 1.40 -15.57
CA LEU A 3 13.71 1.16 -16.55
C LEU A 3 12.32 1.15 -15.92
N LEU A 4 12.23 0.83 -14.63
CA LEU A 4 10.95 0.77 -13.96
C LEU A 4 10.32 2.15 -13.85
N THR A 5 9.00 2.16 -13.83
CA THR A 5 8.26 3.40 -13.68
C THR A 5 7.21 3.27 -12.59
N CYS A 6 7.13 4.27 -11.74
CA CYS A 6 6.22 4.26 -10.62
C CYS A 6 4.94 5.00 -10.99
N GLY A 7 3.82 4.57 -10.42
CA GLY A 7 2.54 5.17 -10.75
C GLY A 7 2.22 6.35 -9.85
N GLY A 8 3.09 6.63 -8.90
CA GLY A 8 2.87 7.73 -7.98
C GLY A 8 3.42 9.03 -8.51
N CYS A 9 4.32 8.94 -9.48
CA CYS A 9 4.92 10.14 -10.08
C CYS A 9 5.13 9.94 -11.58
N GLN A 10 5.55 8.73 -11.94
CA GLN A 10 5.85 8.37 -13.33
C GLN A 10 7.12 9.05 -13.82
N GLN A 11 8.00 9.40 -12.89
CA GLN A 11 9.26 10.04 -13.23
C GLN A 11 10.39 9.02 -13.36
N ASN A 12 10.00 7.73 -13.43
CA ASN A 12 10.96 6.61 -13.50
C ASN A 12 11.60 6.37 -12.14
N ILE A 13 11.72 5.11 -11.76
CA ILE A 13 12.30 4.75 -10.48
C ILE A 13 13.81 4.62 -10.57
N GLY A 14 14.51 5.58 -10.00
CA GLY A 14 15.96 5.56 -10.02
C GLY A 14 16.54 5.46 -8.62
N ASP A 15 15.66 5.15 -7.67
CA ASP A 15 16.04 5.04 -6.26
C ASP A 15 16.83 3.77 -6.02
N ARG A 16 17.09 3.51 -4.75
CA ARG A 16 17.75 2.28 -4.35
C ARG A 16 16.73 1.24 -3.93
N TYR A 17 15.54 1.69 -3.54
CA TYR A 17 14.49 0.81 -3.06
C TYR A 17 13.16 1.27 -3.63
N PHE A 18 12.23 0.33 -3.79
CA PHE A 18 10.91 0.66 -4.30
C PHE A 18 9.87 -0.36 -3.89
N LEU A 19 8.64 -0.08 -4.25
CA LEU A 19 7.52 -0.97 -3.98
C LEU A 19 6.86 -1.32 -5.30
N LYS A 20 6.26 -2.50 -5.38
CA LYS A 20 5.54 -2.88 -6.59
C LYS A 20 4.59 -4.04 -6.26
N ALA A 21 3.41 -4.07 -6.89
CA ALA A 21 2.43 -5.13 -6.62
C ALA A 21 1.19 -5.03 -7.49
N ILE A 22 0.43 -3.95 -7.28
CA ILE A 22 -0.88 -3.73 -7.92
C ILE A 22 -0.94 -4.25 -9.35
N ASP A 23 0.04 -3.85 -10.15
CA ASP A 23 0.16 -4.27 -11.55
C ASP A 23 1.34 -3.56 -12.18
N GLN A 24 1.80 -2.56 -11.47
CA GLN A 24 2.88 -1.71 -11.93
C GLN A 24 3.95 -1.63 -10.86
N TYR A 25 4.86 -0.69 -11.02
CA TYR A 25 5.89 -0.46 -10.02
C TYR A 25 5.65 0.89 -9.36
N TRP A 26 6.21 1.07 -8.18
CA TRP A 26 5.99 2.27 -7.40
C TRP A 26 7.29 2.78 -6.83
N HIS A 27 7.15 3.68 -5.88
CA HIS A 27 8.29 4.22 -5.15
C HIS A 27 8.10 3.94 -3.66
N GLU A 28 8.99 4.48 -2.84
CA GLU A 28 8.88 4.32 -1.40
C GLU A 28 7.85 5.29 -0.82
N ASP A 29 7.95 6.55 -1.21
CA ASP A 29 7.14 7.61 -0.62
C ASP A 29 6.05 8.12 -1.56
N CYS A 30 5.98 7.51 -2.74
CA CYS A 30 5.03 7.96 -3.75
C CYS A 30 3.63 7.40 -3.49
N LEU A 31 3.56 6.12 -3.16
CA LEU A 31 2.29 5.44 -2.96
C LEU A 31 1.45 6.17 -1.89
N SER A 32 0.37 6.79 -2.33
CA SER A 32 -0.50 7.53 -1.43
C SER A 32 -1.96 7.10 -1.59
N CYS A 33 -2.77 7.46 -0.62
CA CYS A 33 -4.18 7.14 -0.63
C CYS A 33 -4.92 7.89 -1.72
N ASP A 34 -6.10 7.39 -2.02
CA ASP A 34 -7.04 8.10 -2.88
C ASP A 34 -7.94 8.98 -2.02
N LEU A 35 -8.13 8.55 -0.78
CA LEU A 35 -9.01 9.24 0.14
C LEU A 35 -8.24 10.15 1.11
N CYS A 36 -7.28 9.59 1.86
CA CYS A 36 -6.51 10.37 2.82
C CYS A 36 -5.83 11.56 2.13
N GLY A 37 -5.15 11.26 1.03
CA GLY A 37 -4.48 12.30 0.28
C GLY A 37 -3.03 12.48 0.69
N CYS A 38 -2.77 12.26 1.97
CA CYS A 38 -1.42 12.40 2.50
C CYS A 38 -0.53 11.28 1.99
N ARG A 39 -0.74 10.09 2.54
CA ARG A 39 0.00 8.90 2.11
C ARG A 39 -0.77 7.64 2.49
N LEU A 40 -0.07 6.58 2.82
CA LEU A 40 -0.71 5.37 3.29
C LEU A 40 -0.69 5.34 4.82
N GLY A 41 -1.87 5.48 5.41
CA GLY A 41 -1.96 5.58 6.85
C GLY A 41 -2.07 4.23 7.53
N GLU A 42 -2.89 3.36 6.96
CA GLU A 42 -3.10 2.04 7.54
C GLU A 42 -2.40 0.98 6.71
N VAL A 43 -1.57 1.43 5.79
CA VAL A 43 -0.78 0.54 4.96
C VAL A 43 0.70 0.76 5.21
N GLY A 44 1.29 -0.06 6.07
CA GLY A 44 2.69 0.12 6.40
C GLY A 44 3.54 -1.02 5.91
N ARG A 45 2.93 -1.91 5.13
CA ARG A 45 3.64 -3.00 4.46
C ARG A 45 2.68 -3.85 3.65
N ARG A 46 1.44 -3.97 4.11
CA ARG A 46 0.43 -4.71 3.37
C ARG A 46 -0.56 -3.74 2.76
N LEU A 47 -0.70 -3.81 1.45
CA LEU A 47 -1.60 -2.91 0.73
C LEU A 47 -2.95 -3.57 0.51
N TYR A 48 -3.97 -3.03 1.14
CA TYR A 48 -5.33 -3.45 0.89
C TYR A 48 -6.03 -2.38 0.10
N TYR A 49 -5.97 -2.50 -1.21
CA TYR A 49 -6.44 -1.46 -2.09
C TYR A 49 -7.68 -1.91 -2.85
N LYS A 50 -8.45 -0.96 -3.33
CA LYS A 50 -9.58 -1.26 -4.17
C LYS A 50 -9.09 -1.42 -5.61
N LEU A 51 -9.78 -2.27 -6.38
CA LEU A 51 -9.37 -2.64 -7.74
C LEU A 51 -8.65 -1.51 -8.49
N GLY A 52 -9.27 -0.33 -8.51
CA GLY A 52 -8.66 0.81 -9.17
C GLY A 52 -8.42 1.98 -8.24
N ARG A 53 -8.39 1.70 -6.94
CA ARG A 53 -8.12 2.74 -5.95
C ARG A 53 -7.14 2.24 -4.89
N LYS A 54 -5.93 2.76 -4.91
CA LYS A 54 -4.94 2.41 -3.90
C LYS A 54 -5.14 3.26 -2.65
N LEU A 55 -5.63 2.64 -1.60
CA LEU A 55 -5.97 3.35 -0.36
C LEU A 55 -5.75 2.46 0.87
N CYS A 56 -5.92 3.05 2.07
CA CYS A 56 -5.75 2.28 3.31
C CYS A 56 -6.96 1.41 3.59
N ARG A 57 -6.83 0.54 4.60
CA ARG A 57 -7.91 -0.36 4.99
C ARG A 57 -9.16 0.42 5.40
N ARG A 58 -8.98 1.48 6.16
CA ARG A 58 -10.10 2.28 6.65
C ARG A 58 -10.82 2.95 5.49
N ASP A 59 -10.06 3.53 4.58
CA ASP A 59 -10.65 4.19 3.42
C ASP A 59 -11.27 3.18 2.49
N TYR A 60 -10.70 1.98 2.46
CA TYR A 60 -11.25 0.90 1.68
C TYR A 60 -12.60 0.48 2.24
N LEU A 61 -12.69 0.46 3.57
CA LEU A 61 -13.92 0.12 4.27
C LEU A 61 -14.90 1.31 4.28
N ARG A 62 -14.49 2.43 3.68
CA ARG A 62 -15.36 3.60 3.62
C ARG A 62 -16.24 3.54 2.37
N LEU A 63 -15.80 2.77 1.39
CA LEU A 63 -16.57 2.61 0.15
C LEU A 63 -16.99 1.16 -0.03
N GLY A 64 -16.02 0.26 0.07
CA GLY A 64 -16.32 -1.16 -0.01
C GLY A 64 -16.41 -1.80 1.35
N GLY A 65 -16.97 -1.05 2.29
CA GLY A 65 -17.05 -1.50 3.66
C GLY A 65 -18.37 -1.13 4.29
N SER A 66 -19.45 -1.31 3.54
CA SER A 66 -20.79 -0.87 3.95
C SER A 66 -21.35 -1.64 5.16
N GLY A 67 -20.49 -1.90 6.13
CA GLY A 67 -20.94 -2.52 7.37
C GLY A 67 -20.86 -1.56 8.53
N GLY A 68 -19.85 -0.69 8.50
CA GLY A 68 -19.71 0.34 9.52
C GLY A 68 -19.12 -0.19 10.82
N HIS A 69 -18.71 -1.45 10.80
CA HIS A 69 -18.14 -2.08 11.98
C HIS A 69 -16.72 -2.56 11.68
N MET A 70 -16.23 -3.49 12.49
CA MET A 70 -14.90 -4.05 12.31
C MET A 70 -14.80 -4.77 10.98
N GLY A 71 -15.81 -5.58 10.67
CA GLY A 71 -15.81 -6.31 9.42
C GLY A 71 -15.76 -7.81 9.64
N SER A 72 -15.89 -8.23 10.89
CA SER A 72 -15.86 -9.63 11.25
C SER A 72 -17.14 -10.33 10.78
N GLY A 73 -17.17 -10.67 9.50
CA GLY A 73 -18.36 -11.22 8.89
C GLY A 73 -18.69 -12.62 9.37
N GLY A 74 -19.85 -13.10 8.95
CA GLY A 74 -20.31 -14.42 9.34
C GLY A 74 -21.82 -14.49 9.33
N ASP A 75 -22.44 -13.36 9.62
CA ASP A 75 -23.89 -13.24 9.57
C ASP A 75 -24.36 -13.17 8.11
N VAL A 76 -25.61 -13.54 7.88
CA VAL A 76 -26.19 -13.53 6.53
C VAL A 76 -26.08 -12.15 5.91
N MET A 77 -25.28 -12.06 4.85
CA MET A 77 -25.01 -10.80 4.18
C MET A 77 -26.19 -10.41 3.30
N VAL A 78 -27.03 -9.52 3.80
CA VAL A 78 -28.21 -9.07 3.07
C VAL A 78 -27.84 -8.01 2.04
N VAL A 79 -26.55 -7.71 1.96
CA VAL A 79 -26.05 -6.71 1.04
C VAL A 79 -25.78 -7.32 -0.33
N GLY A 80 -25.77 -8.64 -0.39
CA GLY A 80 -25.48 -9.33 -1.64
C GLY A 80 -24.00 -9.48 -1.88
N GLU A 81 -23.29 -8.35 -1.81
CA GLU A 81 -21.85 -8.36 -1.97
C GLU A 81 -21.18 -8.96 -0.73
N PRO A 82 -20.09 -9.73 -0.93
CA PRO A 82 -19.37 -10.42 0.16
C PRO A 82 -18.96 -9.47 1.28
N THR A 83 -18.09 -8.53 0.94
CA THR A 83 -17.61 -7.51 1.87
C THR A 83 -16.96 -8.12 3.11
N LEU A 84 -17.74 -8.40 4.13
CA LEU A 84 -17.22 -8.98 5.36
C LEU A 84 -17.04 -10.49 5.18
N MET A 85 -15.80 -10.90 4.90
CA MET A 85 -15.49 -12.30 4.66
C MET A 85 -14.96 -12.96 5.94
N GLY A 86 -15.49 -12.54 7.08
CA GLY A 86 -15.09 -13.13 8.35
C GLY A 86 -13.65 -12.84 8.69
N GLY A 87 -13.39 -11.63 9.16
CA GLY A 87 -12.03 -11.26 9.52
C GLY A 87 -11.24 -10.76 8.34
N GLU A 88 -10.89 -11.65 7.43
CA GLU A 88 -10.13 -11.27 6.26
C GLU A 88 -11.05 -10.78 5.14
N PHE A 89 -11.51 -9.54 5.24
CA PHE A 89 -12.37 -8.96 4.19
C PHE A 89 -11.59 -8.83 2.90
N GLY A 90 -10.88 -7.73 2.80
CA GLY A 90 -10.06 -7.46 1.64
C GLY A 90 -8.65 -7.03 2.03
N ASP A 91 -8.09 -7.69 3.03
CA ASP A 91 -6.76 -7.37 3.51
C ASP A 91 -5.78 -8.45 3.13
N GLU A 92 -5.83 -9.56 3.87
CA GLU A 92 -4.97 -10.70 3.62
C GLU A 92 -5.28 -11.33 2.26
N ASP A 93 -6.46 -11.02 1.75
CA ASP A 93 -6.90 -11.52 0.44
C ASP A 93 -6.72 -10.44 -0.62
N GLU A 94 -5.84 -9.48 -0.35
CA GLU A 94 -5.60 -8.39 -1.26
C GLU A 94 -4.17 -8.46 -1.80
N ARG A 95 -3.93 -7.76 -2.90
CA ARG A 95 -2.61 -7.71 -3.52
C ARG A 95 -1.73 -6.70 -2.78
N LEU A 96 -0.98 -7.20 -1.81
CA LEU A 96 -0.13 -6.35 -0.98
C LEU A 96 1.15 -5.98 -1.71
N ILE A 97 1.75 -4.87 -1.30
CA ILE A 97 3.02 -4.44 -1.85
C ILE A 97 4.16 -5.15 -1.15
N THR A 98 5.28 -5.23 -1.82
CA THR A 98 6.48 -5.79 -1.24
C THR A 98 7.63 -4.81 -1.39
N ARG A 99 8.47 -4.75 -0.39
CA ARG A 99 9.59 -3.82 -0.39
C ARG A 99 10.77 -4.47 -1.10
N LEU A 100 11.05 -4.02 -2.31
CA LEU A 100 12.14 -4.59 -3.08
C LEU A 100 13.25 -3.58 -3.29
N GLU A 101 14.38 -4.09 -3.73
CA GLU A 101 15.51 -3.25 -4.07
C GLU A 101 15.54 -2.96 -5.54
N ASN A 102 15.86 -1.73 -5.88
CA ASN A 102 16.14 -1.38 -7.26
C ASN A 102 17.58 -1.77 -7.55
N THR A 103 18.41 -1.63 -6.53
CA THR A 103 19.79 -2.05 -6.60
C THR A 103 20.10 -3.02 -5.46
N GLN A 104 20.67 -2.46 -4.39
CA GLN A 104 20.99 -3.21 -3.17
C GLN A 104 21.49 -2.22 -2.12
N PHE A 105 20.60 -1.79 -1.24
CA PHE A 105 20.94 -0.71 -0.32
C PHE A 105 20.05 -0.72 0.92
N ASP A 106 18.88 -0.07 0.78
CA ASP A 106 17.88 0.16 1.84
C ASP A 106 18.46 0.17 3.24
N ALA A 107 18.56 -1.01 3.79
CA ALA A 107 19.08 -1.19 5.13
C ALA A 107 19.54 -2.62 5.34
N ALA A 108 20.07 -3.22 4.27
CA ALA A 108 20.56 -4.60 4.31
C ALA A 108 21.77 -4.74 5.24
N ASN A 109 22.27 -3.60 5.72
CA ASN A 109 23.38 -3.58 6.65
C ASN A 109 22.99 -4.21 7.98
N GLY A 110 21.70 -4.19 8.29
CA GLY A 110 21.23 -4.78 9.53
C GLY A 110 19.95 -4.14 10.02
N ILE A 111 19.70 -2.91 9.59
CA ILE A 111 18.51 -2.18 10.00
C ILE A 111 17.25 -2.82 9.45
N ASP A 112 17.34 -3.32 8.22
CA ASP A 112 16.23 -4.01 7.57
C ASP A 112 16.73 -4.80 6.36
N ASP A 113 17.46 -5.86 6.63
CA ASP A 113 18.01 -6.71 5.57
C ASP A 113 16.95 -7.72 5.12
N GLU A 114 16.54 -7.62 3.87
CA GLU A 114 15.50 -8.48 3.33
C GLU A 114 15.72 -8.71 1.84
ZN ZN B . 7.32 7.73 -7.85
ZN ZN C . -5.96 6.26 3.44
N GLY A 1 11.33 -3.03 -21.99
CA GLY A 1 11.63 -2.96 -20.54
C GLY A 1 12.90 -2.17 -20.27
N SER A 2 12.74 -0.96 -19.80
CA SER A 2 13.87 -0.11 -19.47
C SER A 2 13.94 0.12 -17.96
N LEU A 3 13.97 1.38 -17.53
CA LEU A 3 13.95 1.69 -16.12
C LEU A 3 12.57 1.46 -15.54
N LEU A 4 12.43 1.61 -14.24
CA LEU A 4 11.16 1.41 -13.58
C LEU A 4 10.37 2.70 -13.58
N THR A 5 9.06 2.58 -13.49
CA THR A 5 8.19 3.73 -13.40
C THR A 5 7.14 3.50 -12.32
N CYS A 6 6.93 4.52 -11.50
CA CYS A 6 6.00 4.42 -10.40
C CYS A 6 4.63 4.90 -10.82
N GLY A 7 3.59 4.30 -10.26
CA GLY A 7 2.24 4.64 -10.66
C GLY A 7 1.65 5.74 -9.80
N GLY A 8 2.42 6.22 -8.83
CA GLY A 8 1.96 7.27 -7.97
C GLY A 8 2.22 8.64 -8.54
N CYS A 9 3.43 8.83 -9.05
CA CYS A 9 3.81 10.09 -9.66
C CYS A 9 4.08 9.92 -11.15
N GLN A 10 4.59 8.74 -11.52
CA GLN A 10 4.91 8.40 -12.90
C GLN A 10 6.10 9.20 -13.43
N GLN A 11 6.96 9.63 -12.51
CA GLN A 11 8.14 10.40 -12.90
C GLN A 11 9.37 9.49 -13.05
N ASN A 12 9.11 8.18 -13.17
CA ASN A 12 10.16 7.18 -13.35
C ASN A 12 10.97 6.98 -12.07
N ILE A 13 11.25 5.74 -11.72
CA ILE A 13 12.03 5.45 -10.54
C ILE A 13 13.47 5.18 -10.92
N GLY A 14 14.29 6.21 -10.79
CA GLY A 14 15.72 6.07 -10.99
C GLY A 14 16.43 6.30 -9.69
N ASP A 15 15.65 6.23 -8.62
CA ASP A 15 16.13 6.47 -7.28
C ASP A 15 17.00 5.32 -6.81
N ARG A 16 17.62 5.46 -5.65
CA ARG A 16 18.49 4.43 -5.12
C ARG A 16 17.68 3.21 -4.67
N TYR A 17 16.53 3.46 -4.07
CA TYR A 17 15.69 2.39 -3.57
C TYR A 17 14.25 2.63 -3.97
N PHE A 18 13.47 1.57 -4.15
CA PHE A 18 12.09 1.71 -4.58
C PHE A 18 11.21 0.59 -4.06
N LEU A 19 9.93 0.63 -4.44
CA LEU A 19 8.95 -0.32 -3.97
C LEU A 19 8.11 -0.84 -5.12
N LYS A 20 7.59 -2.05 -4.97
CA LYS A 20 6.60 -2.58 -5.88
C LYS A 20 5.64 -3.43 -5.07
N ALA A 21 4.52 -3.85 -5.67
CA ALA A 21 3.58 -4.72 -4.96
C ALA A 21 2.45 -5.17 -5.85
N ILE A 22 1.45 -4.29 -6.00
CA ILE A 22 0.21 -4.57 -6.73
C ILE A 22 0.45 -5.41 -7.98
N ASP A 23 1.32 -4.91 -8.85
CA ASP A 23 1.70 -5.60 -10.08
C ASP A 23 2.65 -4.71 -10.87
N GLN A 24 2.74 -3.46 -10.43
CA GLN A 24 3.60 -2.48 -11.06
C GLN A 24 4.60 -1.96 -10.03
N TYR A 25 5.33 -0.94 -10.40
CA TYR A 25 6.32 -0.38 -9.50
C TYR A 25 5.86 0.95 -8.92
N TRP A 26 6.42 1.30 -7.78
CA TRP A 26 6.01 2.49 -7.06
C TRP A 26 7.23 3.17 -6.45
N HIS A 27 6.95 4.15 -5.62
CA HIS A 27 7.97 4.79 -4.81
C HIS A 27 7.65 4.50 -3.34
N GLU A 28 8.58 4.77 -2.44
CA GLU A 28 8.31 4.59 -1.04
C GLU A 28 7.29 5.61 -0.55
N ASP A 29 7.54 6.86 -0.89
CA ASP A 29 6.70 7.97 -0.43
C ASP A 29 5.55 8.26 -1.39
N CYS A 30 5.42 7.43 -2.42
CA CYS A 30 4.35 7.61 -3.40
C CYS A 30 3.18 6.68 -3.12
N LEU A 31 3.47 5.41 -2.90
CA LEU A 31 2.42 4.41 -2.70
C LEU A 31 1.65 4.68 -1.42
N SER A 32 0.55 5.40 -1.57
CA SER A 32 -0.37 5.68 -0.48
C SER A 32 -1.78 5.37 -0.95
N CYS A 33 -2.74 5.45 -0.06
CA CYS A 33 -4.10 5.15 -0.41
C CYS A 33 -4.72 6.30 -1.20
N ASP A 34 -5.89 6.04 -1.77
CA ASP A 34 -6.50 6.99 -2.71
C ASP A 34 -6.86 8.33 -2.09
N LEU A 35 -7.69 8.32 -1.06
CA LEU A 35 -8.23 9.57 -0.53
C LEU A 35 -7.34 10.19 0.53
N CYS A 36 -7.14 9.49 1.64
CA CYS A 36 -6.34 10.02 2.74
C CYS A 36 -4.88 10.21 2.31
N GLY A 37 -4.32 9.16 1.72
CA GLY A 37 -3.00 9.26 1.12
C GLY A 37 -1.90 9.51 2.13
N CYS A 38 -1.92 8.77 3.22
CA CYS A 38 -0.86 8.86 4.21
C CYS A 38 0.20 7.82 3.93
N ARG A 39 -0.04 6.59 4.37
CA ARG A 39 0.82 5.46 4.07
C ARG A 39 0.00 4.19 4.08
N LEU A 40 0.65 3.05 4.20
CA LEU A 40 -0.05 1.78 4.25
C LEU A 40 0.23 1.06 5.57
N GLY A 41 -0.76 0.37 6.11
CA GLY A 41 -0.59 -0.33 7.36
C GLY A 41 -0.23 -1.79 7.17
N GLU A 42 0.67 -2.03 6.24
CA GLU A 42 1.09 -3.39 5.91
C GLU A 42 2.01 -3.94 6.98
N VAL A 43 1.68 -5.11 7.52
CA VAL A 43 2.56 -5.73 8.51
C VAL A 43 2.61 -7.25 8.39
N GLY A 44 1.95 -7.84 7.38
CA GLY A 44 2.15 -9.27 7.16
C GLY A 44 1.01 -10.00 6.45
N ARG A 45 0.02 -9.30 5.91
CA ARG A 45 -1.14 -10.00 5.37
C ARG A 45 -1.20 -9.95 3.85
N ARG A 46 -2.00 -9.03 3.32
CA ARG A 46 -2.25 -8.98 1.89
C ARG A 46 -2.49 -7.55 1.42
N LEU A 47 -2.22 -7.28 0.16
CA LEU A 47 -2.35 -5.95 -0.41
C LEU A 47 -3.83 -5.54 -0.51
N TYR A 48 -4.22 -4.60 0.35
CA TYR A 48 -5.58 -4.06 0.35
C TYR A 48 -5.72 -3.04 -0.79
N TYR A 49 -6.58 -3.34 -1.76
CA TYR A 49 -6.80 -2.43 -2.87
C TYR A 49 -8.11 -2.76 -3.58
N LYS A 50 -8.59 -1.84 -4.41
CA LYS A 50 -9.81 -2.05 -5.17
C LYS A 50 -9.47 -2.49 -6.59
N LEU A 51 -10.47 -3.00 -7.31
CA LEU A 51 -10.31 -3.56 -8.66
C LEU A 51 -9.21 -2.88 -9.49
N GLY A 52 -9.21 -1.55 -9.52
CA GLY A 52 -8.18 -0.85 -10.27
C GLY A 52 -7.73 0.40 -9.55
N ARG A 53 -7.86 0.40 -8.23
CA ARG A 53 -7.50 1.56 -7.42
C ARG A 53 -6.73 1.13 -6.18
N LYS A 54 -5.60 1.77 -5.94
CA LYS A 54 -4.81 1.50 -4.75
C LYS A 54 -5.25 2.43 -3.62
N LEU A 55 -6.08 1.90 -2.73
CA LEU A 55 -6.63 2.69 -1.64
C LEU A 55 -6.66 1.87 -0.35
N CYS A 56 -7.01 2.52 0.74
CA CYS A 56 -7.11 1.83 2.01
C CYS A 56 -8.48 1.22 2.17
N ARG A 57 -8.73 0.68 3.33
CA ARG A 57 -10.05 0.16 3.65
C ARG A 57 -10.89 1.25 4.29
N ARG A 58 -10.22 2.31 4.71
CA ARG A 58 -10.86 3.40 5.42
C ARG A 58 -11.54 4.36 4.46
N ASP A 59 -10.81 4.83 3.46
CA ASP A 59 -11.39 5.74 2.48
C ASP A 59 -12.16 4.96 1.42
N TYR A 60 -11.99 3.65 1.45
CA TYR A 60 -12.83 2.76 0.68
C TYR A 60 -14.21 2.71 1.32
N LEU A 61 -14.23 2.82 2.64
CA LEU A 61 -15.46 2.87 3.40
C LEU A 61 -16.08 4.26 3.28
N ARG A 62 -15.43 5.24 3.91
CA ARG A 62 -15.88 6.61 3.89
C ARG A 62 -14.69 7.52 4.14
N LEU A 63 -14.31 7.65 5.40
CA LEU A 63 -13.05 8.31 5.74
C LEU A 63 -12.20 7.36 6.57
N GLY A 64 -12.87 6.57 7.42
CA GLY A 64 -12.19 5.58 8.20
C GLY A 64 -12.99 4.29 8.29
N GLY A 65 -14.18 4.39 8.86
CA GLY A 65 -15.02 3.21 9.02
C GLY A 65 -16.49 3.52 8.85
N SER A 66 -16.82 4.34 7.85
CA SER A 66 -18.17 4.86 7.62
C SER A 66 -19.02 4.99 8.90
N GLY A 67 -18.40 5.49 9.96
CA GLY A 67 -19.11 5.68 11.22
C GLY A 67 -19.15 7.14 11.61
N GLY A 68 -18.02 7.68 12.01
CA GLY A 68 -17.95 9.07 12.38
C GLY A 68 -17.98 9.28 13.88
N HIS A 69 -18.17 8.18 14.62
CA HIS A 69 -18.22 8.24 16.07
C HIS A 69 -16.86 7.91 16.66
N MET A 70 -16.65 8.31 17.90
CA MET A 70 -15.41 8.03 18.61
C MET A 70 -15.26 6.53 18.87
N GLY A 71 -16.28 5.94 19.46
CA GLY A 71 -16.26 4.53 19.75
C GLY A 71 -16.75 3.70 18.58
N SER A 72 -15.81 3.10 17.87
CA SER A 72 -16.12 2.33 16.68
C SER A 72 -16.39 0.86 17.05
N GLY A 73 -16.36 -0.02 16.05
CA GLY A 73 -16.63 -1.41 16.31
C GLY A 73 -15.42 -2.17 16.79
N GLY A 74 -14.63 -2.67 15.86
CA GLY A 74 -13.44 -3.42 16.22
C GLY A 74 -13.75 -4.85 16.61
N ASP A 75 -13.03 -5.37 17.59
CA ASP A 75 -13.21 -6.72 18.05
C ASP A 75 -14.03 -6.74 19.34
N VAL A 76 -15.32 -6.95 19.19
CA VAL A 76 -16.24 -6.98 20.32
C VAL A 76 -17.08 -8.24 20.29
N MET A 77 -17.88 -8.45 21.32
CA MET A 77 -18.74 -9.63 21.41
C MET A 77 -19.65 -9.75 20.19
N VAL A 78 -19.73 -10.97 19.66
CA VAL A 78 -20.56 -11.24 18.50
C VAL A 78 -20.96 -12.72 18.48
N VAL A 79 -22.16 -12.99 17.97
CA VAL A 79 -22.70 -14.36 17.95
C VAL A 79 -21.81 -15.28 17.12
N GLY A 80 -21.37 -14.79 15.97
CA GLY A 80 -20.48 -15.57 15.14
C GLY A 80 -19.65 -14.70 14.22
N GLU A 81 -20.09 -14.58 12.98
CA GLU A 81 -19.45 -13.70 12.02
C GLU A 81 -19.64 -12.25 12.46
N PRO A 82 -18.54 -11.50 12.62
CA PRO A 82 -18.60 -10.11 13.07
C PRO A 82 -19.22 -9.20 12.03
N THR A 83 -19.95 -8.21 12.50
CA THR A 83 -20.62 -7.27 11.65
C THR A 83 -21.12 -6.09 12.49
N LEU A 84 -20.63 -4.91 12.19
CA LEU A 84 -20.96 -3.73 12.95
C LEU A 84 -21.63 -2.69 12.08
N MET A 85 -22.50 -1.90 12.68
CA MET A 85 -23.24 -0.89 11.93
C MET A 85 -22.84 0.51 12.36
N GLY A 86 -21.88 0.57 13.29
CA GLY A 86 -21.41 1.85 13.77
C GLY A 86 -20.28 2.38 12.92
N GLY A 87 -19.05 2.20 13.39
CA GLY A 87 -17.89 2.65 12.65
C GLY A 87 -16.80 1.60 12.63
N GLU A 88 -15.66 1.96 12.01
CA GLU A 88 -14.46 1.12 11.92
C GLU A 88 -14.67 -0.33 12.35
N PHE A 89 -15.26 -1.09 11.44
CA PHE A 89 -15.67 -2.45 11.71
C PHE A 89 -14.48 -3.39 11.81
N GLY A 90 -14.00 -3.84 10.66
CA GLY A 90 -12.89 -4.77 10.63
C GLY A 90 -12.13 -4.67 9.33
N ASP A 91 -11.04 -3.92 9.36
CA ASP A 91 -10.25 -3.66 8.17
C ASP A 91 -8.82 -4.10 8.36
N GLU A 92 -8.05 -3.23 8.97
CA GLU A 92 -6.61 -3.36 9.03
C GLU A 92 -6.05 -3.09 7.66
N ASP A 93 -5.39 -1.96 7.56
CA ASP A 93 -4.87 -1.44 6.30
C ASP A 93 -3.69 -2.26 5.78
N GLU A 94 -3.77 -3.57 5.95
CA GLU A 94 -2.70 -4.47 5.58
C GLU A 94 -2.40 -4.41 4.09
N ARG A 95 -1.17 -4.74 3.73
CA ARG A 95 -0.74 -4.71 2.36
C ARG A 95 0.59 -5.45 2.22
N LEU A 96 1.23 -5.28 1.07
CA LEU A 96 2.59 -5.78 0.88
C LEU A 96 3.36 -4.80 0.02
N ILE A 97 4.67 -4.80 0.15
CA ILE A 97 5.54 -3.98 -0.70
C ILE A 97 6.96 -4.50 -0.65
N THR A 98 7.51 -4.76 -1.82
CA THR A 98 8.86 -5.27 -1.94
C THR A 98 9.87 -4.13 -1.97
N ARG A 99 10.66 -4.05 -0.92
CA ARG A 99 11.71 -3.04 -0.83
C ARG A 99 12.89 -3.46 -1.70
N LEU A 100 12.96 -2.92 -2.90
CA LEU A 100 14.00 -3.33 -3.82
C LEU A 100 14.96 -2.19 -4.09
N GLU A 101 16.06 -2.54 -4.72
CA GLU A 101 17.10 -1.58 -5.08
C GLU A 101 17.12 -1.40 -6.59
N ASN A 102 17.26 -0.16 -7.03
CA ASN A 102 17.28 0.14 -8.46
C ASN A 102 18.59 -0.35 -9.08
N THR A 103 19.69 0.10 -8.51
CA THR A 103 21.00 -0.37 -8.90
C THR A 103 21.74 -0.93 -7.68
N GLN A 104 22.41 -0.04 -6.96
CA GLN A 104 23.06 -0.39 -5.71
C GLN A 104 22.58 0.55 -4.61
N PHE A 105 22.89 1.82 -4.76
CA PHE A 105 22.44 2.85 -3.85
C PHE A 105 22.49 4.20 -4.55
N ASP A 106 23.24 5.12 -4.00
CA ASP A 106 23.48 6.42 -4.62
C ASP A 106 24.80 6.97 -4.11
N ALA A 107 24.76 7.55 -2.93
CA ALA A 107 25.98 7.94 -2.25
C ALA A 107 26.10 7.21 -0.91
N ALA A 108 25.36 7.68 0.09
CA ALA A 108 25.36 7.03 1.40
C ALA A 108 24.22 7.53 2.31
N ASN A 109 23.59 8.63 1.96
CA ASN A 109 22.55 9.21 2.83
C ASN A 109 21.20 8.54 2.62
N GLY A 110 20.94 8.05 1.41
CA GLY A 110 19.69 7.38 1.14
C GLY A 110 18.75 8.19 0.28
N ILE A 111 17.55 8.44 0.80
CA ILE A 111 16.51 9.15 0.04
C ILE A 111 16.99 10.52 -0.39
N ASP A 112 17.36 11.33 0.58
CA ASP A 112 17.94 12.63 0.29
C ASP A 112 19.46 12.51 0.26
N ASP A 113 19.96 11.79 -0.73
CA ASP A 113 21.38 11.52 -0.83
C ASP A 113 22.12 12.72 -1.39
N GLU A 114 23.43 12.70 -1.25
CA GLU A 114 24.26 13.80 -1.70
C GLU A 114 25.04 13.38 -2.93
ZN ZN B . 6.56 8.04 -7.55
ZN ZN C . -7.14 6.09 2.86
N GLY A 1 20.49 -1.44 -18.94
CA GLY A 1 19.25 -1.99 -18.35
C GLY A 1 18.22 -0.91 -18.11
N SER A 2 16.96 -1.26 -18.22
CA SER A 2 15.87 -0.31 -18.04
C SER A 2 15.40 -0.30 -16.59
N LEU A 3 15.34 0.88 -15.99
CA LEU A 3 14.85 1.01 -14.63
C LEU A 3 13.34 0.95 -14.59
N LEU A 4 12.79 0.93 -13.40
CA LEU A 4 11.34 0.83 -13.22
C LEU A 4 10.67 2.17 -13.39
N THR A 5 9.35 2.16 -13.48
CA THR A 5 8.57 3.37 -13.55
C THR A 5 7.38 3.29 -12.61
N CYS A 6 7.20 4.33 -11.81
CA CYS A 6 6.17 4.35 -10.80
C CYS A 6 4.86 4.85 -11.38
N GLY A 7 3.75 4.25 -10.97
CA GLY A 7 2.47 4.61 -11.50
C GLY A 7 1.92 5.89 -10.88
N GLY A 8 2.67 6.44 -9.93
CA GLY A 8 2.24 7.65 -9.27
C GLY A 8 2.72 8.90 -9.98
N CYS A 9 4.00 8.94 -10.33
CA CYS A 9 4.57 10.10 -10.98
C CYS A 9 5.16 9.75 -12.34
N GLN A 10 5.57 8.49 -12.49
CA GLN A 10 6.13 7.97 -13.75
C GLN A 10 7.43 8.69 -14.12
N GLN A 11 8.11 9.26 -13.13
CA GLN A 11 9.37 9.96 -13.38
C GLN A 11 10.55 8.99 -13.48
N ASN A 12 10.24 7.69 -13.50
CA ASN A 12 11.24 6.62 -13.54
C ASN A 12 11.90 6.45 -12.18
N ILE A 13 11.96 5.21 -11.70
CA ILE A 13 12.52 4.92 -10.39
C ILE A 13 14.00 4.58 -10.50
N GLY A 14 14.84 5.51 -10.10
CA GLY A 14 16.26 5.30 -10.13
C GLY A 14 16.84 5.07 -8.74
N ASP A 15 15.96 5.11 -7.73
CA ASP A 15 16.39 4.90 -6.35
C ASP A 15 16.77 3.43 -6.14
N ARG A 16 17.47 3.17 -5.06
CA ARG A 16 17.92 1.83 -4.74
C ARG A 16 16.80 0.99 -4.13
N TYR A 17 15.89 1.66 -3.43
CA TYR A 17 14.77 0.98 -2.79
C TYR A 17 13.46 1.64 -3.21
N PHE A 18 12.41 0.85 -3.33
CA PHE A 18 11.13 1.36 -3.79
C PHE A 18 9.98 0.47 -3.35
N LEU A 19 8.79 0.76 -3.86
CA LEU A 19 7.60 -0.02 -3.54
C LEU A 19 6.97 -0.54 -4.82
N LYS A 20 6.57 -1.79 -4.85
CA LYS A 20 5.86 -2.33 -6.00
C LYS A 20 5.16 -3.62 -5.61
N ALA A 21 3.96 -3.87 -6.17
CA ALA A 21 3.21 -5.12 -5.92
C ALA A 21 1.80 -5.01 -6.48
N ILE A 22 1.23 -3.81 -6.37
CA ILE A 22 -0.14 -3.54 -6.78
C ILE A 22 -0.45 -4.11 -8.16
N ASP A 23 0.41 -3.79 -9.13
CA ASP A 23 0.24 -4.24 -10.52
C ASP A 23 1.31 -3.57 -11.35
N GLN A 24 1.87 -2.51 -10.79
CA GLN A 24 2.96 -1.78 -11.40
C GLN A 24 3.96 -1.42 -10.33
N TYR A 25 5.02 -0.75 -10.72
CA TYR A 25 6.01 -0.30 -9.76
C TYR A 25 5.63 1.07 -9.23
N TRP A 26 6.13 1.39 -8.05
CA TRP A 26 5.82 2.64 -7.40
C TRP A 26 7.07 3.28 -6.86
N HIS A 27 6.89 4.25 -6.00
CA HIS A 27 7.99 4.92 -5.35
C HIS A 27 7.85 4.81 -3.85
N GLU A 28 8.94 5.02 -3.14
CA GLU A 28 8.94 4.96 -1.69
C GLU A 28 8.13 6.11 -1.10
N ASP A 29 8.13 7.24 -1.80
CA ASP A 29 7.50 8.46 -1.30
C ASP A 29 6.32 8.88 -2.17
N CYS A 30 5.97 8.06 -3.15
CA CYS A 30 4.85 8.36 -4.03
C CYS A 30 3.58 7.69 -3.54
N LEU A 31 3.67 6.40 -3.23
CA LEU A 31 2.53 5.65 -2.76
C LEU A 31 2.01 6.20 -1.43
N SER A 32 0.80 6.75 -1.48
CA SER A 32 0.18 7.30 -0.30
C SER A 32 -1.27 6.88 -0.22
N CYS A 33 -1.94 7.24 0.88
CA CYS A 33 -3.36 6.99 1.03
C CYS A 33 -4.12 7.67 -0.12
N ASP A 34 -4.61 6.88 -1.06
CA ASP A 34 -5.25 7.44 -2.24
C ASP A 34 -6.51 8.20 -1.86
N LEU A 35 -7.27 7.61 -0.97
CA LEU A 35 -8.51 8.21 -0.50
C LEU A 35 -8.22 9.36 0.47
N CYS A 36 -7.55 9.03 1.57
CA CYS A 36 -7.31 9.99 2.63
C CYS A 36 -6.25 11.03 2.24
N GLY A 37 -5.09 10.56 1.83
CA GLY A 37 -4.06 11.46 1.38
C GLY A 37 -2.85 11.52 2.31
N CYS A 38 -2.67 10.49 3.14
CA CYS A 38 -1.55 10.45 4.06
C CYS A 38 -0.30 9.92 3.35
N ARG A 39 0.06 8.65 3.58
CA ARG A 39 1.24 8.06 2.94
C ARG A 39 1.40 6.59 3.34
N LEU A 40 2.07 5.82 2.49
CA LEU A 40 2.41 4.44 2.80
C LEU A 40 3.85 4.19 2.37
N GLY A 41 4.44 3.10 2.84
CA GLY A 41 5.82 2.82 2.50
C GLY A 41 6.40 1.70 3.32
N GLU A 42 5.68 0.60 3.41
CA GLU A 42 6.13 -0.54 4.20
C GLU A 42 5.82 -1.84 3.49
N VAL A 43 6.18 -2.95 4.13
CA VAL A 43 5.89 -4.27 3.63
C VAL A 43 5.12 -5.07 4.68
N GLY A 44 3.93 -5.50 4.33
CA GLY A 44 3.07 -6.15 5.31
C GLY A 44 1.63 -6.22 4.84
N ARG A 45 0.74 -6.57 5.77
CA ARG A 45 -0.69 -6.63 5.48
C ARG A 45 -1.32 -5.24 5.53
N ARG A 46 -0.64 -4.29 4.93
CA ARG A 46 -1.10 -2.92 4.87
C ARG A 46 -1.88 -2.69 3.56
N LEU A 47 -2.16 -1.42 3.26
CA LEU A 47 -2.97 -1.01 2.09
C LEU A 47 -3.03 -2.05 0.96
N TYR A 48 -4.24 -2.52 0.68
CA TYR A 48 -4.48 -3.34 -0.50
C TYR A 48 -5.28 -2.52 -1.50
N TYR A 49 -4.85 -2.49 -2.74
CA TYR A 49 -5.55 -1.70 -3.75
C TYR A 49 -6.74 -2.47 -4.30
N LYS A 50 -7.82 -1.75 -4.58
CA LYS A 50 -9.03 -2.35 -5.13
C LYS A 50 -8.95 -2.32 -6.65
N LEU A 51 -9.72 -3.21 -7.30
CA LEU A 51 -9.70 -3.44 -8.76
C LEU A 51 -9.14 -2.28 -9.57
N GLY A 52 -9.77 -1.13 -9.45
CA GLY A 52 -9.36 0.03 -10.23
C GLY A 52 -9.07 1.24 -9.38
N ARG A 53 -8.84 1.02 -8.09
CA ARG A 53 -8.51 2.11 -7.18
C ARG A 53 -7.45 1.65 -6.19
N LYS A 54 -6.28 2.26 -6.26
CA LYS A 54 -5.20 1.95 -5.32
C LYS A 54 -5.41 2.66 -3.99
N LEU A 55 -6.55 2.39 -3.38
CA LEU A 55 -6.92 3.04 -2.13
C LEU A 55 -6.89 2.04 -0.98
N CYS A 56 -7.02 2.57 0.23
CA CYS A 56 -7.01 1.79 1.46
C CYS A 56 -8.25 0.91 1.55
N ARG A 57 -8.25 -0.03 2.48
CA ARG A 57 -9.43 -0.86 2.71
C ARG A 57 -10.12 -0.45 3.99
N ARG A 58 -9.34 -0.21 5.03
CA ARG A 58 -9.89 0.21 6.31
C ARG A 58 -10.43 1.63 6.20
N ASP A 59 -9.76 2.45 5.40
CA ASP A 59 -10.22 3.81 5.15
C ASP A 59 -11.31 3.79 4.10
N TYR A 60 -11.29 2.78 3.24
CA TYR A 60 -12.37 2.58 2.28
C TYR A 60 -13.67 2.30 3.04
N LEU A 61 -13.54 1.57 4.15
CA LEU A 61 -14.70 1.16 4.93
C LEU A 61 -15.40 2.36 5.58
N ARG A 62 -14.79 3.53 5.51
CA ARG A 62 -15.45 4.72 6.03
C ARG A 62 -16.53 5.20 5.06
N LEU A 63 -16.44 4.78 3.81
CA LEU A 63 -17.44 5.12 2.80
C LEU A 63 -18.14 3.86 2.29
N GLY A 64 -17.36 2.82 2.05
CA GLY A 64 -17.91 1.53 1.65
C GLY A 64 -18.30 0.69 2.85
N GLY A 65 -18.54 1.37 3.95
CA GLY A 65 -18.90 0.73 5.19
C GLY A 65 -20.39 0.81 5.45
N SER A 66 -21.17 0.53 4.39
CA SER A 66 -22.63 0.67 4.39
C SER A 66 -23.30 0.11 5.66
N GLY A 67 -22.62 -0.79 6.36
CA GLY A 67 -23.17 -1.35 7.59
C GLY A 67 -23.18 -0.34 8.73
N GLY A 68 -22.51 0.79 8.52
CA GLY A 68 -22.48 1.85 9.52
C GLY A 68 -21.50 1.56 10.64
N HIS A 69 -22.00 1.48 11.85
CA HIS A 69 -21.17 1.18 13.01
C HIS A 69 -21.13 -0.33 13.23
N MET A 70 -22.28 -0.96 13.02
CA MET A 70 -22.39 -2.41 13.17
C MET A 70 -21.49 -3.11 12.16
N GLY A 71 -21.70 -2.80 10.89
CA GLY A 71 -20.91 -3.40 9.83
C GLY A 71 -21.03 -4.91 9.80
N SER A 72 -22.25 -5.40 9.89
CA SER A 72 -22.49 -6.84 9.90
C SER A 72 -23.12 -7.28 8.58
N GLY A 73 -22.44 -6.95 7.49
CA GLY A 73 -22.97 -7.24 6.17
C GLY A 73 -22.87 -8.69 5.79
N GLY A 74 -21.67 -9.26 5.94
CA GLY A 74 -21.45 -10.63 5.54
C GLY A 74 -21.26 -10.75 4.04
N ASP A 75 -22.34 -10.56 3.31
CA ASP A 75 -22.30 -10.55 1.85
C ASP A 75 -23.11 -9.39 1.31
N VAL A 76 -22.42 -8.37 0.82
CA VAL A 76 -23.07 -7.17 0.33
C VAL A 76 -22.90 -7.06 -1.19
N MET A 77 -24.00 -7.16 -1.91
CA MET A 77 -23.97 -7.15 -3.37
C MET A 77 -23.63 -5.76 -3.91
N VAL A 78 -22.36 -5.56 -4.24
CA VAL A 78 -21.88 -4.31 -4.83
C VAL A 78 -20.46 -4.51 -5.36
N VAL A 79 -19.76 -3.41 -5.59
CA VAL A 79 -18.35 -3.47 -5.93
C VAL A 79 -17.54 -2.93 -4.76
N GLY A 80 -17.98 -3.28 -3.56
CA GLY A 80 -17.34 -2.79 -2.36
C GLY A 80 -16.20 -3.66 -1.91
N GLU A 81 -16.55 -4.84 -1.38
CA GLU A 81 -15.58 -5.81 -0.87
C GLU A 81 -14.76 -5.22 0.29
N PRO A 82 -15.35 -5.22 1.50
CA PRO A 82 -14.74 -4.62 2.68
C PRO A 82 -13.91 -5.61 3.50
N THR A 83 -13.05 -5.07 4.36
CA THR A 83 -12.22 -5.86 5.26
C THR A 83 -13.04 -6.36 6.45
N LEU A 84 -12.50 -7.32 7.18
CA LEU A 84 -13.19 -7.88 8.35
C LEU A 84 -13.31 -6.84 9.46
N MET A 85 -14.47 -6.20 9.56
CA MET A 85 -14.70 -5.18 10.58
C MET A 85 -15.73 -5.67 11.60
N GLY A 86 -16.83 -6.20 11.11
CA GLY A 86 -17.87 -6.70 12.00
C GLY A 86 -18.40 -8.04 11.55
N GLY A 87 -19.27 -8.02 10.54
CA GLY A 87 -19.82 -9.24 9.99
C GLY A 87 -18.89 -9.91 9.01
N GLU A 88 -17.63 -10.04 9.43
CA GLU A 88 -16.56 -10.74 8.72
C GLU A 88 -16.81 -10.93 7.23
N PHE A 89 -16.53 -9.89 6.45
CA PHE A 89 -16.63 -9.97 4.99
C PHE A 89 -15.33 -10.51 4.40
N GLY A 90 -15.03 -10.12 3.18
CA GLY A 90 -13.82 -10.57 2.54
C GLY A 90 -13.69 -10.00 1.15
N ASP A 91 -12.77 -9.07 0.98
CA ASP A 91 -12.59 -8.41 -0.30
C ASP A 91 -11.97 -9.37 -1.30
N GLU A 92 -10.79 -9.85 -0.95
CA GLU A 92 -9.99 -10.74 -1.81
C GLU A 92 -9.30 -9.92 -2.88
N ASP A 93 -9.64 -8.64 -2.90
CA ASP A 93 -8.97 -7.64 -3.72
C ASP A 93 -7.74 -7.14 -2.98
N GLU A 94 -7.26 -7.96 -2.05
CA GLU A 94 -6.21 -7.59 -1.13
C GLU A 94 -4.84 -7.64 -1.77
N ARG A 95 -4.63 -6.84 -2.80
CA ARG A 95 -3.32 -6.72 -3.40
C ARG A 95 -2.53 -5.61 -2.71
N LEU A 96 -1.87 -5.99 -1.63
CA LEU A 96 -1.09 -5.04 -0.84
C LEU A 96 0.25 -4.77 -1.51
N ILE A 97 1.00 -3.84 -0.96
CA ILE A 97 2.30 -3.49 -1.52
C ILE A 97 3.42 -3.98 -0.62
N THR A 98 4.59 -4.15 -1.21
CA THR A 98 5.76 -4.59 -0.48
C THR A 98 6.94 -3.67 -0.81
N ARG A 99 7.87 -3.56 0.13
CA ARG A 99 9.07 -2.75 -0.08
C ARG A 99 10.11 -3.59 -0.78
N LEU A 100 10.62 -3.10 -1.89
CA LEU A 100 11.52 -3.88 -2.71
C LEU A 100 12.81 -3.14 -3.01
N GLU A 101 13.70 -3.84 -3.69
CA GLU A 101 14.95 -3.27 -4.15
C GLU A 101 14.93 -3.12 -5.67
N ASN A 102 15.55 -2.06 -6.17
CA ASN A 102 15.59 -1.78 -7.61
C ASN A 102 16.19 -2.95 -8.38
N THR A 103 17.51 -2.98 -8.43
CA THR A 103 18.23 -4.08 -9.05
C THR A 103 19.52 -4.34 -8.27
N GLN A 104 20.66 -4.29 -8.94
CA GLN A 104 21.95 -4.44 -8.27
C GLN A 104 22.52 -3.07 -7.93
N PHE A 105 21.65 -2.18 -7.46
CA PHE A 105 22.05 -0.82 -7.14
C PHE A 105 22.75 -0.76 -5.79
N ASP A 106 21.97 -0.95 -4.73
CA ASP A 106 22.49 -0.81 -3.36
C ASP A 106 23.72 -1.67 -3.16
N ALA A 107 23.49 -2.96 -2.99
CA ALA A 107 24.57 -3.93 -2.92
C ALA A 107 23.99 -5.33 -3.01
N ALA A 108 22.98 -5.44 -3.85
CA ALA A 108 22.26 -6.69 -4.00
C ALA A 108 22.70 -7.43 -5.25
N ASN A 109 23.14 -8.66 -5.08
CA ASN A 109 23.59 -9.47 -6.21
C ASN A 109 22.83 -10.78 -6.25
N GLY A 110 21.65 -10.78 -5.65
CA GLY A 110 20.83 -11.97 -5.62
C GLY A 110 20.20 -12.20 -4.25
N ILE A 111 21.02 -12.14 -3.21
CA ILE A 111 20.53 -12.35 -1.85
C ILE A 111 20.52 -11.03 -1.07
N ASP A 112 19.93 -10.01 -1.68
CA ASP A 112 19.83 -8.68 -1.07
C ASP A 112 21.21 -8.09 -0.83
N ASP A 113 21.29 -7.10 0.06
CA ASP A 113 22.56 -6.53 0.45
C ASP A 113 23.31 -7.52 1.33
N GLU A 114 24.18 -8.28 0.72
CA GLU A 114 24.85 -9.36 1.41
C GLU A 114 25.99 -8.81 2.26
ZN ZN B . 6.90 8.25 -8.35
ZN ZN C . -6.46 5.93 3.57
N GLY A 1 20.13 -6.16 -15.42
CA GLY A 1 18.69 -6.51 -15.29
C GLY A 1 17.80 -5.49 -15.96
N SER A 2 16.50 -5.76 -15.96
CA SER A 2 15.51 -4.87 -16.56
C SER A 2 15.31 -3.63 -15.68
N LEU A 3 14.89 -2.54 -16.30
CA LEU A 3 14.71 -1.27 -15.59
C LEU A 3 13.42 -1.31 -14.79
N LEU A 4 13.23 -0.30 -13.94
CA LEU A 4 12.08 -0.22 -13.08
C LEU A 4 11.47 1.17 -13.07
N THR A 5 10.15 1.19 -13.13
CA THR A 5 9.40 2.43 -13.27
C THR A 5 8.27 2.50 -12.25
N CYS A 6 7.88 3.71 -11.87
CA CYS A 6 6.79 3.90 -10.94
C CYS A 6 5.49 4.07 -11.72
N GLY A 7 4.42 3.48 -11.20
CA GLY A 7 3.15 3.50 -11.90
C GLY A 7 2.50 4.88 -11.89
N GLY A 8 3.02 5.77 -11.06
CA GLY A 8 2.48 7.12 -11.00
C GLY A 8 3.25 8.08 -11.86
N CYS A 9 4.56 7.92 -11.89
CA CYS A 9 5.42 8.80 -12.65
C CYS A 9 5.82 8.19 -13.99
N GLN A 10 6.52 7.06 -13.90
CA GLN A 10 7.05 6.33 -15.05
C GLN A 10 8.30 7.03 -15.61
N GLN A 11 9.00 7.77 -14.74
CA GLN A 11 10.24 8.44 -15.12
C GLN A 11 11.43 7.50 -14.96
N ASN A 12 11.16 6.34 -14.35
CA ASN A 12 12.16 5.36 -13.95
C ASN A 12 12.68 5.69 -12.54
N ILE A 13 12.56 4.73 -11.65
CA ILE A 13 12.91 4.93 -10.25
C ILE A 13 14.42 4.85 -10.06
N GLY A 14 15.01 5.94 -9.59
CA GLY A 14 16.45 6.00 -9.46
C GLY A 14 16.88 6.39 -8.06
N ASP A 15 15.91 6.50 -7.15
CA ASP A 15 16.22 6.88 -5.77
C ASP A 15 16.89 5.73 -5.03
N ARG A 16 17.12 5.93 -3.75
CA ARG A 16 17.77 4.92 -2.91
C ARG A 16 16.76 3.93 -2.35
N TYR A 17 15.53 4.37 -2.18
CA TYR A 17 14.51 3.53 -1.58
C TYR A 17 13.19 3.75 -2.32
N PHE A 18 12.34 2.72 -2.35
CA PHE A 18 11.06 2.83 -3.05
C PHE A 18 10.08 1.77 -2.54
N LEU A 19 8.91 1.73 -3.17
CA LEU A 19 7.88 0.78 -2.79
C LEU A 19 7.31 0.09 -4.03
N LYS A 20 6.92 -1.16 -3.89
CA LYS A 20 6.31 -1.92 -4.96
C LYS A 20 5.56 -3.10 -4.36
N ALA A 21 4.47 -3.56 -4.99
CA ALA A 21 3.71 -4.71 -4.46
C ALA A 21 2.52 -5.07 -5.33
N ILE A 22 1.78 -4.05 -5.77
CA ILE A 22 0.53 -4.26 -6.50
C ILE A 22 0.70 -5.19 -7.70
N ASP A 23 1.63 -4.81 -8.58
CA ASP A 23 1.90 -5.55 -9.82
C ASP A 23 2.91 -4.77 -10.64
N GLN A 24 3.22 -3.58 -10.16
CA GLN A 24 4.21 -2.73 -10.78
C GLN A 24 4.96 -1.99 -9.70
N TYR A 25 6.05 -1.34 -10.08
CA TYR A 25 6.86 -0.62 -9.11
C TYR A 25 6.35 0.79 -8.91
N TRP A 26 6.68 1.37 -7.78
CA TRP A 26 6.22 2.71 -7.45
C TRP A 26 7.34 3.52 -6.83
N HIS A 27 6.97 4.62 -6.22
CA HIS A 27 7.88 5.41 -5.42
C HIS A 27 7.43 5.30 -3.97
N GLU A 28 8.27 5.72 -3.03
CA GLU A 28 7.93 5.67 -1.63
C GLU A 28 6.74 6.56 -1.32
N ASP A 29 6.81 7.81 -1.78
CA ASP A 29 5.76 8.78 -1.53
C ASP A 29 4.71 8.77 -2.63
N CYS A 30 4.85 7.85 -3.57
CA CYS A 30 3.92 7.76 -4.69
C CYS A 30 2.77 6.81 -4.40
N LEU A 31 3.07 5.67 -3.79
CA LEU A 31 2.04 4.72 -3.43
C LEU A 31 1.24 5.21 -2.23
N SER A 32 0.31 6.12 -2.49
CA SER A 32 -0.50 6.71 -1.46
C SER A 32 -1.95 6.23 -1.56
N CYS A 33 -2.72 6.46 -0.50
CA CYS A 33 -4.11 6.06 -0.46
C CYS A 33 -4.98 6.97 -1.33
N ASP A 34 -6.18 6.51 -1.60
CA ASP A 34 -7.17 7.30 -2.33
C ASP A 34 -7.75 8.37 -1.43
N LEU A 35 -8.16 7.94 -0.25
CA LEU A 35 -8.78 8.85 0.71
C LEU A 35 -7.75 9.38 1.70
N CYS A 36 -7.13 8.48 2.46
CA CYS A 36 -6.14 8.85 3.46
C CYS A 36 -5.01 9.68 2.85
N GLY A 37 -4.29 9.07 1.92
CA GLY A 37 -3.21 9.75 1.24
C GLY A 37 -1.90 9.68 1.99
N CYS A 38 -1.95 9.23 3.24
CA CYS A 38 -0.76 9.15 4.08
C CYS A 38 0.04 7.87 3.78
N ARG A 39 -0.38 6.76 4.36
CA ARG A 39 0.26 5.49 4.11
C ARG A 39 -0.79 4.42 3.85
N LEU A 40 -0.35 3.21 3.53
CA LEU A 40 -1.27 2.14 3.17
C LEU A 40 -1.65 1.31 4.39
N GLY A 41 -0.68 1.08 5.26
CA GLY A 41 -0.90 0.27 6.44
C GLY A 41 0.30 -0.60 6.72
N GLU A 42 0.85 -1.18 5.65
CA GLU A 42 2.09 -1.93 5.72
C GLU A 42 2.00 -3.10 6.70
N VAL A 43 0.80 -3.61 6.91
CA VAL A 43 0.60 -4.75 7.80
C VAL A 43 -0.41 -5.73 7.19
N GLY A 44 0.11 -6.79 6.58
CA GLY A 44 -0.75 -7.76 5.94
C GLY A 44 0.00 -8.56 4.90
N ARG A 45 -0.65 -9.57 4.35
CA ARG A 45 -0.02 -10.43 3.35
C ARG A 45 -0.65 -10.22 1.97
N ARG A 46 -1.59 -9.28 1.89
CA ARG A 46 -2.23 -8.96 0.63
C ARG A 46 -2.21 -7.45 0.36
N LEU A 47 -2.61 -7.09 -0.86
CA LEU A 47 -2.76 -5.69 -1.24
C LEU A 47 -3.99 -5.57 -2.11
N TYR A 48 -4.92 -4.75 -1.69
CA TYR A 48 -6.19 -4.62 -2.36
C TYR A 48 -6.48 -3.16 -2.72
N TYR A 49 -7.11 -2.95 -3.86
CA TYR A 49 -7.53 -1.62 -4.30
C TYR A 49 -8.83 -1.77 -5.09
N LYS A 50 -9.60 -0.69 -5.17
CA LYS A 50 -10.90 -0.74 -5.81
C LYS A 50 -10.78 -0.56 -7.33
N LEU A 51 -11.90 -0.76 -8.02
CA LEU A 51 -11.97 -0.75 -9.49
C LEU A 51 -11.69 0.64 -10.09
N GLY A 52 -10.58 1.21 -9.71
CA GLY A 52 -10.19 2.51 -10.22
C GLY A 52 -9.68 3.42 -9.14
N ARG A 53 -9.69 2.92 -7.91
CA ARG A 53 -9.24 3.70 -6.77
C ARG A 53 -8.28 2.87 -5.94
N LYS A 54 -7.05 3.35 -5.81
CA LYS A 54 -6.06 2.68 -4.97
C LYS A 54 -6.26 3.09 -3.52
N LEU A 55 -7.39 2.68 -2.97
CA LEU A 55 -7.75 2.97 -1.60
C LEU A 55 -7.42 1.78 -0.71
N CYS A 56 -7.51 1.96 0.60
CA CYS A 56 -7.29 0.84 1.51
C CYS A 56 -8.62 0.29 1.97
N ARG A 57 -8.55 -0.64 2.90
CA ARG A 57 -9.74 -1.22 3.48
C ARG A 57 -10.35 -0.28 4.51
N ARG A 58 -9.48 0.47 5.18
CA ARG A 58 -9.92 1.35 6.25
C ARG A 58 -10.61 2.59 5.69
N ASP A 59 -10.02 3.18 4.66
CA ASP A 59 -10.63 4.35 4.04
C ASP A 59 -11.75 3.94 3.07
N TYR A 60 -11.86 2.63 2.84
CA TYR A 60 -12.97 2.08 2.08
C TYR A 60 -14.18 1.98 3.01
N LEU A 61 -13.92 1.58 4.26
CA LEU A 61 -14.95 1.48 5.26
C LEU A 61 -15.43 2.87 5.66
N ARG A 62 -14.50 3.68 6.12
CA ARG A 62 -14.76 5.07 6.43
C ARG A 62 -13.44 5.83 6.53
N LEU A 63 -12.95 6.04 7.75
CA LEU A 63 -11.66 6.66 7.94
C LEU A 63 -10.63 5.63 8.37
N GLY A 64 -10.98 4.84 9.39
CA GLY A 64 -10.08 3.82 9.89
C GLY A 64 -10.72 2.45 9.94
N GLY A 65 -11.94 2.38 9.39
CA GLY A 65 -12.74 1.14 9.32
C GLY A 65 -12.45 0.10 10.39
N SER A 66 -12.30 0.54 11.63
CA SER A 66 -12.02 -0.36 12.73
C SER A 66 -13.24 -1.18 13.10
N GLY A 67 -14.37 -0.50 13.19
CA GLY A 67 -15.61 -1.16 13.56
C GLY A 67 -16.80 -0.67 12.75
N GLY A 68 -16.66 0.52 12.17
CA GLY A 68 -17.74 1.09 11.40
C GLY A 68 -18.75 1.82 12.27
N HIS A 69 -19.49 1.06 13.05
CA HIS A 69 -20.49 1.63 13.95
C HIS A 69 -20.44 0.93 15.30
N MET A 70 -20.63 -0.38 15.28
CA MET A 70 -20.63 -1.16 16.51
C MET A 70 -19.20 -1.37 17.00
N GLY A 71 -18.45 -2.20 16.28
CA GLY A 71 -17.09 -2.47 16.66
C GLY A 71 -16.60 -3.79 16.09
N SER A 72 -17.27 -4.87 16.46
CA SER A 72 -16.93 -6.19 15.96
C SER A 72 -18.10 -6.78 15.20
N GLY A 73 -18.44 -6.15 14.08
CA GLY A 73 -19.56 -6.57 13.28
C GLY A 73 -19.43 -8.00 12.79
N GLY A 74 -20.25 -8.86 13.35
CA GLY A 74 -20.24 -10.27 12.99
C GLY A 74 -21.50 -10.94 13.46
N ASP A 75 -21.37 -11.83 14.43
CA ASP A 75 -22.53 -12.45 15.05
C ASP A 75 -23.08 -11.53 16.14
N VAL A 76 -24.05 -10.71 15.76
CA VAL A 76 -24.63 -9.73 16.68
C VAL A 76 -26.15 -9.71 16.50
N MET A 77 -26.85 -9.15 17.48
CA MET A 77 -28.32 -9.07 17.45
C MET A 77 -28.83 -8.41 16.18
N VAL A 78 -29.45 -9.22 15.31
CA VAL A 78 -30.04 -8.74 14.06
C VAL A 78 -29.07 -7.89 13.26
N VAL A 79 -28.12 -8.54 12.61
CA VAL A 79 -27.15 -7.86 11.78
C VAL A 79 -27.52 -8.01 10.31
N GLY A 80 -28.32 -9.02 10.02
CA GLY A 80 -28.64 -9.34 8.64
C GLY A 80 -27.54 -10.18 8.02
N GLU A 81 -26.54 -10.50 8.85
CA GLU A 81 -25.40 -11.30 8.44
C GLU A 81 -24.82 -10.83 7.11
N PRO A 82 -24.19 -9.64 7.11
CA PRO A 82 -23.57 -9.06 5.92
C PRO A 82 -22.12 -9.52 5.77
N THR A 83 -21.21 -8.57 5.60
CA THR A 83 -19.79 -8.88 5.53
C THR A 83 -19.23 -9.13 6.93
N LEU A 84 -19.49 -10.31 7.47
CA LEU A 84 -19.08 -10.63 8.83
C LEU A 84 -17.58 -10.88 8.89
N MET A 85 -16.85 -9.86 9.31
CA MET A 85 -15.39 -9.93 9.32
C MET A 85 -14.82 -9.34 10.60
N GLY A 86 -15.63 -9.33 11.66
CA GLY A 86 -15.15 -8.85 12.95
C GLY A 86 -14.83 -7.37 12.95
N GLY A 87 -15.81 -6.56 12.57
CA GLY A 87 -15.62 -5.12 12.61
C GLY A 87 -14.98 -4.57 11.35
N GLU A 88 -13.79 -5.04 11.03
CA GLU A 88 -13.06 -4.55 9.88
C GLU A 88 -13.45 -5.33 8.62
N PHE A 89 -14.69 -5.15 8.17
CA PHE A 89 -15.17 -5.84 6.98
C PHE A 89 -14.61 -5.20 5.74
N GLY A 90 -14.24 -6.03 4.79
CA GLY A 90 -13.77 -5.55 3.52
C GLY A 90 -13.28 -6.66 2.62
N ASP A 91 -11.96 -6.80 2.58
CA ASP A 91 -11.31 -7.79 1.74
C ASP A 91 -10.77 -8.95 2.59
N GLU A 92 -9.47 -8.97 2.83
CA GLU A 92 -8.85 -10.01 3.65
C GLU A 92 -7.73 -9.43 4.51
N ASP A 93 -6.78 -8.73 3.89
CA ASP A 93 -5.63 -8.20 4.62
C ASP A 93 -5.24 -6.81 4.14
N GLU A 94 -6.22 -6.09 3.61
CA GLU A 94 -6.08 -4.72 3.09
C GLU A 94 -4.80 -4.48 2.29
N ARG A 95 -3.87 -3.73 2.86
CA ARG A 95 -2.74 -3.23 2.10
C ARG A 95 -1.42 -3.45 2.80
N LEU A 96 -0.50 -4.10 2.09
CA LEU A 96 0.88 -4.22 2.54
C LEU A 96 1.79 -3.63 1.47
N ILE A 97 3.01 -3.28 1.84
CA ILE A 97 3.99 -2.83 0.87
C ILE A 97 5.38 -3.12 1.39
N THR A 98 6.25 -3.51 0.49
CA THR A 98 7.61 -3.80 0.84
C THR A 98 8.50 -2.65 0.37
N ARG A 99 9.22 -2.03 1.30
CA ARG A 99 10.07 -0.90 0.97
C ARG A 99 11.46 -1.42 0.61
N LEU A 100 11.73 -1.52 -0.67
CA LEU A 100 12.95 -2.12 -1.14
C LEU A 100 14.05 -1.08 -1.31
N GLU A 101 15.26 -1.59 -1.40
CA GLU A 101 16.42 -0.76 -1.67
C GLU A 101 16.74 -0.79 -3.16
N ASN A 102 16.49 0.33 -3.81
CA ASN A 102 16.66 0.42 -5.25
C ASN A 102 18.14 0.30 -5.63
N THR A 103 18.98 0.94 -4.84
CA THR A 103 20.41 0.83 -5.01
C THR A 103 20.97 -0.14 -3.95
N GLN A 104 21.92 0.31 -3.16
CA GLN A 104 22.49 -0.49 -2.08
C GLN A 104 22.41 0.29 -0.78
N PHE A 105 21.21 0.45 -0.27
CA PHE A 105 20.96 1.25 0.91
C PHE A 105 19.60 0.91 1.51
N ASP A 106 19.60 0.12 2.56
CA ASP A 106 18.37 -0.24 3.25
C ASP A 106 18.15 0.67 4.45
N ALA A 107 18.82 0.32 5.54
CA ALA A 107 18.74 1.07 6.80
C ALA A 107 17.33 1.02 7.38
N ALA A 108 16.67 -0.12 7.23
CA ALA A 108 15.35 -0.32 7.80
C ALA A 108 15.47 -1.00 9.16
N ASN A 109 14.33 -1.40 9.73
CA ASN A 109 14.32 -2.06 11.03
C ASN A 109 14.42 -3.58 10.89
N GLY A 110 14.93 -4.02 9.74
CA GLY A 110 15.14 -5.44 9.54
C GLY A 110 16.40 -5.92 10.22
N ILE A 111 17.51 -5.81 9.52
CA ILE A 111 18.81 -6.11 10.11
C ILE A 111 19.53 -4.81 10.43
N ASP A 112 19.93 -4.14 9.37
CA ASP A 112 20.50 -2.79 9.45
C ASP A 112 20.53 -2.18 8.05
N ASP A 113 21.72 -2.03 7.49
CA ASP A 113 21.86 -1.61 6.11
C ASP A 113 22.60 -2.68 5.32
N GLU A 114 21.84 -3.51 4.63
CA GLU A 114 22.40 -4.61 3.87
C GLU A 114 22.36 -4.30 2.37
ZN ZN B . 6.51 8.09 -8.71
ZN ZN C . -6.46 4.49 3.16
N GLY A 1 21.46 -1.19 -14.34
CA GLY A 1 21.01 0.20 -14.14
C GLY A 1 19.64 0.47 -14.74
N SER A 2 18.88 -0.58 -14.98
CA SER A 2 17.55 -0.44 -15.56
C SER A 2 16.59 0.18 -14.53
N LEU A 3 15.99 1.30 -14.90
CA LEU A 3 15.09 2.01 -14.00
C LEU A 3 13.72 1.35 -13.97
N LEU A 4 12.93 1.74 -12.99
CA LEU A 4 11.58 1.22 -12.83
C LEU A 4 10.57 2.36 -12.88
N THR A 5 9.30 2.02 -13.06
CA THR A 5 8.26 3.02 -13.12
C THR A 5 7.17 2.73 -12.11
N CYS A 6 6.78 3.74 -11.35
CA CYS A 6 5.75 3.61 -10.35
C CYS A 6 4.37 3.77 -10.99
N GLY A 7 3.39 3.09 -10.45
CA GLY A 7 2.05 3.16 -11.01
C GLY A 7 1.20 4.23 -10.37
N GLY A 8 1.80 4.97 -9.44
CA GLY A 8 1.08 6.01 -8.74
C GLY A 8 1.23 7.35 -9.43
N CYS A 9 2.46 7.73 -9.72
CA CYS A 9 2.71 8.98 -10.41
C CYS A 9 3.29 8.73 -11.80
N GLN A 10 3.92 7.56 -11.96
CA GLN A 10 4.47 7.12 -13.25
C GLN A 10 5.57 8.06 -13.75
N GLN A 11 6.24 8.74 -12.82
CA GLN A 11 7.30 9.67 -13.19
C GLN A 11 8.67 8.98 -13.18
N ASN A 12 8.65 7.65 -13.11
CA ASN A 12 9.86 6.82 -13.09
C ASN A 12 10.54 6.87 -11.72
N ILE A 13 10.93 5.71 -11.23
CA ILE A 13 11.60 5.60 -9.95
C ILE A 13 13.10 5.76 -10.10
N GLY A 14 13.61 6.90 -9.66
CA GLY A 14 15.02 7.18 -9.74
C GLY A 14 15.66 7.22 -8.38
N ASP A 15 14.96 6.68 -7.40
CA ASP A 15 15.45 6.63 -6.03
C ASP A 15 16.47 5.51 -5.88
N ARG A 16 17.08 5.44 -4.71
CA ARG A 16 18.01 4.36 -4.42
C ARG A 16 17.27 3.18 -3.81
N TYR A 17 16.19 3.48 -3.08
CA TYR A 17 15.36 2.44 -2.49
C TYR A 17 13.90 2.75 -2.76
N PHE A 18 13.11 1.73 -3.04
CA PHE A 18 11.72 1.94 -3.39
C PHE A 18 10.85 0.77 -2.94
N LEU A 19 9.57 0.84 -3.25
CA LEU A 19 8.62 -0.18 -2.85
C LEU A 19 7.87 -0.71 -4.07
N LYS A 20 7.57 -1.99 -4.04
CA LYS A 20 6.79 -2.62 -5.10
C LYS A 20 6.21 -3.91 -4.56
N ALA A 21 4.98 -4.25 -4.93
CA ALA A 21 4.31 -5.38 -4.30
C ALA A 21 3.04 -5.81 -5.03
N ILE A 22 2.11 -4.86 -5.19
CA ILE A 22 0.78 -5.16 -5.74
C ILE A 22 0.85 -6.05 -6.97
N ASP A 23 1.69 -5.64 -7.91
CA ASP A 23 1.91 -6.39 -9.15
C ASP A 23 2.87 -5.63 -10.04
N GLN A 24 3.13 -4.39 -9.65
CA GLN A 24 4.01 -3.51 -10.37
C GLN A 24 4.93 -2.78 -9.40
N TYR A 25 5.62 -1.76 -9.88
CA TYR A 25 6.53 -1.00 -9.04
C TYR A 25 5.88 0.30 -8.60
N TRP A 26 6.34 0.81 -7.46
CA TRP A 26 5.77 2.02 -6.89
C TRP A 26 6.87 2.88 -6.29
N HIS A 27 6.47 3.94 -5.62
CA HIS A 27 7.41 4.82 -4.94
C HIS A 27 7.25 4.66 -3.43
N GLU A 28 8.21 5.19 -2.69
CA GLU A 28 8.18 5.11 -1.23
C GLU A 28 6.92 5.77 -0.67
N ASP A 29 6.62 6.98 -1.13
CA ASP A 29 5.48 7.72 -0.62
C ASP A 29 4.29 7.68 -1.58
N CYS A 30 4.49 7.07 -2.73
CA CYS A 30 3.43 6.97 -3.72
C CYS A 30 2.45 5.86 -3.36
N LEU A 31 2.98 4.73 -2.93
CA LEU A 31 2.16 3.61 -2.50
C LEU A 31 1.54 3.88 -1.13
N SER A 32 0.82 4.99 -1.04
CA SER A 32 0.16 5.37 0.19
C SER A 32 -1.31 5.69 -0.09
N CYS A 33 -1.94 6.41 0.83
CA CYS A 33 -3.32 6.84 0.68
C CYS A 33 -3.56 7.46 -0.69
N ASP A 34 -4.48 6.88 -1.45
CA ASP A 34 -4.79 7.38 -2.78
C ASP A 34 -5.79 8.51 -2.71
N LEU A 35 -6.92 8.21 -2.08
CA LEU A 35 -8.00 9.18 -1.91
C LEU A 35 -7.51 10.37 -1.08
N CYS A 36 -7.10 10.06 0.15
CA CYS A 36 -6.65 11.08 1.09
C CYS A 36 -5.27 11.63 0.73
N GLY A 37 -4.31 10.74 0.62
CA GLY A 37 -2.96 11.14 0.24
C GLY A 37 -2.00 11.24 1.41
N CYS A 38 -2.27 10.49 2.48
CA CYS A 38 -1.40 10.48 3.64
C CYS A 38 -0.36 9.36 3.53
N ARG A 39 -0.53 8.27 4.28
CA ARG A 39 0.44 7.17 4.25
C ARG A 39 -0.13 5.92 4.94
N LEU A 40 0.45 4.77 4.61
CA LEU A 40 0.06 3.50 5.24
C LEU A 40 1.32 2.69 5.59
N GLY A 41 1.34 2.09 6.77
CA GLY A 41 2.49 1.31 7.14
C GLY A 41 2.53 0.89 8.61
N GLU A 42 1.56 0.09 9.04
CA GLU A 42 1.58 -0.48 10.38
C GLU A 42 1.62 -2.00 10.31
N VAL A 43 0.45 -2.62 10.13
CA VAL A 43 0.37 -4.07 9.99
C VAL A 43 -0.62 -4.45 8.90
N GLY A 44 -0.21 -5.35 8.01
CA GLY A 44 -1.07 -5.78 6.92
C GLY A 44 -0.66 -7.15 6.41
N ARG A 45 -1.22 -7.59 5.28
CA ARG A 45 -0.82 -8.88 4.70
C ARG A 45 -0.66 -8.77 3.19
N ARG A 46 -1.77 -8.60 2.48
CA ARG A 46 -1.73 -8.39 1.02
C ARG A 46 -2.29 -7.02 0.70
N LEU A 47 -2.45 -6.68 -0.58
CA LEU A 47 -2.88 -5.33 -0.94
C LEU A 47 -4.23 -5.29 -1.65
N TYR A 48 -4.93 -4.19 -1.44
CA TYR A 48 -6.21 -3.90 -2.08
C TYR A 48 -6.09 -2.67 -2.95
N TYR A 49 -6.80 -2.65 -4.07
CA TYR A 49 -6.92 -1.45 -4.87
C TYR A 49 -8.20 -1.51 -5.69
N LYS A 50 -8.74 -0.35 -6.03
CA LYS A 50 -10.00 -0.29 -6.74
C LYS A 50 -9.76 -0.23 -8.25
N LEU A 51 -10.84 -0.38 -9.01
CA LEU A 51 -10.84 -0.47 -10.47
C LEU A 51 -9.63 0.22 -11.13
N GLY A 52 -9.54 1.52 -10.96
CA GLY A 52 -8.49 2.26 -11.63
C GLY A 52 -7.63 3.06 -10.69
N ARG A 53 -7.68 2.76 -9.40
CA ARG A 53 -6.86 3.46 -8.43
C ARG A 53 -6.55 2.59 -7.22
N LYS A 54 -5.31 2.62 -6.77
CA LYS A 54 -4.93 1.91 -5.56
C LYS A 54 -5.37 2.70 -4.33
N LEU A 55 -6.68 2.81 -4.17
CA LEU A 55 -7.26 3.58 -3.09
C LEU A 55 -7.23 2.77 -1.81
N CYS A 56 -7.25 3.49 -0.69
CA CYS A 56 -7.24 2.87 0.61
C CYS A 56 -8.52 2.07 0.82
N ARG A 57 -8.37 0.91 1.41
CA ARG A 57 -9.51 0.11 1.79
C ARG A 57 -9.97 0.54 3.17
N ARG A 58 -9.03 1.10 3.91
CA ARG A 58 -9.29 1.58 5.24
C ARG A 58 -10.17 2.81 5.20
N ASP A 59 -9.85 3.74 4.31
CA ASP A 59 -10.63 4.96 4.18
C ASP A 59 -11.86 4.69 3.32
N TYR A 60 -11.82 3.60 2.56
CA TYR A 60 -12.97 3.14 1.80
C TYR A 60 -13.99 2.53 2.76
N LEU A 61 -13.50 1.97 3.86
CA LEU A 61 -14.36 1.40 4.90
C LEU A 61 -14.77 2.47 5.90
N ARG A 62 -13.76 3.02 6.56
CA ARG A 62 -13.93 4.09 7.54
C ARG A 62 -12.72 5.00 7.43
N LEU A 63 -11.77 4.83 8.33
CA LEU A 63 -10.46 5.45 8.15
C LEU A 63 -9.38 4.37 8.26
N GLY A 64 -9.60 3.40 9.14
CA GLY A 64 -8.63 2.36 9.40
C GLY A 64 -9.28 1.01 9.61
N GLY A 65 -10.27 0.69 8.77
CA GLY A 65 -11.10 -0.51 8.95
C GLY A 65 -10.37 -1.84 8.80
N SER A 66 -9.18 -1.92 9.36
CA SER A 66 -8.36 -3.11 9.33
C SER A 66 -8.40 -3.83 10.68
N GLY A 67 -9.61 -3.98 11.21
CA GLY A 67 -9.84 -4.43 12.58
C GLY A 67 -8.74 -4.06 13.56
N GLY A 68 -7.83 -4.98 13.85
CA GLY A 68 -6.74 -4.66 14.75
C GLY A 68 -5.69 -5.74 14.82
N HIS A 69 -5.43 -6.25 16.01
CA HIS A 69 -4.41 -7.26 16.19
C HIS A 69 -4.88 -8.37 17.12
N MET A 70 -4.69 -8.17 18.42
CA MET A 70 -5.04 -9.19 19.40
C MET A 70 -6.47 -9.03 19.88
N GLY A 71 -6.84 -7.80 20.20
CA GLY A 71 -8.17 -7.53 20.69
C GLY A 71 -9.02 -6.81 19.66
N SER A 72 -8.82 -7.16 18.40
CA SER A 72 -9.56 -6.56 17.30
C SER A 72 -9.23 -7.27 15.99
N GLY A 73 -10.13 -7.15 15.02
CA GLY A 73 -9.92 -7.77 13.73
C GLY A 73 -9.93 -9.29 13.79
N GLY A 74 -9.53 -9.93 12.70
CA GLY A 74 -9.52 -11.37 12.65
C GLY A 74 -8.15 -11.94 12.33
N ASP A 75 -7.54 -11.46 11.24
CA ASP A 75 -6.23 -11.95 10.83
C ASP A 75 -5.12 -11.26 11.63
N VAL A 76 -3.95 -11.88 11.68
CA VAL A 76 -2.80 -11.29 12.35
C VAL A 76 -1.87 -10.66 11.31
N MET A 77 -2.06 -9.36 11.09
CA MET A 77 -1.33 -8.64 10.06
C MET A 77 0.10 -8.34 10.49
N VAL A 78 0.96 -8.04 9.52
CA VAL A 78 2.38 -7.82 9.80
C VAL A 78 3.04 -6.84 8.83
N VAL A 79 2.64 -6.88 7.58
CA VAL A 79 3.38 -6.21 6.50
C VAL A 79 3.32 -4.68 6.57
N GLY A 80 2.14 -4.11 6.79
CA GLY A 80 2.05 -2.66 6.92
C GLY A 80 0.80 -2.03 6.33
N GLU A 81 -0.20 -1.86 7.20
CA GLU A 81 -1.42 -1.12 6.87
C GLU A 81 -2.06 -0.65 8.18
N PRO A 82 -2.99 0.31 8.16
CA PRO A 82 -3.57 0.91 9.39
C PRO A 82 -4.28 -0.12 10.27
N THR A 83 -4.97 0.34 11.31
CA THR A 83 -5.71 -0.55 12.21
C THR A 83 -6.48 0.23 13.28
N LEU A 84 -7.47 -0.42 13.89
CA LEU A 84 -8.26 0.20 14.96
C LEU A 84 -7.87 -0.38 16.31
N MET A 85 -8.53 0.11 17.35
CA MET A 85 -8.35 -0.44 18.70
C MET A 85 -9.37 -1.53 18.95
N GLY A 86 -10.58 -1.33 18.46
CA GLY A 86 -11.64 -2.32 18.63
C GLY A 86 -12.67 -2.24 17.52
N GLY A 87 -12.84 -3.35 16.80
CA GLY A 87 -13.76 -3.40 15.69
C GLY A 87 -13.28 -4.36 14.64
N GLU A 88 -13.94 -5.51 14.52
CA GLU A 88 -13.49 -6.54 13.60
C GLU A 88 -14.17 -6.37 12.24
N PHE A 89 -13.42 -6.64 11.18
CA PHE A 89 -13.94 -6.50 9.83
C PHE A 89 -13.61 -7.73 9.00
N GLY A 90 -13.79 -7.64 7.69
CA GLY A 90 -13.65 -8.82 6.86
C GLY A 90 -12.53 -8.72 5.84
N ASP A 91 -11.65 -7.75 6.02
CA ASP A 91 -10.53 -7.58 5.11
C ASP A 91 -9.20 -7.80 5.81
N GLU A 92 -8.67 -6.73 6.42
CA GLU A 92 -7.37 -6.76 7.10
C GLU A 92 -6.25 -7.05 6.09
N ASP A 93 -6.62 -6.99 4.83
CA ASP A 93 -5.76 -7.42 3.72
C ASP A 93 -5.51 -6.27 2.74
N GLU A 94 -5.41 -5.06 3.28
CA GLU A 94 -5.34 -3.86 2.44
C GLU A 94 -3.97 -3.59 1.84
N ARG A 95 -2.92 -3.67 2.63
CA ARG A 95 -1.64 -3.19 2.13
C ARG A 95 -0.46 -4.11 2.46
N LEU A 96 0.26 -4.48 1.40
CA LEU A 96 1.50 -5.23 1.51
C LEU A 96 2.60 -4.46 0.79
N ILE A 97 3.86 -4.69 1.15
CA ILE A 97 4.97 -4.06 0.48
C ILE A 97 6.25 -4.81 0.70
N THR A 98 7.08 -4.81 -0.31
CA THR A 98 8.40 -5.34 -0.20
C THR A 98 9.40 -4.23 -0.56
N ARG A 99 10.34 -3.98 0.34
CA ARG A 99 11.31 -2.92 0.14
C ARG A 99 12.36 -3.40 -0.86
N LEU A 100 12.46 -2.71 -1.98
CA LEU A 100 13.41 -3.12 -3.00
C LEU A 100 14.50 -2.10 -3.18
N GLU A 101 15.54 -2.55 -3.84
CA GLU A 101 16.72 -1.75 -4.10
C GLU A 101 16.90 -1.60 -5.60
N ASN A 102 17.16 -0.37 -6.05
CA ASN A 102 17.30 -0.10 -7.48
C ASN A 102 18.47 -0.88 -8.07
N THR A 103 19.69 -0.51 -7.71
CA THR A 103 20.87 -1.20 -8.20
C THR A 103 21.93 -1.37 -7.11
N GLN A 104 22.98 -0.54 -7.17
CA GLN A 104 24.08 -0.56 -6.21
C GLN A 104 24.84 0.75 -6.31
N PHE A 105 24.46 1.69 -5.43
CA PHE A 105 24.89 3.10 -5.51
C PHE A 105 26.32 3.28 -6.00
N ASP A 106 27.27 2.64 -5.33
CA ASP A 106 28.70 2.79 -5.63
C ASP A 106 28.97 2.93 -7.12
N ALA A 107 28.38 2.03 -7.90
CA ALA A 107 28.53 2.09 -9.35
C ALA A 107 27.18 2.13 -10.05
N ALA A 108 26.17 2.67 -9.36
CA ALA A 108 24.83 2.77 -9.92
C ALA A 108 23.92 3.63 -9.04
N ASN A 109 22.68 3.20 -8.83
CA ASN A 109 21.71 3.99 -8.07
C ASN A 109 20.99 3.13 -7.01
N GLY A 110 21.76 2.33 -6.29
CA GLY A 110 21.19 1.54 -5.21
C GLY A 110 21.50 2.13 -3.84
N ILE A 111 21.65 1.29 -2.84
CA ILE A 111 22.03 1.77 -1.51
C ILE A 111 23.54 1.70 -1.34
N ASP A 112 24.06 0.49 -1.46
CA ASP A 112 25.49 0.26 -1.43
C ASP A 112 25.87 -0.65 -2.59
N ASP A 113 27.12 -1.03 -2.68
CA ASP A 113 27.58 -1.91 -3.74
C ASP A 113 27.41 -3.37 -3.35
N GLU A 114 27.02 -4.20 -4.30
CA GLU A 114 26.83 -5.61 -4.05
C GLU A 114 27.38 -6.41 -5.22
ZN ZN B . 5.53 7.63 -7.97
ZN ZN C . -6.68 7.10 2.63
N GLY A 1 20.37 -1.93 -19.25
CA GLY A 1 20.40 -0.65 -18.51
C GLY A 1 19.07 0.08 -18.58
N SER A 2 18.01 -0.62 -18.19
CA SER A 2 16.67 -0.05 -18.23
C SER A 2 16.16 0.20 -16.82
N LEU A 3 15.48 1.32 -16.63
CA LEU A 3 14.90 1.65 -15.34
C LEU A 3 13.41 1.31 -15.31
N LEU A 4 12.73 1.76 -14.27
CA LEU A 4 11.30 1.53 -14.15
C LEU A 4 10.58 2.79 -13.73
N THR A 5 9.29 2.82 -13.99
CA THR A 5 8.49 4.01 -13.73
C THR A 5 7.36 3.71 -12.77
N CYS A 6 7.14 4.63 -11.83
CA CYS A 6 6.13 4.47 -10.82
C CYS A 6 4.78 4.97 -11.33
N GLY A 7 3.70 4.36 -10.84
CA GLY A 7 2.38 4.70 -11.33
C GLY A 7 1.79 5.92 -10.65
N GLY A 8 2.53 6.47 -9.70
CA GLY A 8 2.06 7.64 -8.98
C GLY A 8 2.55 8.94 -9.59
N CYS A 9 3.87 9.05 -9.76
CA CYS A 9 4.46 10.27 -10.31
C CYS A 9 5.02 10.03 -11.70
N GLN A 10 5.46 8.79 -11.94
CA GLN A 10 6.03 8.39 -13.22
C GLN A 10 7.29 9.20 -13.56
N GLN A 11 7.97 9.70 -12.54
CA GLN A 11 9.18 10.51 -12.76
C GLN A 11 10.42 9.61 -12.86
N ASN A 12 10.20 8.33 -13.15
CA ASN A 12 11.27 7.33 -13.29
C ASN A 12 11.86 6.98 -11.94
N ILE A 13 11.83 5.71 -11.60
CA ILE A 13 12.37 5.24 -10.33
C ILE A 13 13.86 4.98 -10.44
N GLY A 14 14.64 5.95 -9.98
CA GLY A 14 16.08 5.81 -9.93
C GLY A 14 16.55 5.77 -8.51
N ASP A 15 15.62 5.43 -7.63
CA ASP A 15 15.85 5.42 -6.20
C ASP A 15 16.71 4.23 -5.79
N ARG A 16 16.89 4.05 -4.49
CA ARG A 16 17.63 2.91 -3.98
C ARG A 16 16.66 1.81 -3.54
N TYR A 17 15.50 2.23 -3.05
CA TYR A 17 14.49 1.30 -2.59
C TYR A 17 13.14 1.71 -3.16
N PHE A 18 12.29 0.74 -3.49
CA PHE A 18 11.01 1.05 -4.10
C PHE A 18 9.96 0.00 -3.79
N LEU A 19 8.77 0.18 -4.37
CA LEU A 19 7.65 -0.70 -4.14
C LEU A 19 6.97 -1.06 -5.47
N LYS A 20 6.49 -2.28 -5.60
CA LYS A 20 5.75 -2.69 -6.79
C LYS A 20 4.97 -3.97 -6.48
N ALA A 21 3.81 -4.17 -7.12
CA ALA A 21 3.02 -5.41 -6.94
C ALA A 21 1.67 -5.34 -7.61
N ILE A 22 0.98 -4.20 -7.43
CA ILE A 22 -0.39 -4.01 -7.88
C ILE A 22 -0.60 -4.49 -9.32
N ASP A 23 0.37 -4.17 -10.18
CA ASP A 23 0.34 -4.52 -11.60
C ASP A 23 1.47 -3.79 -12.31
N GLN A 24 1.92 -2.75 -11.64
CA GLN A 24 2.94 -1.85 -12.15
C GLN A 24 4.01 -1.63 -11.09
N TYR A 25 4.84 -0.61 -11.30
CA TYR A 25 5.86 -0.27 -10.33
C TYR A 25 5.50 1.02 -9.61
N TRP A 26 6.06 1.22 -8.44
CA TRP A 26 5.77 2.39 -7.63
C TRP A 26 7.03 2.97 -7.04
N HIS A 27 6.83 3.90 -6.12
CA HIS A 27 7.91 4.49 -5.36
C HIS A 27 7.69 4.17 -3.88
N GLU A 28 8.66 4.50 -3.04
CA GLU A 28 8.55 4.23 -1.62
C GLU A 28 7.43 5.05 -0.98
N ASP A 29 7.39 6.35 -1.29
CA ASP A 29 6.41 7.24 -0.67
C ASP A 29 5.44 7.81 -1.71
N CYS A 30 5.40 7.20 -2.89
CA CYS A 30 4.44 7.60 -3.91
C CYS A 30 3.14 6.84 -3.73
N LEU A 31 3.27 5.53 -3.59
CA LEU A 31 2.13 4.68 -3.30
C LEU A 31 1.71 4.88 -1.84
N SER A 32 0.58 5.53 -1.66
CA SER A 32 0.07 5.84 -0.33
C SER A 32 -1.46 5.84 -0.34
N CYS A 33 -2.05 6.19 0.80
CA CYS A 33 -3.49 6.32 0.93
C CYS A 33 -4.05 7.23 -0.18
N ASP A 34 -4.76 6.62 -1.14
CA ASP A 34 -5.17 7.31 -2.37
C ASP A 34 -6.36 8.23 -2.15
N LEU A 35 -7.55 7.64 -1.96
CA LEU A 35 -8.78 8.42 -1.74
C LEU A 35 -8.60 9.38 -0.57
N CYS A 36 -8.02 8.82 0.47
CA CYS A 36 -7.76 9.51 1.70
C CYS A 36 -6.74 10.63 1.50
N GLY A 37 -5.73 10.35 0.69
CA GLY A 37 -4.76 11.36 0.31
C GLY A 37 -3.76 11.68 1.39
N CYS A 38 -3.56 10.76 2.33
CA CYS A 38 -2.59 10.99 3.40
C CYS A 38 -1.27 10.29 3.07
N ARG A 39 -0.97 9.23 3.80
CA ARG A 39 0.24 8.46 3.59
C ARG A 39 0.13 7.13 4.29
N LEU A 40 1.04 6.22 4.00
CA LEU A 40 1.04 4.90 4.63
C LEU A 40 1.90 4.93 5.89
N GLY A 41 1.24 4.81 7.04
CA GLY A 41 1.95 4.82 8.31
C GLY A 41 1.32 3.88 9.31
N GLU A 42 0.00 3.92 9.39
CA GLU A 42 -0.75 3.02 10.26
C GLU A 42 -1.05 1.71 9.55
N VAL A 43 0.01 1.08 9.07
CA VAL A 43 -0.12 -0.16 8.30
C VAL A 43 0.80 -1.24 8.83
N GLY A 44 0.82 -2.36 8.14
CA GLY A 44 1.74 -3.43 8.46
C GLY A 44 2.77 -3.57 7.37
N ARG A 45 3.53 -4.66 7.38
CA ARG A 45 4.51 -4.91 6.32
C ARG A 45 3.80 -5.26 5.01
N ARG A 46 2.49 -5.48 5.11
CA ARG A 46 1.66 -5.74 3.94
C ARG A 46 0.86 -4.49 3.60
N LEU A 47 -0.10 -4.62 2.70
CA LEU A 47 -0.96 -3.50 2.32
C LEU A 47 -2.24 -3.99 1.67
N TYR A 48 -3.11 -3.05 1.36
CA TYR A 48 -4.34 -3.34 0.67
C TYR A 48 -4.63 -2.22 -0.32
N TYR A 49 -5.21 -2.58 -1.45
CA TYR A 49 -5.56 -1.61 -2.47
C TYR A 49 -6.87 -2.03 -3.13
N LYS A 50 -7.59 -1.07 -3.69
CA LYS A 50 -8.84 -1.36 -4.37
C LYS A 50 -8.55 -1.94 -5.75
N LEU A 51 -9.53 -2.67 -6.30
CA LEU A 51 -9.39 -3.40 -7.57
C LEU A 51 -8.47 -2.72 -8.59
N GLY A 52 -8.59 -1.41 -8.75
CA GLY A 52 -7.73 -0.70 -9.68
C GLY A 52 -7.17 0.59 -9.11
N ARG A 53 -7.36 0.79 -7.81
CA ARG A 53 -6.84 1.99 -7.15
C ARG A 53 -5.97 1.63 -5.96
N LYS A 54 -4.95 2.42 -5.71
CA LYS A 54 -4.07 2.19 -4.58
C LYS A 54 -4.58 2.89 -3.33
N LEU A 55 -5.86 2.70 -3.04
CA LEU A 55 -6.45 3.24 -1.82
C LEU A 55 -6.64 2.10 -0.82
N CYS A 56 -6.58 2.44 0.46
CA CYS A 56 -6.69 1.44 1.51
C CYS A 56 -8.12 0.91 1.64
N ARG A 57 -8.31 0.09 2.64
CA ARG A 57 -9.63 -0.42 2.96
C ARG A 57 -10.19 0.33 4.17
N ARG A 58 -9.33 1.07 4.84
CA ARG A 58 -9.70 1.78 6.04
C ARG A 58 -10.46 3.05 5.73
N ASP A 59 -9.84 3.91 4.95
CA ASP A 59 -10.43 5.18 4.60
C ASP A 59 -11.52 4.97 3.57
N TYR A 60 -11.48 3.80 2.95
CA TYR A 60 -12.53 3.38 2.04
C TYR A 60 -13.76 2.93 2.85
N LEU A 61 -13.51 2.29 3.99
CA LEU A 61 -14.60 1.86 4.86
C LEU A 61 -15.14 3.01 5.68
N ARG A 62 -14.47 4.15 5.63
CA ARG A 62 -14.92 5.34 6.36
C ARG A 62 -16.24 5.84 5.78
N LEU A 63 -16.43 5.58 4.49
CA LEU A 63 -17.64 6.02 3.79
C LEU A 63 -18.33 4.82 3.14
N GLY A 64 -17.53 3.89 2.62
CA GLY A 64 -18.08 2.73 1.97
C GLY A 64 -18.45 1.63 2.94
N GLY A 65 -18.10 1.82 4.20
CA GLY A 65 -18.45 0.86 5.22
C GLY A 65 -19.28 1.49 6.32
N SER A 66 -18.69 1.65 7.48
CA SER A 66 -19.35 2.31 8.60
C SER A 66 -18.37 3.21 9.34
N GLY A 67 -17.45 2.59 10.07
CA GLY A 67 -16.45 3.34 10.79
C GLY A 67 -15.05 2.97 10.38
N GLY A 68 -14.61 1.79 10.79
CA GLY A 68 -13.28 1.32 10.45
C GLY A 68 -12.20 2.22 11.02
N HIS A 69 -12.46 2.75 12.21
CA HIS A 69 -11.53 3.67 12.84
C HIS A 69 -10.71 2.96 13.91
N MET A 70 -11.35 2.04 14.61
CA MET A 70 -10.68 1.29 15.68
C MET A 70 -9.70 0.28 15.09
N GLY A 71 -9.97 -0.14 13.86
CA GLY A 71 -9.10 -1.10 13.21
C GLY A 71 -8.06 -0.44 12.32
N SER A 72 -6.85 -0.34 12.82
CA SER A 72 -5.74 0.24 12.07
C SER A 72 -4.42 -0.31 12.58
N GLY A 73 -4.26 -1.61 12.46
CA GLY A 73 -3.03 -2.25 12.91
C GLY A 73 -2.92 -2.33 14.42
N GLY A 74 -1.90 -3.03 14.90
CA GLY A 74 -1.67 -3.15 16.33
C GLY A 74 -2.74 -3.98 17.01
N ASP A 75 -3.37 -3.41 18.03
CA ASP A 75 -4.45 -4.09 18.73
C ASP A 75 -5.72 -3.25 18.65
N VAL A 76 -6.85 -3.92 18.52
CA VAL A 76 -8.13 -3.24 18.43
C VAL A 76 -8.95 -3.47 19.70
N MET A 77 -9.75 -2.48 20.07
CA MET A 77 -10.62 -2.60 21.22
C MET A 77 -11.68 -3.66 20.97
N VAL A 78 -11.52 -4.79 21.63
CA VAL A 78 -12.38 -5.95 21.40
C VAL A 78 -13.84 -5.65 21.77
N VAL A 79 -14.66 -5.45 20.74
CA VAL A 79 -16.07 -5.19 20.92
C VAL A 79 -16.86 -6.51 20.91
N GLY A 80 -16.26 -7.53 21.50
CA GLY A 80 -16.87 -8.85 21.50
C GLY A 80 -16.42 -9.66 20.32
N GLU A 81 -16.71 -9.14 19.12
CA GLU A 81 -16.31 -9.78 17.88
C GLU A 81 -16.21 -8.73 16.78
N PRO A 82 -15.09 -8.02 16.70
CA PRO A 82 -14.90 -6.93 15.76
C PRO A 82 -14.58 -7.42 14.34
N THR A 83 -15.03 -6.64 13.37
CA THR A 83 -14.73 -6.92 11.97
C THR A 83 -13.38 -6.32 11.62
N LEU A 84 -12.85 -5.54 12.55
CA LEU A 84 -11.59 -4.86 12.36
C LEU A 84 -10.60 -5.32 13.41
N MET A 85 -9.71 -6.23 13.02
CA MET A 85 -8.65 -6.66 13.93
C MET A 85 -7.42 -5.80 13.69
N GLY A 86 -7.17 -5.55 12.41
CA GLY A 86 -6.17 -4.59 12.01
C GLY A 86 -6.78 -3.57 11.08
N GLY A 87 -5.94 -2.87 10.32
CA GLY A 87 -6.46 -1.94 9.34
C GLY A 87 -7.12 -2.67 8.18
N GLU A 88 -6.50 -3.77 7.78
CA GLU A 88 -6.98 -4.55 6.66
C GLU A 88 -8.09 -5.50 7.10
N PHE A 89 -9.13 -4.94 7.72
CA PHE A 89 -10.32 -5.67 8.22
C PHE A 89 -10.55 -6.98 7.46
N GLY A 90 -11.04 -6.83 6.25
CA GLY A 90 -11.27 -7.95 5.38
C GLY A 90 -10.41 -7.85 4.14
N ASP A 91 -9.19 -8.35 4.25
CA ASP A 91 -8.22 -8.25 3.17
C ASP A 91 -8.61 -9.15 2.00
N GLU A 92 -7.99 -10.33 1.94
CA GLU A 92 -8.31 -11.38 0.97
C GLU A 92 -7.98 -11.00 -0.47
N ASP A 93 -8.30 -9.78 -0.85
CA ASP A 93 -8.18 -9.32 -2.23
C ASP A 93 -7.01 -8.37 -2.40
N GLU A 94 -5.94 -8.61 -1.67
CA GLU A 94 -4.77 -7.74 -1.70
C GLU A 94 -3.61 -8.41 -2.41
N ARG A 95 -2.92 -7.65 -3.24
CA ARG A 95 -1.73 -8.12 -3.92
C ARG A 95 -0.49 -7.69 -3.16
N LEU A 96 -0.71 -6.95 -2.07
CA LEU A 96 0.35 -6.41 -1.24
C LEU A 96 1.29 -5.51 -2.06
N ILE A 97 2.49 -5.30 -1.56
CA ILE A 97 3.52 -4.54 -2.25
C ILE A 97 4.88 -4.88 -1.65
N THR A 98 5.81 -5.25 -2.50
CA THR A 98 7.10 -5.68 -2.04
C THR A 98 8.08 -4.52 -1.94
N ARG A 99 8.63 -4.32 -0.75
CA ARG A 99 9.67 -3.33 -0.54
C ARG A 99 10.95 -3.84 -1.19
N LEU A 100 11.15 -3.46 -2.43
CA LEU A 100 12.23 -4.04 -3.21
C LEU A 100 13.42 -3.13 -3.31
N GLU A 101 14.47 -3.69 -3.83
CA GLU A 101 15.73 -3.01 -4.02
C GLU A 101 15.88 -2.61 -5.48
N ASN A 102 16.36 -1.41 -5.72
CA ASN A 102 16.51 -0.93 -7.09
C ASN A 102 17.92 -1.22 -7.61
N THR A 103 18.02 -1.28 -8.94
CA THR A 103 19.26 -1.60 -9.63
C THR A 103 20.48 -0.89 -9.05
N GLN A 104 20.40 0.44 -8.98
CA GLN A 104 21.55 1.27 -8.59
C GLN A 104 22.00 1.04 -7.15
N PHE A 105 21.28 0.22 -6.39
CA PHE A 105 21.66 -0.06 -5.02
C PHE A 105 21.78 -1.57 -4.81
N ASP A 106 21.23 -2.02 -3.70
CA ASP A 106 21.21 -3.43 -3.33
C ASP A 106 20.47 -3.61 -2.02
N ALA A 107 21.15 -3.28 -0.93
CA ALA A 107 20.60 -3.35 0.42
C ALA A 107 19.97 -4.72 0.71
N ALA A 108 20.55 -5.77 0.14
CA ALA A 108 20.03 -7.10 0.33
C ALA A 108 21.14 -8.11 0.62
N ASN A 109 22.08 -8.24 -0.30
CA ASN A 109 23.16 -9.22 -0.15
C ASN A 109 24.50 -8.64 -0.56
N GLY A 110 24.47 -7.54 -1.28
CA GLY A 110 25.70 -6.92 -1.73
C GLY A 110 26.34 -6.03 -0.67
N ILE A 111 27.31 -5.23 -1.09
CA ILE A 111 27.99 -4.32 -0.19
C ILE A 111 27.32 -2.95 -0.19
N ASP A 112 26.46 -2.75 -1.17
CA ASP A 112 25.70 -1.50 -1.29
C ASP A 112 24.53 -1.53 -0.31
N ASP A 113 24.84 -1.52 0.96
CA ASP A 113 23.83 -1.63 2.01
C ASP A 113 23.69 -0.30 2.74
N GLU A 114 22.47 0.04 3.13
CA GLU A 114 22.22 1.30 3.81
C GLU A 114 22.00 1.05 5.30
ZN ZN B . 6.84 8.09 -7.97
ZN ZN C . -6.48 5.36 3.31
N GLY A 1 18.70 1.63 -20.99
CA GLY A 1 17.89 1.19 -19.82
C GLY A 1 16.65 2.04 -19.64
N SER A 2 15.49 1.43 -19.85
CA SER A 2 14.22 2.12 -19.69
C SER A 2 13.95 2.36 -18.21
N LEU A 3 13.81 3.63 -17.84
CA LEU A 3 13.57 3.99 -16.45
C LEU A 3 12.15 3.64 -16.03
N LEU A 4 11.88 3.74 -14.74
CA LEU A 4 10.54 3.51 -14.23
C LEU A 4 9.95 4.82 -13.73
N THR A 5 8.63 4.85 -13.60
CA THR A 5 7.93 6.02 -13.11
C THR A 5 6.79 5.58 -12.20
N CYS A 6 6.66 6.22 -11.06
CA CYS A 6 5.69 5.80 -10.06
C CYS A 6 4.32 6.39 -10.35
N GLY A 7 3.29 5.84 -9.72
CA GLY A 7 1.94 6.29 -9.97
C GLY A 7 1.50 7.35 -8.98
N GLY A 8 2.37 7.69 -8.05
CA GLY A 8 2.05 8.70 -7.06
C GLY A 8 2.54 10.07 -7.49
N CYS A 9 3.79 10.16 -7.86
CA CYS A 9 4.36 11.42 -8.33
C CYS A 9 4.62 11.36 -9.83
N GLN A 10 4.99 10.16 -10.30
CA GLN A 10 5.24 9.91 -11.72
C GLN A 10 6.51 10.61 -12.21
N GLN A 11 7.41 10.95 -11.29
CA GLN A 11 8.62 11.66 -11.68
C GLN A 11 9.65 10.71 -12.34
N ASN A 12 10.00 9.62 -11.65
CA ASN A 12 11.03 8.67 -12.12
C ASN A 12 11.56 7.85 -10.94
N ILE A 13 11.55 6.54 -11.07
CA ILE A 13 12.13 5.68 -10.07
C ILE A 13 13.52 5.23 -10.48
N GLY A 14 14.52 5.87 -9.91
CA GLY A 14 15.90 5.55 -10.23
C GLY A 14 16.61 4.95 -9.04
N ASP A 15 15.84 4.52 -8.06
CA ASP A 15 16.39 3.92 -6.85
C ASP A 15 16.79 2.48 -7.12
N ARG A 16 17.57 1.91 -6.20
CA ARG A 16 18.01 0.52 -6.36
C ARG A 16 16.96 -0.43 -5.82
N TYR A 17 16.21 0.00 -4.82
CA TYR A 17 15.08 -0.77 -4.32
C TYR A 17 13.83 0.07 -4.42
N PHE A 18 12.74 -0.52 -4.85
CA PHE A 18 11.51 0.22 -5.03
C PHE A 18 10.28 -0.66 -4.83
N LEU A 19 9.11 -0.13 -5.11
CA LEU A 19 7.87 -0.83 -4.88
C LEU A 19 7.03 -0.87 -6.13
N LYS A 20 6.61 -2.06 -6.53
CA LYS A 20 5.70 -2.19 -7.68
C LYS A 20 5.04 -3.57 -7.63
N ALA A 21 3.78 -3.67 -8.06
CA ALA A 21 3.05 -4.95 -8.04
C ALA A 21 1.63 -4.81 -8.59
N ILE A 22 0.90 -3.83 -8.06
CA ILE A 22 -0.51 -3.62 -8.40
C ILE A 22 -0.77 -3.72 -9.90
N ASP A 23 -0.11 -2.84 -10.62
CA ASP A 23 -0.21 -2.74 -12.08
C ASP A 23 0.46 -1.44 -12.49
N GLN A 24 1.48 -1.12 -11.72
CA GLN A 24 2.17 0.14 -11.81
C GLN A 24 3.50 0.00 -11.12
N TYR A 25 4.40 0.90 -11.42
CA TYR A 25 5.60 1.02 -10.62
C TYR A 25 5.41 2.17 -9.65
N TRP A 26 5.96 2.03 -8.47
CA TRP A 26 5.73 3.00 -7.43
C TRP A 26 7.04 3.48 -6.83
N HIS A 27 6.92 4.15 -5.71
CA HIS A 27 8.06 4.65 -4.98
C HIS A 27 8.00 4.17 -3.55
N GLU A 28 9.15 4.14 -2.90
CA GLU A 28 9.25 3.68 -1.53
C GLU A 28 8.42 4.55 -0.58
N ASP A 29 8.41 5.85 -0.83
CA ASP A 29 7.79 6.79 0.09
C ASP A 29 6.57 7.50 -0.52
N CYS A 30 6.29 7.20 -1.77
CA CYS A 30 5.19 7.84 -2.47
C CYS A 30 3.83 7.24 -2.11
N LEU A 31 3.78 5.91 -2.07
CA LEU A 31 2.53 5.20 -1.85
C LEU A 31 1.83 5.65 -0.56
N SER A 32 0.68 6.27 -0.72
CA SER A 32 -0.14 6.69 0.41
C SER A 32 -1.62 6.57 0.04
N CYS A 33 -2.47 7.32 0.74
CA CYS A 33 -3.90 7.36 0.46
C CYS A 33 -4.14 7.63 -1.03
N ASP A 34 -4.98 6.82 -1.67
CA ASP A 34 -5.26 6.98 -3.09
C ASP A 34 -6.16 8.18 -3.33
N LEU A 35 -7.31 8.15 -2.70
CA LEU A 35 -8.32 9.18 -2.88
C LEU A 35 -7.93 10.48 -2.17
N CYS A 36 -7.32 10.34 -1.01
CA CYS A 36 -7.11 11.46 -0.12
C CYS A 36 -5.66 11.97 -0.08
N GLY A 37 -4.72 11.10 -0.42
CA GLY A 37 -3.33 11.51 -0.50
C GLY A 37 -2.72 11.85 0.86
N CYS A 38 -2.95 11.00 1.85
CA CYS A 38 -2.38 11.22 3.18
C CYS A 38 -1.25 10.21 3.45
N ARG A 39 -1.60 9.05 4.02
CA ARG A 39 -0.60 8.03 4.33
C ARG A 39 -1.25 6.65 4.45
N LEU A 40 -0.43 5.61 4.51
CA LEU A 40 -0.93 4.25 4.67
C LEU A 40 -0.61 3.71 6.06
N GLY A 41 0.58 3.16 6.21
CA GLY A 41 0.98 2.57 7.47
C GLY A 41 1.56 1.19 7.27
N GLU A 42 1.00 0.49 6.28
CA GLU A 42 1.49 -0.81 5.85
C GLU A 42 1.69 -1.77 7.02
N VAL A 43 0.64 -1.92 7.83
CA VAL A 43 0.72 -2.77 9.01
C VAL A 43 -0.58 -3.56 9.24
N GLY A 44 -1.49 -3.53 8.27
CA GLY A 44 -2.73 -4.29 8.41
C GLY A 44 -2.53 -5.76 8.11
N ARG A 45 -1.27 -6.12 7.93
CA ARG A 45 -0.81 -7.48 7.70
C ARG A 45 0.63 -7.34 7.23
N ARG A 46 0.75 -7.14 5.93
CA ARG A 46 1.96 -6.54 5.39
C ARG A 46 1.54 -5.48 4.38
N LEU A 47 0.21 -5.30 4.30
CA LEU A 47 -0.45 -4.26 3.51
C LEU A 47 -1.87 -4.71 3.19
N TYR A 48 -2.55 -3.96 2.32
CA TYR A 48 -3.91 -4.29 1.88
C TYR A 48 -4.17 -3.56 0.56
N TYR A 49 -4.95 -4.14 -0.34
CA TYR A 49 -5.42 -3.42 -1.54
C TYR A 49 -6.57 -4.21 -2.16
N LYS A 50 -7.43 -3.55 -2.91
CA LYS A 50 -8.62 -4.20 -3.45
C LYS A 50 -8.22 -5.10 -4.61
N LEU A 51 -9.11 -6.03 -4.99
CA LEU A 51 -8.86 -7.07 -6.01
C LEU A 51 -7.83 -6.63 -7.07
N GLY A 52 -8.08 -5.49 -7.67
CA GLY A 52 -7.12 -4.91 -8.59
C GLY A 52 -7.13 -3.41 -8.47
N ARG A 53 -7.36 -2.93 -7.25
CA ARG A 53 -7.54 -1.51 -7.00
C ARG A 53 -6.79 -1.09 -5.75
N LYS A 54 -5.76 -0.29 -5.93
CA LYS A 54 -5.05 0.28 -4.80
C LYS A 54 -5.78 1.52 -4.33
N LEU A 55 -6.56 1.37 -3.29
CA LEU A 55 -7.35 2.47 -2.76
C LEU A 55 -7.52 2.27 -1.28
N CYS A 56 -7.68 3.34 -0.52
CA CYS A 56 -7.74 3.21 0.92
C CYS A 56 -8.94 2.40 1.32
N ARG A 57 -8.75 1.51 2.27
CA ARG A 57 -9.81 0.62 2.72
C ARG A 57 -10.77 1.37 3.63
N ARG A 58 -10.24 2.29 4.41
CA ARG A 58 -11.06 3.05 5.33
C ARG A 58 -11.86 4.10 4.57
N ASP A 59 -11.20 4.75 3.61
CA ASP A 59 -11.89 5.72 2.77
C ASP A 59 -12.63 5.00 1.62
N TYR A 60 -12.45 3.68 1.56
CA TYR A 60 -13.23 2.83 0.66
C TYR A 60 -14.59 2.60 1.27
N LEU A 61 -14.59 2.31 2.57
CA LEU A 61 -15.82 2.14 3.32
C LEU A 61 -16.55 3.48 3.39
N ARG A 62 -15.84 4.47 3.90
CA ARG A 62 -16.30 5.85 3.85
C ARG A 62 -15.11 6.75 4.13
N LEU A 63 -14.79 6.90 5.41
CA LEU A 63 -13.53 7.52 5.80
C LEU A 63 -12.78 6.62 6.77
N GLY A 64 -13.53 5.83 7.51
CA GLY A 64 -12.95 4.86 8.39
C GLY A 64 -13.65 3.52 8.30
N GLY A 65 -14.90 3.48 8.71
CA GLY A 65 -15.62 2.21 8.72
C GLY A 65 -17.10 2.33 8.41
N SER A 66 -17.49 3.44 7.75
CA SER A 66 -18.90 3.76 7.44
C SER A 66 -19.92 3.15 8.42
N GLY A 67 -19.61 3.24 9.72
CA GLY A 67 -20.45 2.64 10.73
C GLY A 67 -21.19 3.68 11.54
N GLY A 68 -21.70 4.69 10.87
CA GLY A 68 -22.39 5.78 11.54
C GLY A 68 -23.60 5.33 12.32
N HIS A 69 -24.17 4.19 11.93
CA HIS A 69 -25.33 3.62 12.60
C HIS A 69 -25.01 3.23 14.04
N MET A 70 -24.49 2.03 14.18
CA MET A 70 -24.17 1.47 15.48
C MET A 70 -23.01 2.22 16.14
N GLY A 71 -22.03 2.60 15.33
CA GLY A 71 -20.88 3.32 15.84
C GLY A 71 -19.58 2.66 15.45
N SER A 72 -19.52 1.35 15.62
CA SER A 72 -18.32 0.58 15.32
C SER A 72 -18.66 -0.62 14.47
N GLY A 73 -18.02 -0.74 13.31
CA GLY A 73 -18.26 -1.86 12.43
C GLY A 73 -19.32 -1.59 11.38
N GLY A 74 -19.77 -2.65 10.73
CA GLY A 74 -20.78 -2.52 9.71
C GLY A 74 -20.61 -3.50 8.56
N ASP A 75 -19.49 -4.23 8.53
CA ASP A 75 -19.24 -5.18 7.45
C ASP A 75 -18.66 -6.49 7.98
N VAL A 76 -19.13 -7.60 7.42
CA VAL A 76 -18.68 -8.92 7.86
C VAL A 76 -17.31 -9.24 7.29
N MET A 77 -16.37 -9.57 8.16
CA MET A 77 -15.02 -9.94 7.76
C MET A 77 -15.02 -11.30 7.08
N VAL A 78 -14.71 -11.31 5.79
CA VAL A 78 -14.76 -12.54 5.00
C VAL A 78 -13.39 -12.93 4.47
N VAL A 79 -12.38 -12.12 4.78
CA VAL A 79 -11.02 -12.38 4.32
C VAL A 79 -10.13 -12.77 5.50
N GLY A 80 -10.47 -12.28 6.67
CA GLY A 80 -9.69 -12.56 7.85
C GLY A 80 -9.27 -11.29 8.56
N GLU A 81 -10.04 -10.23 8.34
CA GLU A 81 -9.77 -8.94 8.96
C GLU A 81 -10.17 -8.97 10.42
N PRO A 82 -9.32 -8.43 11.31
CA PRO A 82 -9.58 -8.45 12.74
C PRO A 82 -10.56 -7.36 13.17
N THR A 83 -11.35 -7.66 14.20
CA THR A 83 -12.30 -6.72 14.73
C THR A 83 -11.61 -5.63 15.55
N LEU A 84 -11.38 -4.49 14.92
CA LEU A 84 -10.75 -3.35 15.58
C LEU A 84 -11.81 -2.49 16.25
N MET A 85 -11.39 -1.41 16.89
CA MET A 85 -12.31 -0.52 17.58
C MET A 85 -13.11 0.30 16.57
N GLY A 86 -12.45 0.73 15.51
CA GLY A 86 -13.11 1.49 14.47
C GLY A 86 -13.50 0.62 13.29
N GLY A 87 -14.47 -0.26 13.49
CA GLY A 87 -14.87 -1.17 12.44
C GLY A 87 -14.20 -2.52 12.57
N GLU A 88 -14.81 -3.54 11.96
CA GLU A 88 -14.30 -4.90 12.07
C GLU A 88 -13.18 -5.17 11.07
N PHE A 89 -12.42 -4.14 10.75
CA PHE A 89 -11.35 -4.27 9.78
C PHE A 89 -10.02 -3.87 10.41
N GLY A 90 -8.95 -4.44 9.88
CA GLY A 90 -7.62 -4.15 10.39
C GLY A 90 -6.64 -3.99 9.25
N ASP A 91 -6.66 -2.81 8.66
CA ASP A 91 -5.92 -2.52 7.45
C ASP A 91 -5.46 -1.07 7.45
N GLU A 92 -6.35 -0.19 6.96
CA GLU A 92 -6.14 1.27 6.96
C GLU A 92 -5.10 1.71 5.93
N ASP A 93 -4.31 0.77 5.44
CA ASP A 93 -3.21 1.10 4.53
C ASP A 93 -3.42 0.52 3.14
N GLU A 94 -4.65 0.47 2.69
CA GLU A 94 -4.96 -0.20 1.43
C GLU A 94 -4.32 0.47 0.21
N ARG A 95 -3.22 -0.13 -0.26
CA ARG A 95 -2.48 0.27 -1.44
C ARG A 95 -1.29 -0.67 -1.61
N LEU A 96 -1.53 -1.98 -1.46
CA LEU A 96 -0.43 -2.93 -1.29
C LEU A 96 0.38 -3.13 -2.54
N ILE A 97 1.67 -3.38 -2.32
CA ILE A 97 2.63 -3.59 -3.37
C ILE A 97 3.62 -4.64 -2.90
N THR A 98 4.75 -4.72 -3.56
CA THR A 98 5.80 -5.63 -3.16
C THR A 98 7.16 -4.98 -3.35
N ARG A 99 8.04 -5.18 -2.38
CA ARG A 99 9.36 -4.57 -2.42
C ARG A 99 10.19 -5.21 -3.52
N LEU A 100 10.43 -4.45 -4.57
CA LEU A 100 11.15 -4.97 -5.72
C LEU A 100 12.56 -4.43 -5.77
N GLU A 101 13.33 -4.99 -6.67
CA GLU A 101 14.72 -4.61 -6.85
C GLU A 101 14.96 -4.16 -8.29
N ASN A 102 15.71 -3.10 -8.45
CA ASN A 102 16.01 -2.57 -9.77
C ASN A 102 17.09 -3.42 -10.46
N THR A 103 17.40 -3.07 -11.70
CA THR A 103 18.38 -3.79 -12.49
C THR A 103 19.73 -3.86 -11.78
N GLN A 104 20.36 -2.70 -11.62
CA GLN A 104 21.69 -2.63 -11.02
C GLN A 104 21.61 -2.60 -9.51
N PHE A 105 20.94 -3.58 -8.95
CA PHE A 105 20.90 -3.77 -7.51
C PHE A 105 21.31 -5.19 -7.16
N ASP A 106 20.95 -6.13 -8.03
CA ASP A 106 21.21 -7.56 -7.85
C ASP A 106 22.62 -7.84 -7.36
N ALA A 107 23.54 -6.99 -7.82
CA ALA A 107 24.97 -7.05 -7.51
C ALA A 107 25.74 -7.69 -8.67
N ALA A 108 25.50 -7.16 -9.85
CA ALA A 108 26.11 -7.68 -11.06
C ALA A 108 27.42 -6.96 -11.36
N ASN A 109 27.54 -5.73 -10.88
CA ASN A 109 28.72 -4.91 -11.14
C ASN A 109 29.70 -5.00 -9.96
N GLY A 110 29.19 -5.39 -8.81
CA GLY A 110 30.02 -5.52 -7.64
C GLY A 110 29.27 -6.10 -6.46
N ILE A 111 29.63 -5.66 -5.27
CA ILE A 111 28.94 -6.09 -4.05
C ILE A 111 27.81 -5.12 -3.72
N ASP A 112 28.09 -3.84 -3.92
CA ASP A 112 27.07 -2.82 -3.84
C ASP A 112 26.81 -2.31 -5.24
N ASP A 113 25.90 -3.00 -5.91
CA ASP A 113 25.65 -2.81 -7.34
C ASP A 113 25.38 -1.36 -7.70
N GLU A 114 25.95 -0.94 -8.82
CA GLU A 114 25.78 0.40 -9.34
C GLU A 114 26.13 0.41 -10.81
ZN ZN B . 6.87 8.77 -6.79
ZN ZN C . -7.69 7.73 1.72
N GLY A 1 19.46 8.70 -14.91
CA GLY A 1 18.80 8.38 -13.61
C GLY A 1 18.84 6.89 -13.32
N SER A 2 17.81 6.40 -12.64
CA SER A 2 17.72 4.99 -12.28
C SER A 2 17.24 4.15 -13.46
N LEU A 3 16.84 2.92 -13.18
CA LEU A 3 16.33 2.03 -14.22
C LEU A 3 14.81 1.99 -14.21
N LEU A 4 14.24 1.79 -13.03
CA LEU A 4 12.79 1.70 -12.88
C LEU A 4 12.15 3.08 -12.83
N THR A 5 10.91 3.12 -13.27
CA THR A 5 10.12 4.33 -13.20
C THR A 5 8.75 4.02 -12.60
N CYS A 6 8.31 4.87 -11.69
CA CYS A 6 7.08 4.63 -10.94
C CYS A 6 5.87 5.18 -11.69
N GLY A 7 4.79 4.42 -11.69
CA GLY A 7 3.60 4.81 -12.42
C GLY A 7 2.81 5.91 -11.73
N GLY A 8 3.28 6.32 -10.56
CA GLY A 8 2.59 7.34 -9.82
C GLY A 8 3.14 8.72 -10.05
N CYS A 9 4.46 8.83 -10.21
CA CYS A 9 5.09 10.13 -10.40
C CYS A 9 6.05 10.11 -11.59
N GLN A 10 6.61 8.94 -11.86
CA GLN A 10 7.55 8.75 -12.97
C GLN A 10 8.82 9.58 -12.79
N GLN A 11 9.15 9.88 -11.54
CA GLN A 11 10.36 10.64 -11.25
C GLN A 11 11.57 9.71 -11.09
N ASN A 12 11.39 8.47 -11.54
CA ASN A 12 12.44 7.44 -11.50
C ASN A 12 12.66 6.92 -10.08
N ILE A 13 12.69 5.60 -9.93
CA ILE A 13 12.86 4.99 -8.63
C ILE A 13 14.32 4.58 -8.40
N GLY A 14 15.01 5.35 -7.57
CA GLY A 14 16.37 5.05 -7.22
C GLY A 14 16.54 4.90 -5.73
N ASP A 15 15.49 4.40 -5.11
CA ASP A 15 15.46 4.23 -3.65
C ASP A 15 16.18 2.95 -3.26
N ARG A 16 16.12 2.61 -1.99
CA ARG A 16 16.70 1.38 -1.49
C ARG A 16 15.63 0.31 -1.34
N TYR A 17 14.38 0.74 -1.30
CA TYR A 17 13.24 -0.16 -1.17
C TYR A 17 12.01 0.53 -1.74
N PHE A 18 11.13 -0.23 -2.38
CA PHE A 18 9.98 0.37 -3.04
C PHE A 18 8.80 -0.60 -3.12
N LEU A 19 7.78 -0.22 -3.86
CA LEU A 19 6.59 -1.02 -4.03
C LEU A 19 6.34 -1.26 -5.52
N LYS A 20 6.11 -2.50 -5.90
CA LYS A 20 5.77 -2.82 -7.29
C LYS A 20 5.13 -4.19 -7.35
N ALA A 21 4.08 -4.34 -8.17
CA ALA A 21 3.44 -5.65 -8.37
C ALA A 21 2.17 -5.53 -9.21
N ILE A 22 1.44 -4.43 -9.01
CA ILE A 22 0.14 -4.22 -9.64
C ILE A 22 0.21 -4.48 -11.15
N ASP A 23 1.11 -3.77 -11.81
CA ASP A 23 1.36 -3.95 -13.24
C ASP A 23 2.44 -2.96 -13.67
N GLN A 24 3.20 -2.50 -12.71
CA GLN A 24 4.24 -1.51 -12.92
C GLN A 24 5.01 -1.31 -11.64
N TYR A 25 5.98 -0.41 -11.66
CA TYR A 25 6.76 -0.10 -10.49
C TYR A 25 6.24 1.17 -9.84
N TRP A 26 6.40 1.26 -8.53
CA TRP A 26 5.89 2.40 -7.78
C TRP A 26 6.94 2.95 -6.84
N HIS A 27 6.45 3.65 -5.84
CA HIS A 27 7.30 4.18 -4.79
C HIS A 27 6.73 3.79 -3.44
N GLU A 28 7.59 3.72 -2.44
CA GLU A 28 7.17 3.40 -1.09
C GLU A 28 6.23 4.47 -0.54
N ASP A 29 6.50 5.72 -0.91
CA ASP A 29 5.71 6.85 -0.40
C ASP A 29 4.79 7.43 -1.47
N CYS A 30 4.79 6.82 -2.64
CA CYS A 30 3.88 7.23 -3.70
C CYS A 30 2.54 6.51 -3.53
N LEU A 31 2.60 5.26 -3.13
CA LEU A 31 1.40 4.46 -2.89
C LEU A 31 0.92 4.63 -1.44
N SER A 32 0.01 5.58 -1.22
CA SER A 32 -0.51 5.86 0.12
C SER A 32 -2.03 6.08 0.10
N CYS A 33 -2.47 7.33 0.18
CA CYS A 33 -3.88 7.68 0.22
C CYS A 33 -4.49 7.73 -1.19
N ASP A 34 -5.32 6.74 -1.51
CA ASP A 34 -5.96 6.69 -2.82
C ASP A 34 -7.33 7.31 -2.78
N LEU A 35 -8.12 6.88 -1.79
CA LEU A 35 -9.49 7.37 -1.64
C LEU A 35 -9.51 8.89 -1.52
N CYS A 36 -8.64 9.41 -0.67
CA CYS A 36 -8.53 10.84 -0.47
C CYS A 36 -7.89 11.50 -1.70
N GLY A 37 -6.89 10.83 -2.26
CA GLY A 37 -6.29 11.30 -3.49
C GLY A 37 -5.41 12.51 -3.32
N CYS A 38 -5.12 12.87 -2.07
CA CYS A 38 -4.30 14.03 -1.78
C CYS A 38 -2.88 13.81 -2.28
N ARG A 39 -2.22 12.78 -1.78
CA ARG A 39 -0.87 12.45 -2.23
C ARG A 39 -0.93 11.80 -3.61
N LEU A 40 -1.46 10.57 -3.65
CA LEU A 40 -1.47 9.77 -4.86
C LEU A 40 -1.97 10.52 -6.09
N GLY A 41 -3.16 11.06 -6.01
CA GLY A 41 -3.80 11.58 -7.19
C GLY A 41 -4.57 10.49 -7.89
N GLU A 42 -5.83 10.34 -7.50
CA GLU A 42 -6.62 9.18 -7.90
C GLU A 42 -7.17 9.31 -9.31
N VAL A 43 -6.88 10.41 -9.97
CA VAL A 43 -7.43 10.63 -11.30
C VAL A 43 -6.47 10.22 -12.41
N GLY A 44 -5.37 9.57 -12.07
CA GLY A 44 -4.50 9.04 -13.11
C GLY A 44 -3.06 8.79 -12.70
N ARG A 45 -2.74 8.88 -11.42
CA ARG A 45 -1.35 8.71 -11.01
C ARG A 45 -1.13 7.41 -10.23
N ARG A 46 -1.13 7.55 -8.92
CA ARG A 46 -0.76 6.45 -8.02
C ARG A 46 -2.01 5.79 -7.44
N LEU A 47 -1.89 4.56 -6.95
CA LEU A 47 -3.04 3.86 -6.40
C LEU A 47 -2.68 2.88 -5.29
N TYR A 48 -3.57 2.81 -4.32
CA TYR A 48 -3.58 1.76 -3.30
C TYR A 48 -4.97 1.16 -3.34
N TYR A 49 -5.14 0.10 -4.09
CA TYR A 49 -6.50 -0.27 -4.46
C TYR A 49 -6.83 -1.73 -4.17
N LYS A 50 -8.09 -1.96 -3.80
CA LYS A 50 -8.62 -3.30 -3.63
C LYS A 50 -9.37 -3.72 -4.87
N LEU A 51 -9.77 -4.99 -4.94
CA LEU A 51 -10.46 -5.60 -6.10
C LEU A 51 -11.11 -4.58 -7.04
N GLY A 52 -12.07 -3.84 -6.50
CA GLY A 52 -12.80 -2.89 -7.32
C GLY A 52 -12.85 -1.49 -6.73
N ARG A 53 -12.00 -1.22 -5.76
CA ARG A 53 -11.99 0.10 -5.12
C ARG A 53 -10.57 0.64 -4.94
N LYS A 54 -10.28 1.72 -5.64
CA LYS A 54 -9.03 2.44 -5.43
C LYS A 54 -9.14 3.29 -4.16
N LEU A 55 -8.62 2.79 -3.04
CA LEU A 55 -8.73 3.53 -1.79
C LEU A 55 -7.66 3.13 -0.77
N CYS A 56 -7.33 4.07 0.11
CA CYS A 56 -6.27 3.89 1.09
C CYS A 56 -6.60 2.76 2.04
N ARG A 57 -5.58 2.04 2.49
CA ARG A 57 -5.79 0.84 3.27
C ARG A 57 -6.21 1.15 4.69
N ARG A 58 -5.40 1.95 5.37
CA ARG A 58 -5.69 2.34 6.74
C ARG A 58 -6.97 3.17 6.80
N ASP A 59 -7.27 3.82 5.69
CA ASP A 59 -8.48 4.63 5.59
C ASP A 59 -9.67 3.74 5.28
N TYR A 60 -9.44 2.76 4.42
CA TYR A 60 -10.47 1.76 4.09
C TYR A 60 -10.90 1.01 5.35
N LEU A 61 -9.96 0.78 6.24
CA LEU A 61 -10.27 0.03 7.44
C LEU A 61 -11.04 0.87 8.45
N ARG A 62 -11.16 2.17 8.19
CA ARG A 62 -11.94 3.03 9.06
C ARG A 62 -13.22 3.50 8.36
N LEU A 63 -13.09 4.07 7.17
CA LEU A 63 -14.24 4.55 6.43
C LEU A 63 -15.02 3.37 5.84
N GLY A 64 -14.30 2.37 5.36
CA GLY A 64 -14.92 1.15 4.89
C GLY A 64 -15.21 0.20 6.03
N GLY A 65 -14.51 0.43 7.14
CA GLY A 65 -14.77 -0.31 8.36
C GLY A 65 -15.95 0.25 9.11
N SER A 66 -17.00 0.59 8.36
CA SER A 66 -18.16 1.29 8.89
C SER A 66 -18.99 0.41 9.84
N GLY A 67 -18.50 -0.79 10.13
CA GLY A 67 -19.16 -1.64 11.10
C GLY A 67 -18.85 -1.21 12.54
N GLY A 68 -18.28 -0.02 12.67
CA GLY A 68 -17.90 0.48 13.98
C GLY A 68 -16.78 -0.30 14.57
N HIS A 69 -17.09 -1.08 15.60
CA HIS A 69 -16.13 -2.01 16.17
C HIS A 69 -16.72 -3.39 16.24
N MET A 70 -15.89 -4.37 15.98
CA MET A 70 -16.28 -5.76 16.05
C MET A 70 -15.54 -6.41 17.20
N GLY A 71 -14.35 -5.90 17.42
CA GLY A 71 -13.44 -6.45 18.40
C GLY A 71 -12.07 -6.67 17.80
N SER A 72 -11.68 -5.76 16.94
CA SER A 72 -10.43 -5.87 16.20
C SER A 72 -9.44 -4.80 16.64
N GLY A 73 -8.47 -4.50 15.79
CA GLY A 73 -7.49 -3.48 16.11
C GLY A 73 -7.96 -2.09 15.76
N GLY A 74 -7.63 -1.65 14.55
CA GLY A 74 -7.97 -0.30 14.14
C GLY A 74 -6.98 0.70 14.70
N ASP A 75 -7.41 1.41 15.73
CA ASP A 75 -6.53 2.29 16.47
C ASP A 75 -6.29 1.74 17.87
N VAL A 76 -5.19 1.01 18.01
CA VAL A 76 -4.86 0.34 19.26
C VAL A 76 -3.43 0.65 19.64
N MET A 77 -3.21 0.95 20.92
CA MET A 77 -1.88 1.26 21.42
C MET A 77 -1.00 0.02 21.39
N VAL A 78 -0.18 -0.07 20.36
CA VAL A 78 0.71 -1.22 20.20
C VAL A 78 2.16 -0.80 20.36
N VAL A 79 3.07 -1.73 20.19
CA VAL A 79 4.50 -1.45 20.33
C VAL A 79 5.05 -0.81 19.05
N GLY A 80 4.28 -0.85 17.98
CA GLY A 80 4.69 -0.21 16.74
C GLY A 80 3.81 -0.59 15.59
N GLU A 81 3.90 -1.84 15.16
CA GLU A 81 3.08 -2.33 14.05
C GLU A 81 1.85 -3.05 14.59
N PRO A 82 0.73 -2.96 13.87
CA PRO A 82 -0.50 -3.63 14.26
C PRO A 82 -0.43 -5.13 13.97
N THR A 83 -1.10 -5.91 14.80
CA THR A 83 -1.09 -7.35 14.67
C THR A 83 -2.47 -7.86 14.25
N LEU A 84 -2.53 -9.12 13.83
CA LEU A 84 -3.79 -9.73 13.44
C LEU A 84 -4.66 -9.95 14.68
N MET A 85 -5.59 -9.03 14.91
CA MET A 85 -6.39 -9.03 16.13
C MET A 85 -7.85 -9.30 15.81
N GLY A 86 -8.10 -10.13 14.82
CA GLY A 86 -9.46 -10.41 14.40
C GLY A 86 -9.82 -9.64 13.15
N GLY A 87 -9.32 -8.42 13.06
CA GLY A 87 -9.55 -7.60 11.89
C GLY A 87 -8.88 -6.26 12.05
N GLU A 88 -9.27 -5.30 11.20
CA GLU A 88 -8.82 -3.93 11.27
C GLU A 88 -7.34 -3.80 11.64
N PHE A 89 -6.48 -3.99 10.68
CA PHE A 89 -5.05 -3.85 10.87
C PHE A 89 -4.59 -2.50 10.33
N GLY A 90 -3.37 -2.45 9.82
CA GLY A 90 -2.90 -1.25 9.18
C GLY A 90 -3.18 -1.30 7.70
N ASP A 91 -2.27 -1.91 6.96
CA ASP A 91 -2.47 -2.12 5.55
C ASP A 91 -2.32 -3.61 5.24
N GLU A 92 -1.34 -3.95 4.43
CA GLU A 92 -1.05 -5.35 4.04
C GLU A 92 -2.22 -5.99 3.28
N ASP A 93 -3.31 -5.27 3.19
CA ASP A 93 -4.54 -5.77 2.59
C ASP A 93 -4.61 -5.40 1.11
N GLU A 94 -3.70 -4.53 0.69
CA GLU A 94 -3.62 -4.09 -0.70
C GLU A 94 -3.56 -5.29 -1.65
N ARG A 95 -4.23 -5.16 -2.79
CA ARG A 95 -4.39 -6.26 -3.74
C ARG A 95 -3.05 -6.85 -4.15
N LEU A 96 -2.35 -6.16 -5.04
CA LEU A 96 -1.11 -6.69 -5.59
C LEU A 96 0.01 -5.68 -5.47
N ILE A 97 0.68 -5.65 -4.32
CA ILE A 97 1.88 -4.83 -4.16
C ILE A 97 2.74 -5.37 -3.03
N THR A 98 4.00 -5.62 -3.35
CA THR A 98 4.95 -6.11 -2.41
C THR A 98 6.01 -5.06 -2.14
N ARG A 99 6.38 -4.92 -0.89
CA ARG A 99 7.48 -4.05 -0.53
C ARG A 99 8.77 -4.71 -0.97
N LEU A 100 9.21 -4.35 -2.16
CA LEU A 100 10.26 -5.09 -2.83
C LEU A 100 11.58 -4.36 -2.75
N GLU A 101 12.60 -5.03 -3.24
CA GLU A 101 13.93 -4.47 -3.33
C GLU A 101 14.11 -3.79 -4.68
N ASN A 102 14.56 -2.54 -4.66
CA ASN A 102 14.62 -1.71 -5.86
C ASN A 102 15.29 -2.44 -7.02
N THR A 103 16.60 -2.66 -6.91
CA THR A 103 17.32 -3.39 -7.94
C THR A 103 18.27 -4.41 -7.32
N GLN A 104 19.50 -3.99 -7.00
CA GLN A 104 20.49 -4.92 -6.47
C GLN A 104 21.24 -4.32 -5.29
N PHE A 105 20.51 -3.68 -4.37
CA PHE A 105 21.13 -3.15 -3.16
C PHE A 105 21.41 -4.28 -2.17
N ASP A 106 22.30 -5.16 -2.57
CA ASP A 106 22.67 -6.31 -1.75
C ASP A 106 23.49 -5.86 -0.56
N ALA A 107 24.63 -5.25 -0.86
CA ALA A 107 25.48 -4.67 0.18
C ALA A 107 25.88 -3.25 -0.18
N ALA A 108 26.40 -3.10 -1.38
CA ALA A 108 26.76 -1.79 -1.89
C ALA A 108 25.71 -1.32 -2.91
N ASN A 109 25.49 -0.02 -2.96
CA ASN A 109 24.44 0.57 -3.79
C ASN A 109 24.92 0.87 -5.21
N GLY A 110 25.63 -0.08 -5.80
CA GLY A 110 26.03 0.06 -7.19
C GLY A 110 25.17 -0.80 -8.09
N ILE A 111 25.82 -1.67 -8.85
CA ILE A 111 25.11 -2.68 -9.59
C ILE A 111 24.97 -3.91 -8.70
N ASP A 112 25.82 -4.89 -8.92
CA ASP A 112 25.94 -6.00 -7.99
C ASP A 112 27.25 -5.88 -7.23
N ASP A 113 27.26 -4.99 -6.26
CA ASP A 113 28.46 -4.71 -5.49
C ASP A 113 28.24 -5.11 -4.04
N GLU A 114 29.33 -5.49 -3.38
CA GLU A 114 29.27 -5.89 -2.00
C GLU A 114 30.14 -4.97 -1.16
ZN ZN B . 6.74 7.77 -7.53
ZN ZN C . -6.83 8.37 2.52
N GLY A 1 12.95 5.52 -18.17
CA GLY A 1 13.23 4.79 -16.90
C GLY A 1 14.59 4.13 -16.92
N SER A 2 15.56 4.76 -16.28
CA SER A 2 16.92 4.26 -16.26
C SER A 2 17.01 2.95 -15.49
N LEU A 3 16.21 2.83 -14.45
CA LEU A 3 16.17 1.62 -13.65
C LEU A 3 14.75 1.04 -13.65
N LEU A 4 14.04 1.21 -12.54
CA LEU A 4 12.65 0.79 -12.44
C LEU A 4 11.74 1.97 -12.70
N THR A 5 10.45 1.72 -12.89
CA THR A 5 9.50 2.80 -13.08
C THR A 5 8.27 2.54 -12.22
N CYS A 6 7.86 3.56 -11.48
CA CYS A 6 6.78 3.43 -10.54
C CYS A 6 5.45 3.80 -11.19
N GLY A 7 4.36 3.22 -10.70
CA GLY A 7 3.06 3.48 -11.27
C GLY A 7 2.40 4.71 -10.67
N GLY A 8 3.08 5.34 -9.73
CA GLY A 8 2.54 6.52 -9.09
C GLY A 8 2.91 7.79 -9.82
N CYS A 9 4.13 7.84 -10.34
CA CYS A 9 4.58 9.00 -11.09
C CYS A 9 5.11 8.60 -12.47
N GLN A 10 5.60 7.36 -12.55
CA GLN A 10 6.16 6.81 -13.79
C GLN A 10 7.38 7.59 -14.25
N GLN A 11 8.06 8.25 -13.32
CA GLN A 11 9.21 9.07 -13.68
C GLN A 11 10.49 8.23 -13.80
N ASN A 12 10.60 7.21 -12.91
CA ASN A 12 11.76 6.30 -12.80
C ASN A 12 12.19 6.20 -11.35
N ILE A 13 12.33 4.98 -10.85
CA ILE A 13 12.79 4.77 -9.49
C ILE A 13 14.30 4.62 -9.45
N GLY A 14 14.96 5.65 -8.96
CA GLY A 14 16.40 5.62 -8.83
C GLY A 14 16.83 5.79 -7.39
N ASP A 15 15.88 5.65 -6.49
CA ASP A 15 16.12 5.80 -5.05
C ASP A 15 16.95 4.64 -4.53
N ARG A 16 17.12 4.59 -3.22
CA ARG A 16 17.84 3.49 -2.58
C ARG A 16 16.88 2.38 -2.20
N TYR A 17 15.63 2.75 -1.95
CA TYR A 17 14.60 1.79 -1.61
C TYR A 17 13.36 2.06 -2.43
N PHE A 18 12.57 1.04 -2.71
CA PHE A 18 11.35 1.22 -3.48
C PHE A 18 10.32 0.16 -3.13
N LEU A 19 9.14 0.28 -3.74
CA LEU A 19 8.04 -0.60 -3.47
C LEU A 19 7.54 -1.23 -4.77
N LYS A 20 6.79 -2.30 -4.66
CA LYS A 20 6.08 -2.89 -5.79
C LYS A 20 4.92 -3.69 -5.22
N ALA A 21 3.95 -4.07 -6.07
CA ALA A 21 2.87 -4.95 -5.62
C ALA A 21 1.83 -5.19 -6.71
N ILE A 22 0.95 -4.21 -6.84
CA ILE A 22 -0.25 -4.32 -7.67
C ILE A 22 0.00 -4.97 -9.03
N ASP A 23 1.05 -4.52 -9.72
CA ASP A 23 1.38 -5.03 -11.05
C ASP A 23 2.61 -4.33 -11.58
N GLN A 24 2.92 -3.20 -10.97
CA GLN A 24 4.06 -2.41 -11.37
C GLN A 24 4.90 -2.08 -10.15
N TYR A 25 6.00 -1.38 -10.38
CA TYR A 25 6.83 -0.91 -9.31
C TYR A 25 6.28 0.40 -8.78
N TRP A 26 6.68 0.77 -7.59
CA TRP A 26 6.21 1.97 -6.94
C TRP A 26 7.36 2.70 -6.29
N HIS A 27 7.04 3.81 -5.66
CA HIS A 27 8.01 4.58 -4.92
C HIS A 27 7.66 4.59 -3.44
N GLU A 28 8.66 4.73 -2.60
CA GLU A 28 8.47 4.85 -1.17
C GLU A 28 7.75 6.16 -0.84
N ASP A 29 7.86 7.10 -1.76
CA ASP A 29 7.32 8.44 -1.62
C ASP A 29 6.19 8.67 -2.64
N CYS A 30 5.68 7.59 -3.21
CA CYS A 30 4.61 7.68 -4.21
C CYS A 30 3.39 6.88 -3.81
N LEU A 31 3.59 5.77 -3.14
CA LEU A 31 2.47 4.92 -2.74
C LEU A 31 1.93 5.29 -1.37
N SER A 32 0.67 5.71 -1.33
CA SER A 32 -0.05 5.97 -0.10
C SER A 32 -1.51 6.35 -0.40
N CYS A 33 -2.18 6.95 0.59
CA CYS A 33 -3.59 7.28 0.51
C CYS A 33 -3.96 7.97 -0.81
N ASP A 34 -4.85 7.35 -1.55
CA ASP A 34 -5.39 7.97 -2.76
C ASP A 34 -6.73 8.61 -2.42
N LEU A 35 -7.48 7.93 -1.56
CA LEU A 35 -8.77 8.41 -1.10
C LEU A 35 -8.61 9.67 -0.24
N CYS A 36 -7.78 9.57 0.79
CA CYS A 36 -7.53 10.71 1.68
C CYS A 36 -6.45 11.61 1.10
N GLY A 37 -5.34 11.02 0.69
CA GLY A 37 -4.24 11.79 0.18
C GLY A 37 -3.12 11.92 1.20
N CYS A 38 -3.26 11.22 2.31
CA CYS A 38 -2.25 11.23 3.35
C CYS A 38 -1.22 10.13 3.10
N ARG A 39 -1.18 9.14 3.97
CA ARG A 39 -0.25 8.02 3.84
C ARG A 39 -0.72 6.80 4.61
N LEU A 40 -0.32 5.62 4.13
CA LEU A 40 -0.68 4.36 4.79
C LEU A 40 0.55 3.69 5.37
N GLY A 41 1.51 4.48 5.80
CA GLY A 41 2.76 3.96 6.32
C GLY A 41 3.93 4.77 5.85
N GLU A 42 4.18 4.72 4.54
CA GLU A 42 5.24 5.51 3.93
C GLU A 42 4.70 6.90 3.58
N VAL A 43 4.74 7.24 2.30
CA VAL A 43 4.24 8.52 1.82
C VAL A 43 3.94 8.37 0.32
N GLY A 44 2.94 9.08 -0.18
CA GLY A 44 2.56 8.90 -1.56
C GLY A 44 1.16 9.37 -1.88
N ARG A 45 0.69 9.01 -3.08
CA ARG A 45 -0.60 9.48 -3.57
C ARG A 45 -1.46 8.34 -4.14
N ARG A 46 -0.83 7.25 -4.57
CA ARG A 46 -1.57 6.08 -5.09
C ARG A 46 -1.18 4.84 -4.32
N LEU A 47 -2.07 3.86 -4.23
CA LEU A 47 -1.81 2.65 -3.45
C LEU A 47 -2.63 1.47 -3.99
N TYR A 48 -2.79 0.43 -3.18
CA TYR A 48 -3.58 -0.72 -3.58
C TYR A 48 -5.03 -0.28 -3.67
N TYR A 49 -5.77 -0.83 -4.61
CA TYR A 49 -7.08 -0.28 -4.88
C TYR A 49 -8.15 -1.34 -5.05
N LYS A 50 -9.40 -0.89 -5.00
CA LYS A 50 -10.55 -1.75 -5.19
C LYS A 50 -10.73 -2.02 -6.68
N LEU A 51 -11.63 -2.94 -7.00
CA LEU A 51 -11.84 -3.37 -8.39
C LEU A 51 -12.11 -2.22 -9.35
N GLY A 52 -12.53 -1.06 -8.83
CA GLY A 52 -12.89 0.03 -9.70
C GLY A 52 -12.04 1.27 -9.53
N ARG A 53 -11.64 1.59 -8.31
CA ARG A 53 -10.90 2.83 -8.06
C ARG A 53 -9.91 2.70 -6.91
N LYS A 54 -8.92 3.58 -6.92
CA LYS A 54 -7.88 3.58 -5.90
C LYS A 54 -8.35 4.19 -4.60
N LEU A 55 -8.29 3.40 -3.55
CA LEU A 55 -8.67 3.84 -2.22
C LEU A 55 -8.05 2.93 -1.18
N CYS A 56 -7.73 3.51 -0.03
CA CYS A 56 -6.94 2.84 0.99
C CYS A 56 -7.66 1.65 1.61
N ARG A 57 -6.89 0.62 1.95
CA ARG A 57 -7.42 -0.59 2.56
C ARG A 57 -8.01 -0.29 3.93
N ARG A 58 -7.23 0.32 4.79
CA ARG A 58 -7.66 0.59 6.15
C ARG A 58 -8.70 1.68 6.20
N ASP A 59 -8.62 2.64 5.29
CA ASP A 59 -9.56 3.74 5.29
C ASP A 59 -10.91 3.31 4.72
N TYR A 60 -10.87 2.49 3.69
CA TYR A 60 -12.09 1.90 3.14
C TYR A 60 -12.70 0.93 4.15
N LEU A 61 -11.86 0.36 4.99
CA LEU A 61 -12.31 -0.51 6.06
C LEU A 61 -12.85 0.29 7.24
N ARG A 62 -12.81 1.62 7.14
CA ARG A 62 -13.34 2.46 8.19
C ARG A 62 -14.66 3.08 7.77
N LEU A 63 -14.70 3.63 6.56
CA LEU A 63 -15.91 4.28 6.05
C LEU A 63 -16.84 3.23 5.45
N GLY A 64 -16.25 2.22 4.82
CA GLY A 64 -17.02 1.10 4.32
C GLY A 64 -17.05 0.00 5.35
N GLY A 65 -16.09 0.03 6.25
CA GLY A 65 -16.05 -0.89 7.35
C GLY A 65 -16.84 -0.35 8.55
N SER A 66 -17.98 0.24 8.24
CA SER A 66 -18.81 0.93 9.21
C SER A 66 -19.39 0.01 10.29
N GLY A 67 -19.25 -1.30 10.08
CA GLY A 67 -19.80 -2.25 11.02
C GLY A 67 -18.97 -2.37 12.28
N GLY A 68 -17.68 -2.04 12.18
CA GLY A 68 -16.80 -2.13 13.33
C GLY A 68 -16.21 -3.52 13.50
N HIS A 69 -16.82 -4.49 12.84
CA HIS A 69 -16.33 -5.85 12.87
C HIS A 69 -15.32 -6.06 11.74
N MET A 70 -15.46 -7.15 10.98
CA MET A 70 -14.60 -7.39 9.83
C MET A 70 -14.86 -6.33 8.76
N GLY A 71 -16.08 -5.85 8.73
CA GLY A 71 -16.45 -4.79 7.83
C GLY A 71 -17.91 -4.42 8.01
N SER A 72 -18.78 -5.38 7.70
CA SER A 72 -20.22 -5.27 7.94
C SER A 72 -20.79 -3.89 7.57
N GLY A 73 -20.61 -3.48 6.32
CA GLY A 73 -21.14 -2.21 5.89
C GLY A 73 -20.66 -1.81 4.50
N GLY A 74 -20.80 -0.54 4.19
CA GLY A 74 -20.33 -0.06 2.90
C GLY A 74 -21.34 -0.29 1.80
N ASP A 75 -22.12 0.73 1.50
CA ASP A 75 -23.07 0.66 0.39
C ASP A 75 -22.44 1.28 -0.85
N VAL A 76 -21.98 0.43 -1.75
CA VAL A 76 -21.26 0.88 -2.92
C VAL A 76 -21.78 0.19 -4.17
N MET A 77 -21.44 0.73 -5.33
CA MET A 77 -21.87 0.15 -6.59
C MET A 77 -21.30 -1.26 -6.77
N VAL A 78 -22.04 -2.09 -7.46
CA VAL A 78 -21.60 -3.46 -7.73
C VAL A 78 -20.63 -3.47 -8.90
N VAL A 79 -19.35 -3.61 -8.58
CA VAL A 79 -18.32 -3.61 -9.62
C VAL A 79 -17.70 -4.99 -9.74
N GLY A 80 -17.52 -5.66 -8.61
CA GLY A 80 -16.96 -6.99 -8.62
C GLY A 80 -16.51 -7.41 -7.24
N GLU A 81 -17.36 -7.15 -6.27
CA GLU A 81 -17.05 -7.39 -4.85
C GLU A 81 -16.87 -8.88 -4.57
N PRO A 82 -15.63 -9.29 -4.25
CA PRO A 82 -15.31 -10.69 -3.97
C PRO A 82 -15.71 -11.10 -2.55
N THR A 83 -14.87 -10.73 -1.60
CA THR A 83 -15.08 -11.11 -0.20
C THR A 83 -16.05 -10.17 0.50
N LEU A 84 -17.30 -10.61 0.66
CA LEU A 84 -18.31 -9.83 1.34
C LEU A 84 -18.35 -10.19 2.82
N MET A 85 -17.99 -9.23 3.66
CA MET A 85 -17.87 -9.45 5.09
C MET A 85 -19.04 -8.82 5.84
N GLY A 86 -20.22 -8.86 5.23
CA GLY A 86 -21.37 -8.19 5.79
C GLY A 86 -21.81 -7.03 4.92
N GLY A 87 -20.84 -6.43 4.26
CA GLY A 87 -21.11 -5.38 3.32
C GLY A 87 -20.41 -5.64 1.99
N GLU A 88 -20.26 -4.62 1.17
CA GLU A 88 -19.69 -4.79 -0.15
C GLU A 88 -18.23 -4.33 -0.21
N PHE A 89 -17.34 -5.22 0.20
CA PHE A 89 -15.91 -4.94 0.25
C PHE A 89 -15.17 -5.56 -0.92
N GLY A 90 -13.86 -5.47 -0.87
CA GLY A 90 -13.04 -6.04 -1.91
C GLY A 90 -12.33 -7.30 -1.45
N ASP A 91 -11.06 -7.16 -1.10
CA ASP A 91 -10.24 -8.29 -0.76
C ASP A 91 -9.95 -8.34 0.74
N GLU A 92 -8.68 -8.29 1.07
CA GLU A 92 -8.20 -8.30 2.44
C GLU A 92 -6.85 -7.60 2.50
N ASP A 93 -5.96 -8.02 1.61
CA ASP A 93 -4.65 -7.42 1.49
C ASP A 93 -4.22 -7.36 0.02
N GLU A 94 -4.67 -8.34 -0.77
CA GLU A 94 -4.32 -8.43 -2.18
C GLU A 94 -2.81 -8.58 -2.33
N ARG A 95 -2.15 -7.49 -2.70
CA ARG A 95 -0.70 -7.48 -2.82
C ARG A 95 -0.10 -6.43 -1.90
N LEU A 96 -0.96 -5.53 -1.40
CA LEU A 96 -0.54 -4.42 -0.53
C LEU A 96 0.66 -3.69 -1.12
N ILE A 97 1.82 -3.90 -0.53
CA ILE A 97 3.07 -3.35 -1.05
C ILE A 97 4.26 -4.13 -0.49
N THR A 98 5.16 -4.49 -1.37
CA THR A 98 6.38 -5.14 -0.99
C THR A 98 7.56 -4.18 -1.16
N ARG A 99 8.32 -3.99 -0.09
CA ARG A 99 9.42 -3.03 -0.12
C ARG A 99 10.71 -3.73 -0.51
N LEU A 100 11.46 -3.12 -1.40
CA LEU A 100 12.70 -3.69 -1.88
C LEU A 100 13.80 -2.65 -1.90
N GLU A 101 14.99 -3.12 -2.17
CA GLU A 101 16.15 -2.23 -2.33
C GLU A 101 16.56 -2.18 -3.79
N ASN A 102 16.94 -0.99 -4.24
CA ASN A 102 17.38 -0.81 -5.63
C ASN A 102 18.68 -1.58 -5.86
N THR A 103 19.67 -1.27 -5.02
CA THR A 103 20.94 -1.99 -5.03
C THR A 103 21.65 -1.74 -3.70
N GLN A 104 21.96 -0.47 -3.44
CA GLN A 104 22.54 -0.06 -2.18
C GLN A 104 21.96 1.28 -1.75
N PHE A 105 22.31 2.32 -2.50
CA PHE A 105 21.85 3.67 -2.22
C PHE A 105 21.61 4.37 -3.55
N ASP A 106 22.19 5.54 -3.67
CA ASP A 106 22.26 6.22 -4.95
C ASP A 106 23.71 6.34 -5.34
N ALA A 107 24.41 7.16 -4.58
CA ALA A 107 25.84 7.34 -4.75
C ALA A 107 26.46 8.01 -3.52
N ALA A 108 25.77 7.88 -2.39
CA ALA A 108 26.16 8.55 -1.13
C ALA A 108 25.95 10.05 -1.25
N ASN A 109 26.82 10.69 -2.02
CA ASN A 109 26.64 12.09 -2.37
C ASN A 109 25.93 12.18 -3.72
N GLY A 110 24.89 11.38 -3.88
CA GLY A 110 24.17 11.33 -5.14
C GLY A 110 23.12 12.40 -5.26
N ILE A 111 22.00 12.07 -5.87
CA ILE A 111 20.90 13.01 -6.05
C ILE A 111 19.60 12.41 -5.54
N ASP A 112 19.49 11.09 -5.66
CA ASP A 112 18.31 10.37 -5.19
C ASP A 112 18.59 9.62 -3.90
N ASP A 113 19.74 9.94 -3.32
CA ASP A 113 20.14 9.32 -2.06
C ASP A 113 19.37 9.94 -0.90
N GLU A 114 19.50 9.37 0.27
CA GLU A 114 18.86 9.91 1.45
C GLU A 114 19.89 10.24 2.51
ZN ZN B . 6.96 7.45 -8.31
ZN ZN C . -6.57 6.95 3.16
N GLY A 1 20.90 3.81 -14.90
CA GLY A 1 19.84 4.20 -15.85
C GLY A 1 18.45 3.86 -15.33
N SER A 2 17.60 3.36 -16.20
CA SER A 2 16.24 2.99 -15.83
C SER A 2 16.16 1.53 -15.39
N LEU A 3 15.32 1.27 -14.39
CA LEU A 3 15.12 -0.08 -13.89
C LEU A 3 13.63 -0.42 -13.93
N LEU A 4 12.89 0.18 -13.02
CA LEU A 4 11.44 0.06 -13.02
C LEU A 4 10.85 1.45 -13.13
N THR A 5 9.60 1.55 -13.52
CA THR A 5 8.95 2.84 -13.59
C THR A 5 7.73 2.90 -12.71
N CYS A 6 7.63 3.99 -11.96
CA CYS A 6 6.55 4.19 -11.03
C CYS A 6 5.39 4.90 -11.71
N GLY A 7 4.18 4.45 -11.43
CA GLY A 7 3.02 5.00 -12.08
C GLY A 7 2.59 6.34 -11.50
N GLY A 8 3.29 6.78 -10.47
CA GLY A 8 2.95 8.04 -9.84
C GLY A 8 3.63 9.23 -10.48
N CYS A 9 4.95 9.16 -10.61
CA CYS A 9 5.72 10.25 -11.18
C CYS A 9 6.23 9.90 -12.57
N GLN A 10 6.39 8.59 -12.81
CA GLN A 10 6.90 8.08 -14.07
C GLN A 10 8.32 8.56 -14.34
N GLN A 11 9.05 8.88 -13.29
CA GLN A 11 10.42 9.36 -13.41
C GLN A 11 11.42 8.23 -13.23
N ASN A 12 10.92 6.99 -13.22
CA ASN A 12 11.73 5.79 -13.04
C ASN A 12 12.17 5.61 -11.59
N ILE A 13 12.06 4.40 -11.10
CA ILE A 13 12.46 4.07 -9.74
C ILE A 13 13.93 3.65 -9.72
N GLY A 14 14.79 4.55 -9.29
CA GLY A 14 16.21 4.28 -9.25
C GLY A 14 16.69 4.03 -7.83
N ASP A 15 15.74 3.92 -6.91
CA ASP A 15 16.07 3.68 -5.52
C ASP A 15 16.34 2.19 -5.27
N ARG A 16 16.64 1.85 -4.03
CA ARG A 16 16.91 0.46 -3.68
C ARG A 16 15.67 -0.19 -3.09
N TYR A 17 14.75 0.63 -2.60
CA TYR A 17 13.53 0.13 -2.00
C TYR A 17 12.34 0.86 -2.61
N PHE A 18 11.26 0.12 -2.88
CA PHE A 18 10.11 0.72 -3.53
C PHE A 18 8.82 -0.03 -3.19
N LEU A 19 7.73 0.40 -3.81
CA LEU A 19 6.43 -0.22 -3.60
C LEU A 19 5.86 -0.66 -4.95
N LYS A 20 5.31 -1.86 -5.03
CA LYS A 20 4.69 -2.30 -6.28
C LYS A 20 3.75 -3.47 -6.00
N ALA A 21 2.66 -3.57 -6.78
CA ALA A 21 1.70 -4.68 -6.64
C ALA A 21 0.43 -4.42 -7.44
N ILE A 22 0.03 -3.15 -7.51
CA ILE A 22 -1.22 -2.75 -8.14
C ILE A 22 -1.33 -3.28 -9.56
N ASP A 23 -0.23 -3.19 -10.28
CA ASP A 23 -0.11 -3.62 -11.68
C ASP A 23 1.07 -2.89 -12.28
N GLN A 24 1.48 -1.86 -11.57
CA GLN A 24 2.66 -1.09 -11.93
C GLN A 24 3.66 -1.17 -10.81
N TYR A 25 4.81 -0.60 -11.07
CA TYR A 25 5.76 -0.35 -10.00
C TYR A 25 5.57 1.07 -9.52
N TRP A 26 5.88 1.32 -8.27
CA TRP A 26 5.59 2.60 -7.66
C TRP A 26 6.78 3.10 -6.87
N HIS A 27 6.53 4.14 -6.11
CA HIS A 27 7.53 4.69 -5.22
C HIS A 27 6.99 4.67 -3.79
N GLU A 28 7.90 4.67 -2.83
CA GLU A 28 7.53 4.68 -1.43
C GLU A 28 6.76 5.95 -1.07
N ASP A 29 7.14 7.06 -1.69
CA ASP A 29 6.57 8.37 -1.36
C ASP A 29 5.62 8.86 -2.43
N CYS A 30 5.56 8.15 -3.55
CA CYS A 30 4.66 8.49 -4.63
C CYS A 30 3.27 7.94 -4.37
N LEU A 31 3.21 6.66 -4.04
CA LEU A 31 1.94 6.01 -3.74
C LEU A 31 1.30 6.67 -2.52
N SER A 32 0.18 7.32 -2.74
CA SER A 32 -0.53 7.99 -1.68
C SER A 32 -1.99 7.55 -1.67
N CYS A 33 -2.75 7.98 -0.67
CA CYS A 33 -4.15 7.57 -0.57
C CYS A 33 -5.00 8.23 -1.65
N ASP A 34 -6.18 7.66 -1.82
CA ASP A 34 -7.17 8.18 -2.75
C ASP A 34 -8.29 8.85 -1.98
N LEU A 35 -8.54 8.33 -0.78
CA LEU A 35 -9.60 8.86 0.07
C LEU A 35 -9.07 9.98 0.95
N CYS A 36 -8.09 9.69 1.80
CA CYS A 36 -7.45 10.72 2.60
C CYS A 36 -6.71 11.69 1.69
N GLY A 37 -6.03 11.13 0.69
CA GLY A 37 -5.37 11.93 -0.31
C GLY A 37 -4.00 12.40 0.11
N CYS A 38 -3.60 12.07 1.33
CA CYS A 38 -2.32 12.50 1.85
C CYS A 38 -1.20 11.56 1.44
N ARG A 39 -1.02 10.47 2.19
CA ARG A 39 0.03 9.50 1.90
C ARG A 39 -0.30 8.15 2.51
N LEU A 40 0.72 7.40 2.90
CA LEU A 40 0.52 6.11 3.56
C LEU A 40 1.15 6.14 4.94
N GLY A 41 0.47 6.78 5.87
CA GLY A 41 1.00 6.93 7.21
C GLY A 41 0.30 6.04 8.21
N GLU A 42 -0.41 5.04 7.72
CA GLU A 42 -1.13 4.12 8.57
C GLU A 42 -0.37 2.79 8.70
N VAL A 43 -1.07 1.73 9.05
CA VAL A 43 -0.47 0.41 9.14
C VAL A 43 -0.05 -0.06 7.75
N GLY A 44 1.25 -0.03 7.49
CA GLY A 44 1.74 -0.33 6.17
C GLY A 44 2.53 -1.61 6.10
N ARG A 45 1.85 -2.73 6.24
CA ARG A 45 2.47 -4.03 6.03
C ARG A 45 1.82 -4.74 4.84
N ARG A 46 0.50 -4.59 4.74
CA ARG A 46 -0.24 -5.07 3.60
C ARG A 46 -1.27 -4.01 3.19
N LEU A 47 -0.93 -3.22 2.17
CA LEU A 47 -1.77 -2.11 1.78
C LEU A 47 -2.83 -2.55 0.79
N TYR A 48 -4.09 -2.55 1.23
CA TYR A 48 -5.19 -2.96 0.38
C TYR A 48 -5.68 -1.79 -0.44
N TYR A 49 -5.22 -1.71 -1.67
CA TYR A 49 -5.72 -0.70 -2.58
C TYR A 49 -6.99 -1.22 -3.25
N LYS A 50 -7.87 -0.32 -3.62
CA LYS A 50 -9.09 -0.73 -4.31
C LYS A 50 -8.84 -0.73 -5.81
N LEU A 51 -9.67 -1.51 -6.52
CA LEU A 51 -9.59 -1.75 -7.98
C LEU A 51 -8.80 -0.67 -8.73
N GLY A 52 -9.26 0.56 -8.64
CA GLY A 52 -8.60 1.66 -9.31
C GLY A 52 -8.34 2.83 -8.39
N ARG A 53 -8.27 2.54 -7.08
CA ARG A 53 -8.04 3.57 -6.09
C ARG A 53 -7.06 3.08 -5.03
N LYS A 54 -5.85 3.62 -5.05
CA LYS A 54 -4.84 3.24 -4.07
C LYS A 54 -5.02 4.05 -2.79
N LEU A 55 -5.39 3.37 -1.71
CA LEU A 55 -5.69 4.05 -0.45
C LEU A 55 -5.36 3.16 0.76
N CYS A 56 -5.48 3.72 1.98
CA CYS A 56 -5.22 2.97 3.20
C CYS A 56 -6.24 1.85 3.37
N ARG A 57 -5.87 0.81 4.09
CA ARG A 57 -6.77 -0.31 4.34
C ARG A 57 -7.86 0.07 5.33
N ARG A 58 -7.58 1.03 6.20
CA ARG A 58 -8.54 1.40 7.23
C ARG A 58 -9.70 2.22 6.68
N ASP A 59 -9.43 3.07 5.71
CA ASP A 59 -10.50 3.88 5.10
C ASP A 59 -11.05 3.16 3.89
N TYR A 60 -10.24 2.29 3.33
CA TYR A 60 -10.72 1.36 2.33
C TYR A 60 -11.65 0.36 2.98
N LEU A 61 -11.43 0.15 4.28
CA LEU A 61 -12.17 -0.84 5.04
C LEU A 61 -13.67 -0.59 5.04
N ARG A 62 -14.10 0.63 4.76
CA ARG A 62 -15.54 0.88 4.67
C ARG A 62 -16.15 0.03 3.55
N LEU A 63 -15.35 -0.25 2.52
CA LEU A 63 -15.79 -1.04 1.38
C LEU A 63 -14.81 -2.18 1.10
N GLY A 64 -13.88 -2.39 2.03
CA GLY A 64 -12.81 -3.34 1.80
C GLY A 64 -12.43 -4.13 3.03
N GLY A 65 -13.15 -3.92 4.12
CA GLY A 65 -12.87 -4.64 5.36
C GLY A 65 -13.24 -6.11 5.31
N SER A 66 -12.96 -6.74 4.17
CA SER A 66 -13.21 -8.17 3.90
C SER A 66 -14.37 -8.80 4.71
N GLY A 67 -15.44 -8.04 4.88
CA GLY A 67 -16.65 -8.59 5.45
C GLY A 67 -17.87 -7.99 4.80
N GLY A 68 -18.71 -7.35 5.61
CA GLY A 68 -19.85 -6.60 5.09
C GLY A 68 -20.85 -7.46 4.37
N HIS A 69 -20.75 -7.50 3.04
CA HIS A 69 -21.66 -8.26 2.22
C HIS A 69 -21.61 -9.74 2.57
N MET A 70 -20.40 -10.27 2.69
CA MET A 70 -20.20 -11.68 3.01
C MET A 70 -20.59 -11.99 4.45
N GLY A 71 -20.55 -10.98 5.31
CA GLY A 71 -20.94 -11.18 6.70
C GLY A 71 -19.98 -10.52 7.66
N SER A 72 -19.68 -11.22 8.75
CA SER A 72 -18.74 -10.71 9.74
C SER A 72 -17.31 -10.91 9.27
N GLY A 73 -16.61 -9.81 9.07
CA GLY A 73 -15.23 -9.88 8.65
C GLY A 73 -14.28 -9.65 9.81
N GLY A 74 -14.79 -8.97 10.82
CA GLY A 74 -14.02 -8.67 12.00
C GLY A 74 -14.84 -7.93 13.02
N ASP A 75 -15.49 -8.66 13.91
CA ASP A 75 -16.36 -8.05 14.91
C ASP A 75 -15.54 -7.56 16.09
N VAL A 76 -15.19 -6.29 16.07
CA VAL A 76 -14.39 -5.68 17.11
C VAL A 76 -14.94 -4.33 17.51
N MET A 77 -14.58 -3.87 18.70
CA MET A 77 -15.05 -2.59 19.21
C MET A 77 -14.28 -1.44 18.55
N VAL A 78 -15.03 -0.44 18.08
CA VAL A 78 -14.46 0.76 17.46
C VAL A 78 -13.51 0.41 16.32
N VAL A 79 -14.07 0.19 15.13
CA VAL A 79 -13.26 -0.09 13.96
C VAL A 79 -13.19 1.15 13.08
N GLY A 80 -14.08 2.09 13.32
CA GLY A 80 -14.15 3.29 12.51
C GLY A 80 -15.47 3.42 11.81
N GLU A 81 -16.27 4.41 12.23
CA GLU A 81 -17.62 4.63 11.69
C GLU A 81 -18.57 3.53 12.16
N PRO A 82 -19.89 3.80 12.19
CA PRO A 82 -20.88 2.83 12.66
C PRO A 82 -20.78 1.50 11.94
N THR A 83 -21.02 0.45 12.66
CA THR A 83 -20.86 -0.90 12.13
C THR A 83 -22.19 -1.52 11.76
N LEU A 84 -22.17 -2.29 10.69
CA LEU A 84 -23.34 -3.06 10.28
C LEU A 84 -23.41 -4.34 11.10
N MET A 85 -24.39 -5.20 10.80
CA MET A 85 -24.56 -6.45 11.53
C MET A 85 -23.26 -7.26 11.51
N GLY A 86 -22.59 -7.26 10.37
CA GLY A 86 -21.27 -7.81 10.28
C GLY A 86 -20.22 -6.73 10.47
N GLY A 87 -19.22 -7.02 11.30
CA GLY A 87 -18.15 -6.06 11.50
C GLY A 87 -17.09 -6.19 10.43
N GLU A 88 -16.48 -5.08 10.06
CA GLU A 88 -15.48 -5.03 9.01
C GLU A 88 -16.09 -5.46 7.67
N PHE A 89 -16.22 -4.50 6.77
CA PHE A 89 -17.00 -4.71 5.56
C PHE A 89 -16.20 -4.47 4.30
N GLY A 90 -16.26 -5.40 3.39
CA GLY A 90 -15.67 -5.14 2.11
C GLY A 90 -15.65 -6.33 1.17
N ASP A 91 -14.50 -6.98 1.15
CA ASP A 91 -14.20 -7.98 0.15
C ASP A 91 -13.97 -9.34 0.78
N GLU A 92 -12.74 -9.83 0.69
CA GLU A 92 -12.36 -11.13 1.23
C GLU A 92 -10.84 -11.23 1.36
N ASP A 93 -10.14 -11.03 0.25
CA ASP A 93 -8.69 -11.11 0.22
C ASP A 93 -8.10 -9.96 -0.58
N GLU A 94 -8.78 -9.63 -1.69
CA GLU A 94 -8.42 -8.47 -2.51
C GLU A 94 -6.97 -8.54 -3.01
N ARG A 95 -6.39 -7.37 -3.22
CA ARG A 95 -5.02 -7.25 -3.70
C ARG A 95 -4.25 -6.30 -2.80
N LEU A 96 -3.10 -6.74 -2.31
CA LEU A 96 -2.33 -5.95 -1.36
C LEU A 96 -0.98 -5.54 -1.92
N ILE A 97 -0.65 -4.27 -1.71
CA ILE A 97 0.65 -3.75 -2.10
C ILE A 97 1.65 -4.01 -0.98
N THR A 98 2.92 -4.11 -1.34
CA THR A 98 3.98 -4.38 -0.39
C THR A 98 5.27 -3.70 -0.82
N ARG A 99 6.17 -3.52 0.12
CA ARG A 99 7.46 -2.92 -0.16
C ARG A 99 8.40 -3.96 -0.74
N LEU A 100 9.07 -3.60 -1.82
CA LEU A 100 9.98 -4.51 -2.48
C LEU A 100 11.37 -3.91 -2.57
N GLU A 101 12.29 -4.67 -3.13
CA GLU A 101 13.66 -4.24 -3.29
C GLU A 101 14.06 -4.16 -4.75
N ASN A 102 14.78 -3.10 -5.09
CA ASN A 102 15.32 -2.93 -6.43
C ASN A 102 16.84 -3.08 -6.36
N THR A 103 17.49 -3.08 -7.51
CA THR A 103 18.93 -3.15 -7.54
C THR A 103 19.52 -1.86 -8.05
N GLN A 104 20.07 -1.16 -7.11
CA GLN A 104 20.78 0.10 -7.35
C GLN A 104 22.06 0.13 -6.53
N PHE A 105 22.19 -0.83 -5.62
CA PHE A 105 23.31 -0.89 -4.74
C PHE A 105 24.03 -2.21 -4.88
N ASP A 106 24.96 -2.24 -5.81
CA ASP A 106 25.72 -3.45 -6.13
C ASP A 106 26.69 -3.77 -5.01
N ALA A 107 27.28 -2.71 -4.47
CA ALA A 107 28.30 -2.81 -3.44
C ALA A 107 29.55 -3.47 -4.00
N ALA A 108 30.08 -2.87 -5.06
CA ALA A 108 31.23 -3.42 -5.75
C ALA A 108 32.49 -3.35 -4.89
N ASN A 109 32.71 -2.19 -4.30
CA ASN A 109 33.87 -1.98 -3.44
C ASN A 109 33.43 -1.66 -2.01
N GLY A 110 32.41 -2.35 -1.55
CA GLY A 110 31.91 -2.13 -0.21
C GLY A 110 30.63 -1.33 -0.21
N ILE A 111 30.33 -0.70 0.92
CA ILE A 111 29.13 0.11 1.05
C ILE A 111 29.27 1.42 0.27
N ASP A 112 30.52 1.80 0.02
CA ASP A 112 30.80 2.96 -0.82
C ASP A 112 30.79 2.53 -2.28
N ASP A 113 29.62 2.14 -2.75
CA ASP A 113 29.45 1.60 -4.08
C ASP A 113 29.71 2.66 -5.15
N GLU A 114 29.96 2.21 -6.37
CA GLU A 114 30.17 3.09 -7.50
C GLU A 114 28.86 3.24 -8.28
ZN ZN B . 7.43 7.92 -8.41
ZN ZN C . -6.40 6.84 3.35
N GLY A 1 19.74 -0.59 -18.46
CA GLY A 1 19.20 0.79 -18.52
C GLY A 1 19.11 1.42 -17.15
N SER A 2 17.91 1.83 -16.77
CA SER A 2 17.67 2.45 -15.48
C SER A 2 17.47 1.39 -14.40
N LEU A 3 17.55 1.79 -13.14
CA LEU A 3 17.39 0.86 -12.03
C LEU A 3 15.96 0.35 -11.98
N LEU A 4 15.07 1.16 -11.45
CA LEU A 4 13.66 0.83 -11.37
C LEU A 4 12.82 1.95 -11.94
N THR A 5 11.57 1.68 -12.27
CA THR A 5 10.68 2.70 -12.76
C THR A 5 9.30 2.62 -12.10
N CYS A 6 8.84 3.75 -11.61
CA CYS A 6 7.57 3.82 -10.91
C CYS A 6 6.45 4.03 -11.91
N GLY A 7 5.35 3.32 -11.71
CA GLY A 7 4.24 3.39 -12.63
C GLY A 7 3.30 4.53 -12.32
N GLY A 8 3.67 5.34 -11.33
CA GLY A 8 2.82 6.45 -10.94
C GLY A 8 3.24 7.75 -11.57
N CYS A 9 4.54 7.97 -11.68
CA CYS A 9 5.05 9.20 -12.26
C CYS A 9 6.03 8.91 -13.40
N GLN A 10 6.56 7.68 -13.43
CA GLN A 10 7.46 7.23 -14.49
C GLN A 10 8.77 8.05 -14.52
N GLN A 11 9.15 8.61 -13.38
CA GLN A 11 10.35 9.45 -13.31
C GLN A 11 11.61 8.63 -13.02
N ASN A 12 11.44 7.30 -12.93
CA ASN A 12 12.55 6.38 -12.61
C ASN A 12 12.92 6.48 -11.13
N ILE A 13 13.02 5.33 -10.49
CA ILE A 13 13.34 5.27 -9.07
C ILE A 13 14.82 4.92 -8.88
N GLY A 14 15.60 5.92 -8.49
CA GLY A 14 17.03 5.71 -8.26
C GLY A 14 17.29 5.24 -6.86
N ASP A 15 16.24 5.23 -6.07
CA ASP A 15 16.32 4.75 -4.71
C ASP A 15 15.55 3.46 -4.59
N ARG A 16 16.05 2.56 -3.78
CA ARG A 16 15.35 1.32 -3.51
C ARG A 16 14.66 1.37 -2.15
N TYR A 17 14.35 2.57 -1.69
CA TYR A 17 13.47 2.71 -0.55
C TYR A 17 12.14 3.22 -1.05
N PHE A 18 11.27 2.29 -1.35
CA PHE A 18 10.05 2.60 -2.08
C PHE A 18 9.05 1.45 -1.98
N LEU A 19 8.01 1.51 -2.81
CA LEU A 19 6.94 0.52 -2.76
C LEU A 19 6.76 -0.16 -4.11
N LYS A 20 6.41 -1.44 -4.08
CA LYS A 20 6.05 -2.18 -5.28
C LYS A 20 4.98 -3.20 -4.93
N ALA A 21 4.20 -3.64 -5.93
CA ALA A 21 3.21 -4.74 -5.75
C ALA A 21 2.22 -4.78 -6.89
N ILE A 22 1.49 -3.68 -7.04
CA ILE A 22 0.32 -3.58 -7.93
C ILE A 22 0.53 -4.29 -9.27
N ASP A 23 1.69 -4.06 -9.88
CA ASP A 23 2.03 -4.64 -11.18
C ASP A 23 3.40 -4.15 -11.60
N GLN A 24 3.84 -3.10 -10.94
CA GLN A 24 5.10 -2.46 -11.24
C GLN A 24 5.69 -1.89 -9.96
N TYR A 25 6.82 -1.22 -10.10
CA TYR A 25 7.44 -0.51 -8.99
C TYR A 25 6.82 0.86 -8.86
N TRP A 26 6.95 1.45 -7.68
CA TRP A 26 6.34 2.74 -7.42
C TRP A 26 7.30 3.63 -6.64
N HIS A 27 6.71 4.59 -5.95
CA HIS A 27 7.44 5.50 -5.08
C HIS A 27 6.78 5.50 -3.72
N GLU A 28 7.39 6.18 -2.75
CA GLU A 28 6.81 6.31 -1.43
C GLU A 28 5.60 7.22 -1.47
N ASP A 29 5.77 8.39 -2.05
CA ASP A 29 4.71 9.40 -2.11
C ASP A 29 3.75 9.14 -3.27
N CYS A 30 4.25 8.41 -4.24
CA CYS A 30 3.46 8.06 -5.41
C CYS A 30 2.40 7.02 -5.07
N LEU A 31 2.82 5.94 -4.43
CA LEU A 31 1.90 4.87 -4.08
C LEU A 31 1.41 4.98 -2.64
N SER A 32 0.64 6.01 -2.39
CA SER A 32 -0.11 6.11 -1.14
C SER A 32 -1.52 6.54 -1.46
N CYS A 33 -2.47 6.17 -0.62
CA CYS A 33 -3.87 6.33 -0.95
C CYS A 33 -4.28 7.80 -0.99
N ASP A 34 -5.31 8.07 -1.78
CA ASP A 34 -5.76 9.42 -2.06
C ASP A 34 -6.34 10.08 -0.83
N LEU A 35 -7.03 9.30 -0.02
CA LEU A 35 -7.66 9.80 1.18
C LEU A 35 -6.62 10.05 2.27
N CYS A 36 -5.62 9.17 2.34
CA CYS A 36 -4.51 9.35 3.28
C CYS A 36 -3.85 10.70 3.06
N GLY A 37 -3.66 11.05 1.80
CA GLY A 37 -3.11 12.35 1.49
C GLY A 37 -2.33 12.39 0.19
N CYS A 38 -2.15 11.25 -0.46
CA CYS A 38 -1.40 11.22 -1.69
C CYS A 38 -2.32 11.08 -2.89
N ARG A 39 -2.06 10.07 -3.71
CA ARG A 39 -2.82 9.86 -4.94
C ARG A 39 -2.46 8.52 -5.58
N LEU A 40 -3.21 7.49 -5.27
CA LEU A 40 -3.00 6.18 -5.87
C LEU A 40 -3.42 6.20 -7.35
N GLY A 41 -2.46 6.46 -8.22
CA GLY A 41 -2.74 6.49 -9.64
C GLY A 41 -2.29 5.21 -10.32
N GLU A 42 -2.73 4.09 -9.77
CA GLU A 42 -2.27 2.79 -10.21
C GLU A 42 -2.85 2.38 -11.56
N VAL A 43 -2.44 1.19 -12.03
CA VAL A 43 -2.88 0.65 -13.30
C VAL A 43 -2.61 -0.86 -13.34
N GLY A 44 -2.58 -1.45 -12.16
CA GLY A 44 -2.33 -2.87 -12.02
C GLY A 44 -3.46 -3.58 -11.31
N ARG A 45 -3.23 -4.81 -10.90
CA ARG A 45 -4.27 -5.61 -10.27
C ARG A 45 -3.82 -6.13 -8.89
N ARG A 46 -2.54 -6.50 -8.78
CA ARG A 46 -2.01 -7.09 -7.55
C ARG A 46 -1.77 -6.05 -6.46
N LEU A 47 -2.84 -5.45 -5.97
CA LEU A 47 -2.75 -4.53 -4.84
C LEU A 47 -4.09 -4.46 -4.16
N TYR A 48 -4.07 -4.16 -2.87
CA TYR A 48 -5.29 -4.03 -2.11
C TYR A 48 -5.94 -2.68 -2.40
N TYR A 49 -6.80 -2.66 -3.39
CA TYR A 49 -7.58 -1.48 -3.72
C TYR A 49 -8.99 -1.93 -4.09
N LYS A 50 -9.95 -1.02 -3.99
CA LYS A 50 -11.33 -1.37 -4.27
C LYS A 50 -11.56 -1.47 -5.78
N LEU A 51 -12.56 -2.26 -6.15
CA LEU A 51 -12.88 -2.55 -7.56
C LEU A 51 -12.69 -1.35 -8.50
N GLY A 52 -13.07 -0.16 -8.05
CA GLY A 52 -12.90 1.02 -8.87
C GLY A 52 -12.38 2.21 -8.10
N ARG A 53 -11.80 1.95 -6.92
CA ARG A 53 -11.25 3.03 -6.11
C ARG A 53 -10.01 2.56 -5.38
N LYS A 54 -8.87 3.07 -5.78
CA LYS A 54 -7.60 2.69 -5.19
C LYS A 54 -7.33 3.50 -3.92
N LEU A 55 -7.58 2.88 -2.79
CA LEU A 55 -7.34 3.49 -1.49
C LEU A 55 -6.93 2.40 -0.51
N CYS A 56 -6.38 2.80 0.63
CA CYS A 56 -5.85 1.82 1.57
C CYS A 56 -6.93 0.96 2.17
N ARG A 57 -6.50 -0.06 2.88
CA ARG A 57 -7.41 -0.96 3.58
C ARG A 57 -8.01 -0.29 4.81
N ARG A 58 -7.25 0.59 5.43
CA ARG A 58 -7.71 1.25 6.65
C ARG A 58 -8.73 2.32 6.33
N ASP A 59 -8.51 3.05 5.26
CA ASP A 59 -9.44 4.09 4.84
C ASP A 59 -10.68 3.45 4.22
N TYR A 60 -10.47 2.41 3.43
CA TYR A 60 -11.56 1.64 2.86
C TYR A 60 -12.43 1.05 3.95
N LEU A 61 -11.80 0.66 5.06
CA LEU A 61 -12.50 0.07 6.18
C LEU A 61 -13.39 1.09 6.91
N ARG A 62 -13.12 2.36 6.70
CA ARG A 62 -13.83 3.42 7.39
C ARG A 62 -15.09 3.84 6.64
N LEU A 63 -15.15 3.55 5.36
CA LEU A 63 -16.28 3.99 4.53
C LEU A 63 -17.00 2.84 3.87
N GLY A 64 -16.26 1.90 3.30
CA GLY A 64 -16.88 0.82 2.56
C GLY A 64 -16.29 -0.53 2.89
N GLY A 65 -15.97 -0.73 4.15
CA GLY A 65 -15.39 -2.00 4.56
C GLY A 65 -16.24 -2.74 5.56
N SER A 66 -15.82 -2.71 6.80
CA SER A 66 -16.54 -3.38 7.88
C SER A 66 -16.80 -2.40 9.01
N GLY A 67 -17.18 -1.17 8.64
CA GLY A 67 -17.39 -0.06 9.58
C GLY A 67 -16.55 -0.14 10.84
N GLY A 68 -15.28 -0.46 10.68
CA GLY A 68 -14.37 -0.60 11.80
C GLY A 68 -13.47 -1.80 11.63
N HIS A 69 -13.51 -2.71 12.59
CA HIS A 69 -12.74 -3.95 12.52
C HIS A 69 -12.99 -4.80 13.76
N MET A 70 -11.97 -5.52 14.17
CA MET A 70 -12.02 -6.32 15.39
C MET A 70 -11.21 -5.61 16.48
N GLY A 71 -10.37 -4.68 16.04
CA GLY A 71 -9.57 -3.90 16.94
C GLY A 71 -9.30 -2.51 16.40
N SER A 72 -9.94 -1.51 16.98
CA SER A 72 -9.79 -0.14 16.55
C SER A 72 -8.69 0.56 17.35
N GLY A 73 -7.55 0.78 16.70
CA GLY A 73 -6.41 1.41 17.37
C GLY A 73 -6.79 2.67 18.11
N GLY A 74 -6.70 2.60 19.43
CA GLY A 74 -7.10 3.71 20.26
C GLY A 74 -7.20 3.29 21.70
N ASP A 75 -8.32 3.60 22.35
CA ASP A 75 -8.53 3.18 23.73
C ASP A 75 -9.96 2.72 23.95
N VAL A 76 -10.18 1.42 23.84
CA VAL A 76 -11.47 0.82 24.10
C VAL A 76 -11.29 -0.39 25.02
N MET A 77 -11.76 -0.26 26.26
CA MET A 77 -11.58 -1.30 27.25
C MET A 77 -12.60 -2.41 27.05
N VAL A 78 -12.17 -3.48 26.39
CA VAL A 78 -13.01 -4.63 26.12
C VAL A 78 -12.30 -5.58 25.15
N VAL A 79 -12.28 -6.86 25.50
CA VAL A 79 -11.61 -7.86 24.68
C VAL A 79 -12.37 -8.05 23.37
N GLY A 80 -13.70 -8.06 23.48
CA GLY A 80 -14.54 -8.09 22.30
C GLY A 80 -14.76 -6.70 21.75
N GLU A 81 -13.67 -6.06 21.37
CA GLU A 81 -13.69 -4.70 20.87
C GLU A 81 -14.68 -4.55 19.72
N PRO A 82 -15.61 -3.60 19.83
CA PRO A 82 -16.65 -3.37 18.82
C PRO A 82 -16.07 -2.76 17.54
N THR A 83 -16.94 -2.33 16.65
CA THR A 83 -16.52 -1.76 15.39
C THR A 83 -16.51 -0.24 15.43
N LEU A 84 -15.63 0.31 16.27
CA LEU A 84 -15.50 1.75 16.41
C LEU A 84 -14.84 2.34 15.16
N MET A 85 -14.65 3.65 15.16
CA MET A 85 -13.98 4.32 14.05
C MET A 85 -12.49 3.98 14.06
N GLY A 86 -11.88 4.09 15.23
CA GLY A 86 -10.49 3.73 15.42
C GLY A 86 -9.57 4.32 14.36
N GLY A 87 -8.95 3.46 13.59
CA GLY A 87 -8.09 3.91 12.52
C GLY A 87 -6.99 2.92 12.22
N GLU A 88 -6.41 2.37 13.28
CA GLU A 88 -5.37 1.37 13.14
C GLU A 88 -5.96 -0.02 13.34
N PHE A 89 -6.18 -0.73 12.25
CA PHE A 89 -6.78 -2.05 12.31
C PHE A 89 -5.73 -3.12 12.03
N GLY A 90 -6.16 -4.24 11.46
CA GLY A 90 -5.25 -5.31 11.15
C GLY A 90 -5.69 -6.09 9.93
N ASP A 91 -5.18 -5.71 8.77
CA ASP A 91 -5.56 -6.34 7.51
C ASP A 91 -5.08 -7.79 7.45
N GLU A 92 -3.88 -7.98 6.88
CA GLU A 92 -3.27 -9.32 6.74
C GLU A 92 -4.04 -10.21 5.75
N ASP A 93 -5.23 -9.79 5.38
CA ASP A 93 -6.09 -10.57 4.50
C ASP A 93 -5.64 -10.46 3.05
N GLU A 94 -5.08 -9.31 2.70
CA GLU A 94 -4.63 -9.08 1.34
C GLU A 94 -3.22 -8.54 1.32
N ARG A 95 -2.54 -8.75 0.21
CA ARG A 95 -1.18 -8.28 0.02
C ARG A 95 -1.17 -6.76 -0.18
N LEU A 96 -0.32 -6.10 0.57
CA LEU A 96 -0.16 -4.66 0.43
C LEU A 96 1.10 -4.36 -0.35
N ILE A 97 1.43 -3.07 -0.47
CA ILE A 97 2.64 -2.67 -1.17
C ILE A 97 3.85 -2.86 -0.27
N THR A 98 4.91 -3.42 -0.85
CA THR A 98 6.11 -3.71 -0.10
C THR A 98 7.03 -2.50 0.00
N ARG A 99 7.23 -2.03 1.23
CA ARG A 99 8.20 -0.98 1.47
C ARG A 99 9.60 -1.60 1.43
N LEU A 100 10.23 -1.56 0.27
CA LEU A 100 11.51 -2.21 0.09
C LEU A 100 12.62 -1.36 0.68
N GLU A 101 13.81 -1.94 0.73
CA GLU A 101 14.92 -1.32 1.43
C GLU A 101 16.06 -0.96 0.50
N ASN A 102 16.45 0.32 0.53
CA ASN A 102 17.57 0.82 -0.27
C ASN A 102 18.89 0.42 0.40
N THR A 103 18.87 0.36 1.73
CA THR A 103 20.02 -0.14 2.47
C THR A 103 19.99 -1.66 2.55
N GLN A 104 18.93 -2.21 3.13
CA GLN A 104 18.81 -3.65 3.32
C GLN A 104 18.26 -4.33 2.08
N PHE A 105 18.80 -3.99 0.93
CA PHE A 105 18.45 -4.67 -0.32
C PHE A 105 19.28 -5.94 -0.43
N ASP A 106 20.55 -5.75 -0.69
CA ASP A 106 21.51 -6.84 -0.77
C ASP A 106 22.90 -6.30 -0.53
N ALA A 107 23.43 -5.62 -1.56
CA ALA A 107 24.71 -4.90 -1.46
C ALA A 107 25.81 -5.79 -0.90
N ALA A 108 26.15 -6.83 -1.65
CA ALA A 108 27.21 -7.74 -1.24
C ALA A 108 28.54 -7.34 -1.87
N ASN A 109 29.41 -8.32 -2.12
CA ASN A 109 30.72 -8.05 -2.71
C ASN A 109 30.89 -8.80 -4.02
N GLY A 110 29.86 -8.75 -4.86
CA GLY A 110 29.90 -9.42 -6.14
C GLY A 110 29.18 -8.64 -7.21
N ILE A 111 28.56 -9.35 -8.14
CA ILE A 111 27.79 -8.72 -9.20
C ILE A 111 26.30 -8.95 -8.98
N ASP A 112 25.93 -9.16 -7.72
CA ASP A 112 24.55 -9.42 -7.36
C ASP A 112 23.90 -8.17 -6.77
N ASP A 113 24.60 -7.06 -6.86
CA ASP A 113 24.08 -5.80 -6.37
C ASP A 113 23.22 -5.15 -7.45
N GLU A 114 21.92 -5.33 -7.34
CA GLU A 114 20.98 -4.84 -8.33
C GLU A 114 20.30 -3.58 -7.83
ZN ZN B . 6.83 7.96 -8.83
ZN ZN C . -5.64 5.78 3.11
#